data_8F0I
#
_entry.id   8F0I
#
_cell.length_a   54.725
_cell.length_b   152.530
_cell.length_c   240.786
_cell.angle_alpha   90.00
_cell.angle_beta   90.00
_cell.angle_gamma   90.00
#
_symmetry.space_group_name_H-M   'P 21 21 21'
#
loop_
_entity.id
_entity.type
_entity.pdbx_description
1 polymer 'Spike protein S1'
2 polymer 'COVA309-22 heavy chain'
3 polymer 'COVA309-22 light chain'
4 non-polymer 2-acetamido-2-deoxy-beta-D-glucopyranose
#
loop_
_entity_poly.entity_id
_entity_poly.type
_entity_poly.pdbx_seq_one_letter_code
_entity_poly.pdbx_strand_id
1 'polypeptide(L)'
;TNLCPFGEVFNATRFASVYAWNRKRISNCVADYSVLYNSASFSTFKCYGVSPTKLNDLCFTNVYADSFVIRGDEVRQIAP
GQTGKIADYNYKLPDDFTGCVIAWNSNNLDSKVGGNYNYLYRLFRKSNLKPFERDISTEIYQAGSTPCNGVEGFNCYFPL
QSYGFQPTNGVGYQPYRVVVLSFELLHAPATVCGPKKSGHHHHHH
;
A,B,G
2 'polypeptide(L)'
;EVQLVESGGGVVQPGRSLRLSCAASGFTFSSYGMHWVRQAPGKGLEWVAVIWYDGSNKHYADSVKGRFTISRDNSKNTLY
LQMNSLRAEDTAVYYCARDEGTMTTYFDYWGQGTLVTVSSASTKGPSVFPLAPSSKSTSGGTAALGCLVKDYFPEPVTVS
WNSGALTSGVHTFPAVLQSSGLYSLSSVVTVPSSSLGTQTYICNVNHKPSNTKVDKKVEPKSC
;
C,E,H
3 'polypeptide(L)'
;EIVLTQSPSSLSASVGDRVTITCRASQSISSYLNWYQQKPGKAPKLLIYDASSLQSGVPSRFSGSGSGTDFTLTISSLQP
EDFATYYCQQSYSTPPWTFGQGTKVEIKRTVAAPSVFIFPPSDEQLKSGTASVVCLLNNFYPREAKVQWKVDNALQSGNS
QESVTEQDSKDSTYSLSSTLTLSKADYEKHKVYACEVTHQGLSSPVTKSFNRGECS
;
D,F,I
#
loop_
_chem_comp.id
_chem_comp.type
_chem_comp.name
_chem_comp.formula
NAG D-saccharide, beta linking 2-acetamido-2-deoxy-beta-D-glucopyranose 'C8 H15 N O6'
#
# COMPACT_ATOMS: atom_id res chain seq x y z
N THR A 1 28.82 -18.14 -7.76
CA THR A 1 30.04 -18.36 -6.98
C THR A 1 31.12 -17.35 -7.38
N ASN A 2 31.98 -17.03 -6.41
CA ASN A 2 33.05 -16.04 -6.52
C ASN A 2 32.68 -14.84 -7.39
N LEU A 3 31.44 -14.35 -7.26
CA LEU A 3 31.05 -13.13 -7.94
C LEU A 3 31.49 -11.91 -7.15
N CYS A 4 31.86 -10.86 -7.87
CA CYS A 4 32.45 -9.69 -7.24
C CYS A 4 31.43 -8.98 -6.36
N PRO A 5 31.87 -8.40 -5.23
CA PRO A 5 30.92 -7.77 -4.30
C PRO A 5 30.34 -6.47 -4.84
N PHE A 6 29.68 -6.54 -5.99
CA PHE A 6 29.03 -5.36 -6.56
C PHE A 6 27.78 -4.98 -5.80
N GLY A 7 27.15 -5.94 -5.10
CA GLY A 7 25.92 -5.64 -4.39
C GLY A 7 26.15 -4.78 -3.15
N GLU A 8 27.25 -5.02 -2.44
CA GLU A 8 27.53 -4.30 -1.21
C GLU A 8 28.08 -2.89 -1.46
N VAL A 9 28.32 -2.51 -2.71
CA VAL A 9 28.77 -1.17 -3.04
C VAL A 9 27.61 -0.32 -3.56
N PHE A 10 26.82 -0.86 -4.48
CA PHE A 10 25.70 -0.12 -5.04
C PHE A 10 24.51 -0.09 -4.09
N ASN A 11 24.11 -1.26 -3.57
CA ASN A 11 22.97 -1.35 -2.67
C ASN A 11 23.34 -1.10 -1.22
N ALA A 12 24.56 -0.62 -0.95
CA ALA A 12 24.97 -0.27 0.40
C ALA A 12 23.96 0.66 1.06
N THR A 13 23.74 0.47 2.36
CA THR A 13 22.69 1.20 3.06
C THR A 13 22.97 2.70 3.09
N ARG A 14 24.19 3.09 3.46
CA ARG A 14 24.55 4.49 3.63
C ARG A 14 25.78 4.81 2.80
N PHE A 15 25.67 5.76 1.89
CA PHE A 15 26.78 6.19 1.05
C PHE A 15 27.64 7.21 1.78
N ALA A 16 28.81 7.47 1.21
CA ALA A 16 29.76 8.44 1.76
C ALA A 16 29.59 9.78 1.05
N SER A 17 30.06 10.84 1.71
CA SER A 17 30.01 12.17 1.13
C SER A 17 30.96 12.25 -0.07
N VAL A 18 30.68 13.20 -0.96
CA VAL A 18 31.48 13.31 -2.17
C VAL A 18 32.90 13.78 -1.84
N TYR A 19 33.05 14.61 -0.81
CA TYR A 19 34.39 15.04 -0.43
C TYR A 19 35.18 13.91 0.21
N ALA A 20 34.50 12.97 0.86
CA ALA A 20 35.16 11.80 1.41
C ALA A 20 34.66 10.54 0.70
N TRP A 21 34.81 10.50 -0.61
CA TRP A 21 34.29 9.38 -1.40
C TRP A 21 34.94 8.07 -0.98
N ASN A 22 34.16 7.00 -1.00
CA ASN A 22 34.59 5.71 -0.49
C ASN A 22 35.07 4.83 -1.64
N ARG A 23 36.31 4.33 -1.52
CA ARG A 23 36.89 3.47 -2.54
C ARG A 23 36.90 2.03 -2.06
N LYS A 24 36.27 1.15 -2.83
CA LYS A 24 36.27 -0.28 -2.57
C LYS A 24 36.98 -1.00 -3.71
N ARG A 25 37.96 -1.83 -3.38
CA ARG A 25 38.73 -2.54 -4.38
C ARG A 25 38.04 -3.85 -4.76
N ILE A 26 38.18 -4.22 -6.03
CA ILE A 26 37.60 -5.44 -6.57
C ILE A 26 38.71 -6.23 -7.26
N SER A 27 38.99 -7.42 -6.73
CA SER A 27 40.02 -8.31 -7.23
C SER A 27 39.68 -9.72 -6.78
N ASN A 28 40.17 -10.71 -7.54
CA ASN A 28 40.03 -12.13 -7.22
C ASN A 28 38.55 -12.53 -7.18
N CYS A 29 37.87 -12.27 -8.29
CA CYS A 29 36.47 -12.64 -8.48
C CYS A 29 36.14 -12.48 -9.95
N VAL A 30 34.93 -12.88 -10.32
CA VAL A 30 34.40 -12.69 -11.67
C VAL A 30 33.28 -11.66 -11.60
N ALA A 31 33.28 -10.75 -12.57
CA ALA A 31 32.37 -9.61 -12.56
C ALA A 31 31.26 -9.82 -13.59
N ASP A 32 30.04 -9.49 -13.18
CA ASP A 32 28.85 -9.62 -14.03
C ASP A 32 28.11 -8.28 -13.92
N TYR A 33 28.50 -7.33 -14.77
CA TYR A 33 27.90 -5.99 -14.74
C TYR A 33 26.45 -5.98 -15.24
N SER A 34 25.83 -7.10 -15.55
CA SER A 34 24.43 -7.12 -15.94
C SER A 34 23.47 -6.92 -14.77
N VAL A 35 24.00 -6.76 -13.56
CA VAL A 35 23.18 -6.53 -12.37
C VAL A 35 23.46 -5.13 -11.84
N LEU A 36 23.80 -4.21 -12.75
CA LEU A 36 24.17 -2.86 -12.34
C LEU A 36 23.16 -1.81 -12.79
N TYR A 37 23.23 -1.41 -14.06
CA TYR A 37 22.36 -0.37 -14.61
C TYR A 37 21.01 -0.99 -14.95
N ASN A 38 20.02 -0.79 -14.07
CA ASN A 38 18.66 -1.29 -14.32
C ASN A 38 17.82 -0.28 -15.11
N SER A 39 18.42 0.25 -16.18
CA SER A 39 17.78 1.24 -17.05
C SER A 39 17.12 2.36 -16.23
N ALA A 40 15.80 2.26 -16.04
CA ALA A 40 15.03 3.24 -15.28
C ALA A 40 15.13 4.63 -15.89
N SER A 41 14.64 5.64 -15.18
CA SER A 41 14.69 7.02 -15.64
C SER A 41 15.68 7.80 -14.80
N PHE A 42 16.22 8.88 -15.38
CA PHE A 42 17.15 9.79 -14.73
C PHE A 42 18.47 9.11 -14.35
N SER A 43 18.55 7.79 -14.54
CA SER A 43 19.79 7.07 -14.26
C SER A 43 20.74 7.21 -15.45
N THR A 44 21.98 7.59 -15.17
CA THR A 44 23.00 7.80 -16.19
C THR A 44 24.06 6.70 -16.10
N PHE A 45 24.51 6.24 -17.26
CA PHE A 45 25.53 5.20 -17.36
C PHE A 45 26.42 5.56 -18.54
N LYS A 46 27.59 6.14 -18.25
CA LYS A 46 28.49 6.60 -19.29
C LYS A 46 29.85 5.93 -19.11
N CYS A 47 30.29 5.20 -20.12
CA CYS A 47 31.58 4.52 -20.09
C CYS A 47 32.59 5.31 -20.93
N TYR A 48 33.68 5.72 -20.29
CA TYR A 48 34.72 6.52 -20.91
C TYR A 48 35.93 5.64 -21.13
N GLY A 49 36.23 5.33 -22.39
CA GLY A 49 37.38 4.51 -22.71
C GLY A 49 37.00 3.11 -23.13
N VAL A 50 36.51 2.31 -22.20
CA VAL A 50 36.07 0.95 -22.47
C VAL A 50 34.58 0.98 -22.77
N SER A 51 34.18 0.30 -23.84
CA SER A 51 32.78 0.27 -24.21
C SER A 51 31.99 -0.63 -23.28
N PRO A 52 30.72 -0.31 -23.01
CA PRO A 52 29.95 -1.15 -22.08
C PRO A 52 29.60 -2.50 -22.66
N THR A 53 29.32 -2.56 -23.96
CA THR A 53 28.83 -3.79 -24.59
C THR A 53 29.82 -4.94 -24.51
N LYS A 54 31.07 -4.69 -24.14
CA LYS A 54 32.08 -5.73 -24.00
C LYS A 54 32.55 -5.91 -22.57
N LEU A 55 31.98 -5.19 -21.61
CA LEU A 55 32.44 -5.28 -20.23
C LEU A 55 32.36 -6.71 -19.69
N ASN A 56 31.34 -7.47 -20.11
CA ASN A 56 31.19 -8.83 -19.63
C ASN A 56 32.15 -9.81 -20.29
N ASP A 57 32.91 -9.38 -21.29
CA ASP A 57 33.85 -10.26 -22.00
C ASP A 57 35.22 -9.62 -22.06
N LEU A 58 35.65 -9.08 -20.91
CA LEU A 58 36.97 -8.47 -20.79
C LEU A 58 37.58 -8.84 -19.45
N CYS A 59 38.90 -8.87 -19.41
CA CYS A 59 39.66 -9.22 -18.21
C CYS A 59 40.53 -8.02 -17.82
N PHE A 60 40.53 -7.69 -16.53
CA PHE A 60 41.29 -6.57 -16.01
C PHE A 60 42.11 -7.02 -14.81
N THR A 61 43.12 -6.23 -14.47
CA THR A 61 43.94 -6.55 -13.29
C THR A 61 43.23 -6.19 -12.00
N ASN A 62 42.66 -4.98 -11.92
CA ASN A 62 41.93 -4.54 -10.74
C ASN A 62 40.75 -3.70 -11.18
N VAL A 63 39.73 -3.61 -10.31
CA VAL A 63 38.58 -2.74 -10.56
C VAL A 63 38.31 -1.95 -9.28
N TYR A 64 38.65 -0.67 -9.28
CA TYR A 64 38.31 0.17 -8.14
C TYR A 64 36.92 0.77 -8.33
N ALA A 65 36.17 0.86 -7.24
CA ALA A 65 34.81 1.38 -7.27
C ALA A 65 34.71 2.50 -6.26
N ASP A 66 34.61 3.73 -6.74
CA ASP A 66 34.41 4.89 -5.88
C ASP A 66 32.92 5.14 -5.75
N SER A 67 32.51 5.58 -4.57
CA SER A 67 31.10 5.74 -4.25
C SER A 67 30.89 7.04 -3.49
N PHE A 68 29.88 7.81 -3.90
CA PHE A 68 29.54 9.05 -3.19
C PHE A 68 28.14 9.48 -3.57
N VAL A 69 27.73 10.63 -3.03
CA VAL A 69 26.40 11.19 -3.24
C VAL A 69 26.54 12.67 -3.57
N ILE A 70 25.88 13.11 -4.64
CA ILE A 70 25.87 14.51 -5.06
C ILE A 70 24.43 14.93 -5.35
N ARG A 71 24.27 15.95 -6.17
CA ARG A 71 22.95 16.40 -6.62
C ARG A 71 22.78 16.10 -8.10
N GLY A 72 21.61 16.46 -8.63
CA GLY A 72 21.28 16.09 -10.00
C GLY A 72 22.16 16.80 -11.03
N ASP A 73 22.25 18.13 -10.93
CA ASP A 73 22.99 18.89 -11.93
C ASP A 73 24.49 18.65 -11.87
N GLU A 74 25.01 18.22 -10.72
CA GLU A 74 26.44 17.95 -10.58
C GLU A 74 26.82 16.56 -11.04
N VAL A 75 25.88 15.80 -11.62
CA VAL A 75 26.20 14.47 -12.12
C VAL A 75 27.11 14.55 -13.33
N ARG A 76 26.90 15.55 -14.21
CA ARG A 76 27.70 15.68 -15.41
C ARG A 76 29.15 16.04 -15.11
N GLN A 77 29.43 16.64 -13.95
CA GLN A 77 30.81 16.97 -13.61
C GLN A 77 31.66 15.74 -13.34
N ILE A 78 31.04 14.62 -12.98
CA ILE A 78 31.76 13.36 -12.77
C ILE A 78 32.09 12.76 -14.13
N ALA A 79 33.09 13.33 -14.79
CA ALA A 79 33.50 12.91 -16.13
C ALA A 79 34.90 13.44 -16.38
N PRO A 80 35.70 12.77 -17.22
CA PRO A 80 37.07 13.24 -17.43
C PRO A 80 37.09 14.58 -18.15
N GLY A 81 37.86 15.53 -17.61
CA GLY A 81 38.09 16.81 -18.22
C GLY A 81 37.20 17.93 -17.72
N GLN A 82 36.00 17.60 -17.25
CA GLN A 82 35.06 18.63 -16.83
C GLN A 82 35.58 19.39 -15.61
N THR A 83 35.08 20.62 -15.46
CA THR A 83 35.45 21.48 -14.35
C THR A 83 34.20 21.94 -13.60
N GLY A 84 34.40 22.32 -12.35
CA GLY A 84 33.31 22.67 -11.47
C GLY A 84 33.71 22.45 -10.03
N LYS A 85 32.82 22.88 -9.13
CA LYS A 85 33.09 22.77 -7.69
C LYS A 85 33.44 21.33 -7.30
N ILE A 86 32.61 20.38 -7.72
CA ILE A 86 32.85 18.98 -7.38
C ILE A 86 34.09 18.46 -8.10
N ALA A 87 34.21 18.76 -9.40
CA ALA A 87 35.34 18.25 -10.17
C ALA A 87 36.66 18.89 -9.78
N ASP A 88 36.63 20.07 -9.15
CA ASP A 88 37.87 20.76 -8.78
C ASP A 88 38.27 20.55 -7.32
N TYR A 89 37.32 20.57 -6.38
CA TYR A 89 37.66 20.51 -4.95
C TYR A 89 37.13 19.27 -4.24
N ASN A 90 36.61 18.29 -4.97
CA ASN A 90 36.04 17.12 -4.31
C ASN A 90 36.52 15.81 -4.93
N TYR A 91 36.16 15.57 -6.19
CA TYR A 91 36.48 14.32 -6.87
C TYR A 91 36.88 14.62 -8.29
N LYS A 92 38.12 14.30 -8.65
CA LYS A 92 38.68 14.58 -9.96
C LYS A 92 39.00 13.28 -10.68
N LEU A 93 38.61 13.18 -11.95
CA LEU A 93 38.90 12.07 -12.84
C LEU A 93 40.01 12.42 -13.82
N PRO A 94 40.94 11.50 -14.07
CA PRO A 94 42.07 11.82 -14.96
C PRO A 94 41.63 11.93 -16.41
N ASP A 95 42.50 12.54 -17.21
CA ASP A 95 42.21 12.69 -18.64
C ASP A 95 42.34 11.37 -19.38
N ASP A 96 43.28 10.51 -18.97
CA ASP A 96 43.40 9.17 -19.51
C ASP A 96 42.49 8.17 -18.82
N PHE A 97 41.29 8.60 -18.41
CA PHE A 97 40.37 7.72 -17.71
C PHE A 97 39.93 6.57 -18.60
N THR A 98 39.88 5.37 -18.03
CA THR A 98 39.42 4.17 -18.74
C THR A 98 38.51 3.40 -17.77
N GLY A 99 37.24 3.79 -17.73
CA GLY A 99 36.28 3.16 -16.85
C GLY A 99 34.85 3.52 -17.19
N CYS A 100 33.98 3.55 -16.18
CA CYS A 100 32.57 3.90 -16.37
C CYS A 100 32.07 4.66 -15.16
N VAL A 101 30.94 5.34 -15.34
CA VAL A 101 30.29 6.13 -14.31
C VAL A 101 28.82 5.78 -14.31
N ILE A 102 28.29 5.39 -13.15
CA ILE A 102 26.88 5.08 -12.96
C ILE A 102 26.32 6.06 -11.94
N ALA A 103 25.11 6.54 -12.20
CA ALA A 103 24.46 7.46 -11.27
C ALA A 103 22.96 7.21 -11.31
N TRP A 104 22.33 7.30 -10.15
CA TRP A 104 20.88 7.13 -10.10
C TRP A 104 20.29 7.97 -9.00
N ASN A 105 19.06 8.44 -9.24
CA ASN A 105 18.35 9.27 -8.27
C ASN A 105 17.97 8.44 -7.05
N SER A 106 18.32 8.95 -5.87
CA SER A 106 18.00 8.29 -4.61
C SER A 106 17.25 9.25 -3.68
N ASN A 107 16.20 9.88 -4.22
CA ASN A 107 15.42 10.83 -3.42
C ASN A 107 14.67 10.13 -2.30
N ASN A 108 14.21 8.90 -2.52
CA ASN A 108 13.48 8.17 -1.49
C ASN A 108 14.37 7.64 -0.38
N LEU A 109 15.70 7.64 -0.57
CA LEU A 109 16.63 7.10 0.40
C LEU A 109 17.38 8.17 1.17
N ASP A 110 17.93 9.16 0.48
CA ASP A 110 18.78 10.17 1.09
C ASP A 110 18.04 11.47 1.38
N SER A 111 16.71 11.49 1.26
CA SER A 111 15.91 12.65 1.59
C SER A 111 14.88 12.29 2.65
N LYS A 112 14.58 13.24 3.52
CA LYS A 112 13.60 13.03 4.58
C LYS A 112 13.00 14.38 4.94
N VAL A 113 11.77 14.33 5.49
CA VAL A 113 11.08 15.56 5.87
C VAL A 113 11.90 16.31 6.89
N GLY A 114 12.04 17.61 6.69
CA GLY A 114 12.95 18.42 7.47
C GLY A 114 14.34 18.53 6.90
N GLY A 115 14.76 17.56 6.09
CA GLY A 115 16.05 17.65 5.42
C GLY A 115 17.10 16.70 5.95
N ASN A 116 17.76 15.98 5.05
CA ASN A 116 18.91 15.15 5.38
C ASN A 116 20.17 15.96 5.06
N TYR A 117 20.87 16.41 6.09
CA TYR A 117 22.04 17.26 5.94
C TYR A 117 23.33 16.53 6.29
N ASN A 118 23.32 15.20 6.27
CA ASN A 118 24.50 14.42 6.60
C ASN A 118 25.52 14.36 5.46
N TYR A 119 25.12 14.74 4.25
CA TYR A 119 26.04 14.72 3.11
C TYR A 119 26.67 16.10 2.94
N LEU A 120 27.99 16.12 2.85
CA LEU A 120 28.75 17.37 2.76
C LEU A 120 29.52 17.41 1.44
N TYR A 121 29.98 18.61 1.10
CA TYR A 121 30.84 18.80 -0.07
C TYR A 121 31.77 19.98 0.19
N ARG A 122 33.00 19.87 -0.33
CA ARG A 122 33.98 20.92 -0.19
C ARG A 122 33.68 22.06 -1.16
N LEU A 123 33.69 23.28 -0.65
CA LEU A 123 33.38 24.45 -1.45
C LEU A 123 34.62 25.23 -1.88
N PHE A 124 35.60 25.39 -0.99
CA PHE A 124 36.80 26.16 -1.28
C PHE A 124 38.04 25.28 -1.11
N ARG A 125 39.09 25.63 -1.86
CA ARG A 125 40.40 25.01 -1.71
C ARG A 125 41.45 25.93 -2.33
N LYS A 126 42.67 25.83 -1.81
CA LYS A 126 43.77 26.64 -2.32
C LYS A 126 44.11 26.31 -3.76
N SER A 127 43.89 25.06 -4.18
CA SER A 127 44.22 24.63 -5.52
C SER A 127 43.27 23.50 -5.91
N ASN A 128 43.23 23.21 -7.21
CA ASN A 128 42.40 22.14 -7.71
C ASN A 128 42.97 20.78 -7.30
N LEU A 129 42.08 19.82 -7.10
CA LEU A 129 42.49 18.47 -6.72
C LEU A 129 43.00 17.73 -7.95
N LYS A 130 44.14 17.05 -7.78
CA LYS A 130 44.66 16.18 -8.82
C LYS A 130 43.78 14.94 -8.95
N PRO A 131 43.87 14.23 -10.08
CA PRO A 131 43.03 13.05 -10.28
C PRO A 131 43.16 12.04 -9.15
N PHE A 132 42.00 11.60 -8.63
CA PHE A 132 41.92 10.58 -7.58
C PHE A 132 42.56 11.05 -6.27
N GLU A 133 42.45 12.35 -5.98
CA GLU A 133 42.95 12.90 -4.73
C GLU A 133 41.81 13.07 -3.75
N ARG A 134 42.05 12.69 -2.49
CA ARG A 134 41.05 12.77 -1.43
C ARG A 134 41.54 13.72 -0.36
N ASP A 135 40.75 14.77 -0.09
CA ASP A 135 41.08 15.78 0.90
C ASP A 135 40.00 15.77 1.97
N ILE A 136 40.37 15.41 3.19
CA ILE A 136 39.45 15.38 4.33
C ILE A 136 39.85 16.40 5.38
N SER A 137 40.61 17.42 5.00
CA SER A 137 41.07 18.44 5.93
C SER A 137 39.94 19.42 6.24
N THR A 138 39.73 19.68 7.52
CA THR A 138 38.72 20.62 7.99
C THR A 138 39.34 21.94 8.42
N GLU A 139 40.34 22.41 7.68
CA GLU A 139 41.02 23.65 8.01
C GLU A 139 40.29 24.83 7.39
N ILE A 140 40.25 25.94 8.13
CA ILE A 140 39.50 27.11 7.68
C ILE A 140 40.16 27.70 6.44
N TYR A 141 39.36 27.86 5.37
CA TYR A 141 39.86 28.48 4.15
C TYR A 141 40.11 29.97 4.37
N GLN A 142 41.25 30.45 3.88
CA GLN A 142 41.69 31.83 4.06
C GLN A 142 41.63 32.54 2.71
N ALA A 143 40.59 33.34 2.52
CA ALA A 143 40.44 34.12 1.30
C ALA A 143 41.01 35.53 1.41
N GLY A 144 41.49 35.93 2.58
CA GLY A 144 42.04 37.26 2.78
C GLY A 144 43.47 37.26 3.27
N SER A 145 43.97 38.43 3.65
CA SER A 145 45.35 38.55 4.09
C SER A 145 45.54 38.14 5.55
N THR A 146 44.50 38.19 6.37
CA THR A 146 44.72 37.87 7.77
C THR A 146 44.63 36.36 8.00
N PRO A 147 45.53 35.80 8.81
CA PRO A 147 45.42 34.39 9.17
C PRO A 147 44.13 34.13 9.94
N CYS A 148 43.38 33.11 9.51
CA CYS A 148 42.09 32.84 10.11
C CYS A 148 42.21 32.38 11.56
N ASN A 149 43.31 31.72 11.91
CA ASN A 149 43.58 31.31 13.29
C ASN A 149 42.50 30.37 13.82
N GLY A 150 42.28 29.28 13.09
CA GLY A 150 41.33 28.25 13.47
C GLY A 150 39.87 28.69 13.51
N VAL A 151 39.59 29.99 13.43
CA VAL A 151 38.24 30.50 13.41
C VAL A 151 38.02 31.20 12.08
N GLU A 152 36.75 31.40 11.73
CA GLU A 152 36.40 32.07 10.49
C GLU A 152 35.68 33.37 10.79
N GLY A 153 35.61 34.22 9.78
CA GLY A 153 34.98 35.52 9.89
C GLY A 153 35.12 36.36 8.64
N PHE A 154 35.91 37.43 8.72
CA PHE A 154 36.14 38.30 7.57
C PHE A 154 37.12 37.62 6.63
N ASN A 155 36.67 37.34 5.41
CA ASN A 155 37.47 36.64 4.39
C ASN A 155 37.97 35.29 4.86
N CYS A 156 37.28 34.68 5.84
CA CYS A 156 37.59 33.35 6.33
C CYS A 156 36.29 32.55 6.38
N TYR A 157 36.29 31.38 5.73
CA TYR A 157 35.10 30.55 5.62
C TYR A 157 35.45 29.10 5.92
N PHE A 158 34.41 28.31 6.17
CA PHE A 158 34.57 26.87 6.35
C PHE A 158 34.59 26.17 5.00
N PRO A 159 35.50 25.20 4.81
CA PRO A 159 35.60 24.56 3.49
C PRO A 159 34.49 23.58 3.17
N LEU A 160 33.74 23.10 4.17
CA LEU A 160 32.69 22.12 3.97
C LEU A 160 31.32 22.78 4.02
N GLN A 161 30.39 22.25 3.24
CA GLN A 161 29.04 22.79 3.15
C GLN A 161 28.05 21.64 3.05
N SER A 162 26.90 21.79 3.70
CA SER A 162 25.87 20.77 3.67
C SER A 162 25.01 20.91 2.42
N TYR A 163 24.57 19.77 1.89
CA TYR A 163 23.75 19.79 0.68
C TYR A 163 22.33 20.24 0.96
N GLY A 164 21.63 19.55 1.86
CA GLY A 164 20.23 19.86 2.11
C GLY A 164 19.31 19.10 1.18
N PHE A 165 19.13 17.81 1.45
CA PHE A 165 18.34 16.93 0.60
C PHE A 165 16.96 16.77 1.23
N GLN A 166 15.97 17.41 0.63
CA GLN A 166 14.57 17.36 0.97
C GLN A 166 13.80 16.59 -0.09
N PRO A 167 12.82 15.77 0.29
CA PRO A 167 12.03 15.04 -0.72
C PRO A 167 11.27 15.95 -1.66
N THR A 168 11.02 17.19 -1.27
CA THR A 168 10.32 18.16 -2.10
C THR A 168 11.24 18.99 -2.98
N ASN A 169 12.51 18.60 -3.10
CA ASN A 169 13.44 19.36 -3.92
C ASN A 169 13.17 19.13 -5.41
N GLY A 170 13.87 19.90 -6.23
CA GLY A 170 13.83 19.68 -7.66
C GLY A 170 14.77 18.57 -8.10
N VAL A 171 14.52 18.05 -9.31
CA VAL A 171 15.33 16.96 -9.82
C VAL A 171 16.80 17.35 -9.86
N GLY A 172 17.08 18.62 -10.17
CA GLY A 172 18.45 19.09 -10.19
C GLY A 172 19.13 19.09 -8.84
N TYR A 173 18.37 19.16 -7.76
CA TYR A 173 18.94 19.20 -6.41
C TYR A 173 18.61 17.97 -5.59
N GLN A 174 17.89 17.01 -6.13
CA GLN A 174 17.65 15.77 -5.41
C GLN A 174 18.95 14.97 -5.29
N PRO A 175 19.10 14.19 -4.23
CA PRO A 175 20.36 13.44 -4.04
C PRO A 175 20.49 12.33 -5.07
N TYR A 176 21.68 12.25 -5.69
CA TYR A 176 22.00 11.22 -6.64
C TYR A 176 23.17 10.40 -6.11
N ARG A 177 23.03 9.07 -6.16
CA ARG A 177 24.11 8.18 -5.76
C ARG A 177 24.94 7.82 -6.99
N VAL A 178 26.26 7.99 -6.87
CA VAL A 178 27.18 7.83 -7.98
C VAL A 178 28.24 6.81 -7.62
N VAL A 179 28.50 5.87 -8.53
CA VAL A 179 29.55 4.88 -8.41
C VAL A 179 30.39 4.92 -9.68
N VAL A 180 31.69 5.13 -9.50
CA VAL A 180 32.66 5.24 -10.61
C VAL A 180 33.52 3.98 -10.59
N LEU A 181 33.47 3.23 -11.68
CA LEU A 181 34.31 2.04 -11.86
C LEU A 181 35.53 2.44 -12.66
N SER A 182 36.71 2.22 -12.09
CA SER A 182 37.97 2.46 -12.77
C SER A 182 38.65 1.12 -12.99
N PHE A 183 38.95 0.81 -14.25
CA PHE A 183 39.52 -0.48 -14.64
C PHE A 183 41.03 -0.32 -14.83
N GLU A 184 41.79 -1.14 -14.13
CA GLU A 184 43.25 -1.08 -14.16
C GLU A 184 43.78 -2.38 -14.76
N LEU A 185 44.63 -2.25 -15.79
CA LEU A 185 45.20 -3.39 -16.51
C LEU A 185 46.72 -3.34 -16.34
N LEU A 186 47.20 -3.82 -15.20
CA LEU A 186 48.63 -3.82 -14.92
C LEU A 186 49.33 -4.98 -15.61
N HIS A 187 50.27 -5.64 -14.91
CA HIS A 187 51.11 -6.68 -15.48
C HIS A 187 51.22 -7.83 -14.49
N ALA A 188 50.11 -8.56 -14.37
CA ALA A 188 49.97 -9.65 -13.43
C ALA A 188 48.83 -10.53 -13.92
N PRO A 189 48.67 -11.73 -13.37
CA PRO A 189 47.50 -12.54 -13.73
C PRO A 189 46.20 -11.78 -13.48
N ALA A 190 45.48 -11.47 -14.56
CA ALA A 190 44.27 -10.68 -14.44
C ALA A 190 43.22 -11.45 -13.66
N THR A 191 42.81 -10.91 -12.52
CA THR A 191 41.90 -11.61 -11.62
C THR A 191 40.44 -11.39 -11.98
N VAL A 192 40.02 -10.14 -12.09
CA VAL A 192 38.62 -9.83 -12.38
C VAL A 192 38.36 -10.02 -13.87
N CYS A 193 37.37 -10.87 -14.18
CA CYS A 193 37.00 -11.15 -15.57
C CYS A 193 35.48 -11.23 -15.64
N GLY A 194 34.97 -11.59 -16.81
CA GLY A 194 33.56 -11.78 -17.00
C GLY A 194 33.26 -13.03 -17.80
N PRO A 195 31.97 -13.42 -17.87
CA PRO A 195 31.51 -14.57 -18.64
C PRO A 195 31.88 -14.46 -20.13
N GLU B 1 28.46 -13.08 -47.05
CA GLU B 1 28.46 -13.86 -45.82
C GLU B 1 27.57 -13.21 -44.77
N VAL B 2 28.09 -12.16 -44.12
CA VAL B 2 27.34 -11.45 -43.11
C VAL B 2 26.20 -10.67 -43.78
N GLN B 3 24.98 -10.95 -43.34
CA GLN B 3 23.79 -10.32 -43.92
C GLN B 3 22.85 -9.89 -42.80
N LEU B 4 22.34 -8.67 -42.91
CA LEU B 4 21.35 -8.13 -41.99
C LEU B 4 20.18 -7.61 -42.82
N VAL B 5 18.99 -8.16 -42.60
CA VAL B 5 17.80 -7.81 -43.36
C VAL B 5 16.78 -7.21 -42.41
N GLU B 6 16.43 -5.94 -42.64
CA GLU B 6 15.45 -5.27 -41.81
C GLU B 6 14.04 -5.49 -42.35
N SER B 7 13.06 -5.27 -41.47
CA SER B 7 11.66 -5.41 -41.85
C SER B 7 10.79 -4.71 -40.81
N GLY B 8 9.63 -4.24 -41.26
CA GLY B 8 8.65 -3.64 -40.37
C GLY B 8 8.32 -2.19 -40.65
N GLY B 9 9.07 -1.49 -41.50
CA GLY B 9 8.81 -0.09 -41.75
C GLY B 9 7.49 0.15 -42.44
N GLY B 10 7.01 1.38 -42.34
CA GLY B 10 5.75 1.74 -42.96
C GLY B 10 5.19 3.04 -42.39
N VAL B 11 3.87 3.14 -42.46
CA VAL B 11 3.15 4.35 -42.07
C VAL B 11 2.70 4.22 -40.63
N VAL B 12 2.96 5.25 -39.83
CA VAL B 12 2.46 5.31 -38.46
C VAL B 12 1.87 6.68 -38.20
N GLN B 13 0.74 6.70 -37.55
CA GLN B 13 0.25 8.02 -37.15
C GLN B 13 0.78 8.36 -35.76
N PRO B 14 0.89 9.65 -35.44
CA PRO B 14 1.49 10.05 -34.16
C PRO B 14 0.75 9.45 -32.98
N GLY B 15 1.53 9.02 -31.98
CA GLY B 15 1.01 8.45 -30.76
C GLY B 15 0.98 6.93 -30.75
N ARG B 16 0.85 6.31 -31.92
CA ARG B 16 0.74 4.86 -32.00
C ARG B 16 2.10 4.19 -31.81
N SER B 17 2.20 2.92 -32.19
CA SER B 17 3.41 2.14 -31.97
C SER B 17 3.71 1.32 -33.21
N LEU B 18 4.94 0.84 -33.30
CA LEU B 18 5.36 0.01 -34.42
C LEU B 18 6.59 -0.80 -34.03
N ARG B 19 6.62 -2.05 -34.46
CA ARG B 19 7.72 -2.96 -34.17
C ARG B 19 8.54 -3.22 -35.42
N LEU B 20 9.86 -3.15 -35.29
CA LEU B 20 10.80 -3.43 -36.37
C LEU B 20 11.64 -4.64 -35.99
N SER B 21 11.99 -5.44 -37.00
CA SER B 21 12.80 -6.62 -36.81
C SER B 21 14.00 -6.58 -37.75
N CYS B 22 15.06 -7.27 -37.35
CA CYS B 22 16.30 -7.36 -38.11
C CYS B 22 16.81 -8.79 -38.03
N ALA B 23 16.76 -9.51 -39.15
CA ALA B 23 17.22 -10.89 -39.22
C ALA B 23 18.67 -10.94 -39.65
N ALA B 24 19.50 -11.61 -38.85
CA ALA B 24 20.93 -11.73 -39.12
C ALA B 24 21.25 -13.12 -39.67
N SER B 25 22.35 -13.19 -40.42
CA SER B 25 22.80 -14.45 -40.98
C SER B 25 24.29 -14.36 -41.26
N GLY B 26 25.02 -15.40 -40.90
CA GLY B 26 26.42 -15.50 -41.22
C GLY B 26 27.41 -15.30 -40.07
N PHE B 27 26.96 -15.34 -38.81
CA PHE B 27 27.84 -15.19 -37.66
C PHE B 27 27.12 -15.68 -36.42
N THR B 28 27.88 -15.87 -35.34
CA THR B 28 27.32 -16.28 -34.06
C THR B 28 26.62 -15.10 -33.42
N PHE B 29 25.28 -15.10 -33.44
CA PHE B 29 24.52 -13.95 -32.97
C PHE B 29 24.70 -13.72 -31.47
N SER B 30 24.85 -14.79 -30.69
CA SER B 30 24.90 -14.69 -29.24
C SER B 30 26.21 -14.11 -28.72
N SER B 31 27.16 -13.75 -29.59
CA SER B 31 28.45 -13.26 -29.16
C SER B 31 28.69 -11.79 -29.50
N TYR B 32 27.73 -11.13 -30.13
CA TYR B 32 27.90 -9.74 -30.54
C TYR B 32 26.75 -8.88 -30.00
N GLY B 33 27.07 -7.68 -29.55
CA GLY B 33 26.04 -6.71 -29.25
C GLY B 33 25.50 -6.08 -30.52
N MET B 34 24.26 -5.60 -30.44
CA MET B 34 23.57 -5.06 -31.60
C MET B 34 23.18 -3.61 -31.37
N HIS B 35 23.06 -2.86 -32.48
CA HIS B 35 22.75 -1.44 -32.45
C HIS B 35 21.60 -1.14 -33.40
N TRP B 36 20.78 -0.17 -33.02
CA TRP B 36 19.78 0.43 -33.89
C TRP B 36 20.16 1.88 -34.12
N VAL B 37 20.29 2.28 -35.38
CA VAL B 37 20.74 3.62 -35.76
C VAL B 37 19.83 4.14 -36.87
N ARG B 38 19.31 5.35 -36.70
CA ARG B 38 18.38 5.91 -37.67
C ARG B 38 19.03 7.06 -38.43
N GLN B 39 18.48 7.34 -39.61
CA GLN B 39 18.93 8.42 -40.48
C GLN B 39 17.70 9.12 -41.03
N ALA B 40 17.50 10.38 -40.63
CA ALA B 40 16.38 11.14 -41.16
C ALA B 40 16.75 11.73 -42.52
N PRO B 41 15.90 11.58 -43.54
CA PRO B 41 16.23 12.12 -44.86
C PRO B 41 16.43 13.62 -44.80
N GLY B 42 17.63 14.06 -45.16
CA GLY B 42 18.00 15.46 -45.02
C GLY B 42 19.05 15.66 -43.94
N LYS B 43 18.94 14.90 -42.86
CA LYS B 43 19.90 14.95 -41.78
C LYS B 43 20.98 13.90 -42.01
N GLY B 44 21.86 13.72 -41.03
CA GLY B 44 22.92 12.74 -41.07
C GLY B 44 22.56 11.47 -40.33
N LEU B 45 23.57 10.86 -39.71
CA LEU B 45 23.40 9.61 -38.99
C LEU B 45 23.18 9.88 -37.50
N GLU B 46 22.25 9.14 -36.90
CA GLU B 46 21.91 9.30 -35.48
C GLU B 46 21.79 7.93 -34.85
N TRP B 47 22.56 7.70 -33.78
CA TRP B 47 22.45 6.46 -33.03
C TRP B 47 21.21 6.48 -32.15
N VAL B 48 20.55 5.33 -32.05
CA VAL B 48 19.30 5.20 -31.28
C VAL B 48 19.51 4.35 -30.05
N ALA B 49 19.86 3.07 -30.23
CA ALA B 49 19.91 2.16 -29.09
C ALA B 49 20.93 1.07 -29.32
N VAL B 50 21.21 0.33 -28.24
CA VAL B 50 22.15 -0.80 -28.28
C VAL B 50 21.69 -1.83 -27.26
N ILE B 51 21.87 -3.11 -27.59
CA ILE B 51 21.64 -4.22 -26.68
C ILE B 51 22.92 -5.05 -26.59
N TRP B 52 23.24 -5.50 -25.38
CA TRP B 52 24.41 -6.33 -25.17
C TRP B 52 24.24 -7.69 -25.85
N TYR B 53 25.25 -8.53 -25.71
CA TYR B 53 25.08 -9.93 -26.06
C TYR B 53 24.00 -10.54 -25.16
N ASP B 54 23.32 -11.55 -25.69
CA ASP B 54 22.24 -12.30 -25.03
C ASP B 54 21.06 -11.43 -24.60
N GLY B 55 21.31 -10.14 -24.34
CA GLY B 55 20.28 -9.26 -23.83
C GLY B 55 20.51 -8.95 -22.37
N SER B 56 20.93 -7.72 -22.09
CA SER B 56 21.23 -7.27 -20.75
C SER B 56 21.38 -5.76 -20.79
N ASN B 57 21.25 -5.14 -19.61
CA ASN B 57 21.23 -3.69 -19.39
C ASN B 57 21.34 -2.88 -20.68
N LYS B 58 20.26 -2.92 -21.47
CA LYS B 58 20.22 -2.22 -22.75
C LYS B 58 20.38 -0.72 -22.55
N HIS B 59 21.18 -0.09 -23.41
CA HIS B 59 21.48 1.33 -23.33
C HIS B 59 20.73 2.07 -24.44
N TYR B 60 19.97 3.09 -24.05
CA TYR B 60 19.16 3.85 -24.99
C TYR B 60 19.80 5.21 -25.21
N ALA B 61 19.06 6.10 -25.86
CA ALA B 61 19.48 7.48 -26.05
C ALA B 61 18.37 8.39 -25.54
N ASP B 62 18.75 9.63 -25.26
CA ASP B 62 17.76 10.61 -24.83
C ASP B 62 16.77 10.90 -25.95
N SER B 63 15.60 11.43 -25.57
CA SER B 63 14.45 11.60 -26.46
C SER B 63 13.92 10.27 -26.98
N VAL B 64 14.32 9.17 -26.34
CA VAL B 64 13.97 7.82 -26.76
C VAL B 64 13.85 6.93 -25.54
N LYS B 65 14.62 7.25 -24.49
CA LYS B 65 14.78 6.39 -23.32
C LYS B 65 13.48 5.77 -22.82
N GLY B 66 12.45 6.58 -22.62
CA GLY B 66 11.19 6.07 -22.14
C GLY B 66 10.19 5.67 -23.20
N ARG B 67 10.51 5.88 -24.47
CA ARG B 67 9.57 5.66 -25.57
C ARG B 67 9.82 4.34 -26.30
N PHE B 68 11.04 4.10 -26.74
CA PHE B 68 11.36 2.90 -27.50
C PHE B 68 11.75 1.77 -26.56
N THR B 69 11.92 0.57 -27.12
CA THR B 69 12.32 -0.60 -26.34
C THR B 69 13.02 -1.57 -27.26
N ILE B 70 14.30 -1.85 -27.00
CA ILE B 70 15.10 -2.76 -27.83
C ILE B 70 15.18 -4.11 -27.14
N SER B 71 15.04 -5.18 -27.93
CA SER B 71 15.15 -6.55 -27.43
C SER B 71 15.79 -7.41 -28.51
N ARG B 72 16.02 -8.68 -28.20
CA ARG B 72 16.63 -9.58 -29.17
C ARG B 72 16.17 -11.01 -28.92
N ASP B 73 16.61 -11.90 -29.81
CA ASP B 73 16.27 -13.31 -29.74
C ASP B 73 17.39 -14.09 -30.43
N ASN B 74 18.23 -14.76 -29.63
CA ASN B 74 19.36 -15.51 -30.19
C ASN B 74 18.88 -16.73 -30.96
N SER B 75 17.72 -17.29 -30.61
CA SER B 75 17.21 -18.45 -31.31
C SER B 75 16.92 -18.12 -32.77
N LYS B 76 16.07 -17.12 -32.99
CA LYS B 76 15.72 -16.70 -34.35
C LYS B 76 16.78 -15.80 -34.98
N ASN B 77 17.86 -15.50 -34.25
CA ASN B 77 18.92 -14.62 -34.75
C ASN B 77 18.36 -13.24 -35.12
N THR B 78 17.43 -12.74 -34.30
CA THR B 78 16.66 -11.57 -34.67
C THR B 78 16.81 -10.48 -33.61
N LEU B 79 16.79 -9.22 -34.06
CA LEU B 79 16.85 -8.06 -33.19
C LEU B 79 15.57 -7.24 -33.38
N TYR B 80 14.93 -6.86 -32.28
CA TYR B 80 13.64 -6.19 -32.31
C TYR B 80 13.75 -4.80 -31.70
N LEU B 81 13.00 -3.86 -32.27
CA LEU B 81 12.90 -2.49 -31.75
C LEU B 81 11.42 -2.10 -31.76
N GLN B 82 10.86 -1.90 -30.57
CA GLN B 82 9.45 -1.56 -30.40
C GLN B 82 9.35 -0.07 -30.09
N MET B 83 8.91 0.72 -31.06
CA MET B 83 8.74 2.15 -30.87
C MET B 83 7.33 2.43 -30.39
N ASN B 84 7.22 3.22 -29.33
CA ASN B 84 5.93 3.59 -28.74
C ASN B 84 5.78 5.10 -28.72
N SER B 85 4.56 5.58 -28.96
CA SER B 85 4.23 7.00 -28.99
C SER B 85 5.17 7.73 -29.96
N LEU B 86 5.15 7.28 -31.20
CA LEU B 86 6.03 7.83 -32.22
C LEU B 86 5.65 9.27 -32.55
N ARG B 87 6.65 10.13 -32.61
CA ARG B 87 6.47 11.54 -32.95
C ARG B 87 6.88 11.78 -34.39
N ALA B 88 6.62 13.00 -34.87
CA ALA B 88 6.89 13.32 -36.27
C ALA B 88 8.38 13.24 -36.57
N GLU B 89 9.22 13.65 -35.63
CA GLU B 89 10.66 13.71 -35.87
C GLU B 89 11.33 12.34 -35.82
N ASP B 90 10.58 11.27 -35.60
CA ASP B 90 11.13 9.93 -35.65
C ASP B 90 11.08 9.32 -37.05
N THR B 91 10.52 10.04 -38.02
CA THR B 91 10.48 9.57 -39.39
C THR B 91 11.89 9.45 -39.96
N ALA B 92 12.29 8.22 -40.32
CA ALA B 92 13.67 8.02 -40.75
C ALA B 92 13.81 6.63 -41.37
N VAL B 93 14.96 6.41 -41.98
CA VAL B 93 15.37 5.08 -42.42
C VAL B 93 16.21 4.47 -41.30
N TYR B 94 15.81 3.30 -40.83
CA TYR B 94 16.44 2.65 -39.69
C TYR B 94 17.35 1.51 -40.16
N TYR B 95 18.51 1.40 -39.53
CA TYR B 95 19.51 0.37 -39.81
C TYR B 95 19.84 -0.36 -38.52
N CYS B 96 20.13 -1.65 -38.64
CA CYS B 96 20.68 -2.44 -37.55
C CYS B 96 22.15 -2.73 -37.83
N ALA B 97 22.96 -2.64 -36.79
CA ALA B 97 24.41 -2.76 -36.92
C ALA B 97 24.96 -3.70 -35.86
N ARG B 98 26.16 -4.21 -36.11
CA ARG B 98 26.85 -5.14 -35.23
C ARG B 98 27.89 -4.40 -34.39
N ASP B 99 28.32 -5.04 -33.30
CA ASP B 99 29.41 -4.55 -32.48
C ASP B 99 30.68 -5.35 -32.75
N GLU B 100 31.82 -4.75 -32.44
CA GLU B 100 33.10 -5.43 -32.60
C GLU B 100 34.16 -4.63 -31.85
N GLY B 101 35.22 -5.33 -31.45
CA GLY B 101 36.35 -4.71 -30.79
C GLY B 101 36.74 -5.41 -29.50
N THR B 102 38.03 -5.37 -29.18
CA THR B 102 38.51 -5.79 -27.87
C THR B 102 37.80 -4.97 -26.81
N MET B 103 38.22 -3.71 -26.66
CA MET B 103 37.38 -2.69 -26.06
C MET B 103 36.65 -1.98 -27.20
N THR B 104 36.07 -0.80 -26.93
CA THR B 104 35.52 0.05 -27.98
C THR B 104 34.36 -0.65 -28.71
N THR B 105 33.67 0.08 -29.57
CA THR B 105 32.57 -0.47 -30.37
C THR B 105 32.49 0.28 -31.69
N TYR B 106 32.63 -0.43 -32.80
CA TYR B 106 32.38 0.13 -34.12
C TYR B 106 31.42 -0.76 -34.87
N PHE B 107 30.69 -0.17 -35.81
CA PHE B 107 29.68 -0.87 -36.59
C PHE B 107 30.33 -1.40 -37.86
N ASP B 108 30.71 -2.68 -37.85
CA ASP B 108 31.44 -3.23 -38.98
C ASP B 108 30.53 -3.67 -40.12
N TYR B 109 29.29 -4.07 -39.81
CA TYR B 109 28.36 -4.54 -40.83
C TYR B 109 27.00 -3.92 -40.57
N TRP B 110 26.38 -3.44 -41.64
CA TRP B 110 25.09 -2.78 -41.59
C TRP B 110 24.06 -3.55 -42.41
N GLY B 111 22.79 -3.16 -42.26
CA GLY B 111 21.72 -3.65 -43.08
C GLY B 111 21.27 -2.59 -44.07
N GLN B 112 20.44 -3.02 -45.02
CA GLN B 112 19.98 -2.11 -46.06
C GLN B 112 19.08 -1.02 -45.50
N GLY B 113 18.39 -1.28 -44.40
CA GLY B 113 17.53 -0.31 -43.75
C GLY B 113 16.06 -0.52 -44.06
N THR B 114 15.23 0.27 -43.38
CA THR B 114 13.79 0.22 -43.58
C THR B 114 13.18 1.57 -43.22
N LEU B 115 12.24 2.02 -44.03
CA LEU B 115 11.69 3.38 -43.90
C LEU B 115 10.48 3.39 -42.96
N VAL B 116 10.47 4.36 -42.04
CA VAL B 116 9.36 4.57 -41.12
C VAL B 116 8.93 6.03 -41.24
N THR B 117 7.71 6.23 -41.72
CA THR B 117 7.13 7.57 -41.88
C THR B 117 6.03 7.75 -40.85
N VAL B 118 6.20 8.75 -39.97
CA VAL B 118 5.26 9.05 -38.91
C VAL B 118 4.63 10.41 -39.21
N SER B 119 3.34 10.41 -39.55
CA SER B 119 2.62 11.65 -39.82
C SER B 119 1.14 11.41 -39.67
N SER B 120 0.42 12.47 -39.31
CA SER B 120 -1.03 12.39 -39.17
C SER B 120 -1.76 12.37 -40.50
N ALA B 121 -1.04 12.51 -41.62
CA ALA B 121 -1.68 12.51 -42.93
C ALA B 121 -2.27 11.13 -43.22
N SER B 122 -3.02 11.06 -44.32
CA SER B 122 -3.70 9.85 -44.73
C SER B 122 -3.04 9.27 -45.97
N THR B 123 -2.89 7.95 -45.97
CA THR B 123 -2.34 7.27 -47.14
C THR B 123 -3.20 7.57 -48.37
N LYS B 124 -2.57 8.14 -49.40
CA LYS B 124 -3.29 8.60 -50.57
C LYS B 124 -2.49 8.29 -51.82
N GLY B 125 -3.18 7.83 -52.86
CA GLY B 125 -2.57 7.59 -54.14
C GLY B 125 -2.29 8.90 -54.85
N PRO B 126 -1.33 8.89 -55.78
CA PRO B 126 -0.94 10.13 -56.44
C PRO B 126 -1.74 10.42 -57.70
N SER B 127 -1.80 11.70 -58.03
CA SER B 127 -2.36 12.16 -59.30
C SER B 127 -1.22 12.35 -60.28
N VAL B 128 -1.33 11.71 -61.45
CA VAL B 128 -0.28 11.74 -62.47
C VAL B 128 -0.76 12.64 -63.60
N PHE B 129 0.01 13.67 -63.90
CA PHE B 129 -0.33 14.58 -64.98
C PHE B 129 0.79 14.63 -66.01
N PRO B 130 0.47 14.77 -67.28
CA PRO B 130 1.51 14.78 -68.31
C PRO B 130 2.13 16.15 -68.47
N LEU B 131 3.45 16.17 -68.68
CA LEU B 131 4.21 17.34 -69.08
C LEU B 131 4.60 17.06 -70.53
N ALA B 132 3.79 17.57 -71.46
CA ALA B 132 3.88 17.24 -72.87
C ALA B 132 5.07 17.93 -73.53
N PRO B 133 5.70 17.28 -74.50
CA PRO B 133 6.79 17.93 -75.23
C PRO B 133 6.29 19.09 -76.06
N SER B 134 7.17 20.07 -76.23
CA SER B 134 6.81 21.25 -77.01
C SER B 134 6.57 20.86 -78.46
N SER B 135 5.54 21.47 -79.05
CA SER B 135 5.18 21.18 -80.44
C SER B 135 6.20 21.73 -81.43
N LYS B 136 7.15 22.54 -80.97
CA LYS B 136 8.20 23.06 -81.85
C LYS B 136 9.22 21.97 -82.04
N SER B 137 8.96 21.10 -83.02
CA SER B 137 9.76 19.90 -83.27
C SER B 137 10.81 20.22 -84.34
N THR B 138 12.00 20.61 -83.90
CA THR B 138 13.09 20.94 -84.81
C THR B 138 13.63 19.69 -85.50
N SER B 139 14.91 19.70 -85.86
CA SER B 139 15.51 18.58 -86.59
C SER B 139 16.22 17.62 -85.65
N GLY B 140 17.06 18.15 -84.76
CA GLY B 140 17.67 17.37 -83.70
C GLY B 140 17.09 17.78 -82.37
N GLY B 141 17.47 18.98 -81.93
CA GLY B 141 17.04 19.62 -80.69
C GLY B 141 16.33 18.72 -79.71
N THR B 142 17.08 18.20 -78.75
CA THR B 142 16.51 17.25 -77.80
C THR B 142 15.37 17.92 -77.04
N ALA B 143 14.18 17.34 -77.14
CA ALA B 143 13.01 17.86 -76.44
C ALA B 143 12.79 17.08 -75.16
N ALA B 144 12.00 17.67 -74.27
CA ALA B 144 11.77 17.11 -72.95
C ALA B 144 10.28 16.87 -72.72
N LEU B 145 9.98 15.76 -72.06
CA LEU B 145 8.62 15.46 -71.65
C LEU B 145 8.71 14.79 -70.28
N GLY B 146 7.57 14.51 -69.68
CA GLY B 146 7.62 13.83 -68.40
C GLY B 146 6.26 13.74 -67.72
N CYS B 147 6.30 13.41 -66.43
CA CYS B 147 5.11 13.21 -65.62
C CYS B 147 5.28 13.89 -64.28
N LEU B 148 4.24 14.62 -63.87
CA LEU B 148 4.15 15.23 -62.56
C LEU B 148 3.31 14.32 -61.66
N VAL B 149 3.94 13.77 -60.63
CA VAL B 149 3.29 12.88 -59.67
C VAL B 149 3.04 13.71 -58.41
N LYS B 150 1.80 14.12 -58.21
CA LYS B 150 1.46 15.11 -57.19
C LYS B 150 0.51 14.51 -56.16
N ASP B 151 0.64 14.97 -54.92
CA ASP B 151 -0.34 14.71 -53.86
C ASP B 151 -0.46 13.21 -53.57
N TYR B 152 0.57 12.69 -52.92
CA TYR B 152 0.58 11.30 -52.46
C TYR B 152 1.23 11.23 -51.09
N PHE B 153 1.01 10.10 -50.42
CA PHE B 153 1.59 9.86 -49.11
C PHE B 153 1.47 8.38 -48.77
N PRO B 154 2.52 7.75 -48.22
CA PRO B 154 3.83 8.37 -48.03
C PRO B 154 4.82 7.93 -49.10
N GLU B 155 6.10 8.25 -48.88
CA GLU B 155 7.15 7.79 -49.78
C GLU B 155 7.29 6.27 -49.69
N PRO B 156 7.82 5.62 -50.74
CA PRO B 156 8.24 6.24 -52.01
C PRO B 156 7.35 5.90 -53.19
N VAL B 157 7.58 6.60 -54.31
CA VAL B 157 6.95 6.29 -55.58
C VAL B 157 8.05 5.85 -56.54
N THR B 158 7.77 4.81 -57.31
CA THR B 158 8.72 4.29 -58.29
C THR B 158 8.22 4.65 -59.68
N VAL B 159 9.05 5.35 -60.44
CA VAL B 159 8.67 5.84 -61.77
C VAL B 159 9.58 5.18 -62.79
N SER B 160 8.97 4.54 -63.78
CA SER B 160 9.68 3.93 -64.89
C SER B 160 9.08 4.45 -66.20
N TRP B 161 9.73 4.13 -67.31
CA TRP B 161 9.28 4.58 -68.61
C TRP B 161 9.21 3.40 -69.57
N ASN B 162 8.06 3.25 -70.23
CA ASN B 162 7.80 2.14 -71.16
C ASN B 162 7.96 0.80 -70.45
N SER B 163 7.36 0.71 -69.25
CA SER B 163 7.42 -0.48 -68.41
C SER B 163 8.87 -0.85 -68.08
N GLY B 164 9.71 0.17 -67.90
CA GLY B 164 11.10 -0.07 -67.59
C GLY B 164 11.97 -0.34 -68.80
N ALA B 165 11.59 0.17 -69.97
CA ALA B 165 12.35 -0.01 -71.19
C ALA B 165 13.09 1.24 -71.65
N LEU B 166 12.95 2.35 -70.93
CA LEU B 166 13.61 3.61 -71.30
C LEU B 166 14.37 4.14 -70.09
N THR B 167 15.70 4.07 -70.16
CA THR B 167 16.57 4.54 -69.10
C THR B 167 17.43 5.74 -69.48
N SER B 168 17.89 5.81 -70.72
CA SER B 168 18.79 6.87 -71.12
C SER B 168 18.11 8.23 -71.10
N GLY B 169 18.72 9.19 -70.41
CA GLY B 169 18.21 10.54 -70.35
C GLY B 169 17.04 10.76 -69.40
N VAL B 170 16.79 9.83 -68.50
CA VAL B 170 15.66 9.93 -67.56
C VAL B 170 16.16 10.50 -66.24
N HIS B 171 15.45 11.52 -65.74
CA HIS B 171 15.77 12.13 -64.46
C HIS B 171 14.50 12.21 -63.62
N THR B 172 14.46 11.44 -62.54
CA THR B 172 13.35 11.47 -61.59
C THR B 172 13.78 12.27 -60.36
N PHE B 173 13.26 13.47 -60.22
CA PHE B 173 13.68 14.36 -59.16
C PHE B 173 13.25 13.83 -57.79
N PRO B 174 14.04 14.11 -56.75
CA PRO B 174 13.62 13.73 -55.40
C PRO B 174 12.31 14.38 -55.03
N ALA B 175 11.48 13.64 -54.30
CA ALA B 175 10.18 14.15 -53.90
C ALA B 175 10.34 15.34 -52.95
N VAL B 176 9.42 16.29 -53.06
CA VAL B 176 9.38 17.45 -52.19
C VAL B 176 8.12 17.36 -51.34
N LEU B 177 8.21 17.87 -50.12
CA LEU B 177 7.08 17.87 -49.20
C LEU B 177 6.32 19.19 -49.33
N GLN B 178 5.05 19.11 -49.67
CA GLN B 178 4.24 20.30 -49.84
C GLN B 178 3.67 20.75 -48.50
N SER B 179 3.14 21.98 -48.48
CA SER B 179 2.57 22.53 -47.25
C SER B 179 1.36 21.72 -46.80
N SER B 180 0.65 21.09 -47.73
CA SER B 180 -0.52 20.29 -47.38
C SER B 180 -0.16 18.97 -46.71
N GLY B 181 1.12 18.62 -46.62
CA GLY B 181 1.53 17.37 -46.03
C GLY B 181 1.67 16.21 -46.99
N LEU B 182 1.39 16.40 -48.28
CA LEU B 182 1.56 15.37 -49.28
C LEU B 182 2.82 15.63 -50.11
N TYR B 183 3.27 14.59 -50.80
CA TYR B 183 4.52 14.65 -51.56
C TYR B 183 4.25 14.94 -53.03
N SER B 184 5.22 15.59 -53.67
CA SER B 184 5.18 15.87 -55.10
C SER B 184 6.52 15.51 -55.71
N LEU B 185 6.49 15.15 -56.99
CA LEU B 185 7.69 14.69 -57.68
C LEU B 185 7.48 14.92 -59.17
N SER B 186 8.61 15.04 -59.88
CA SER B 186 8.58 15.21 -61.32
C SER B 186 9.60 14.27 -61.94
N SER B 187 9.20 13.57 -63.00
CA SER B 187 10.08 12.67 -63.73
C SER B 187 10.13 13.11 -65.18
N VAL B 188 11.30 13.52 -65.65
CA VAL B 188 11.45 14.06 -67.00
C VAL B 188 12.36 13.14 -67.79
N VAL B 189 12.29 13.29 -69.11
CA VAL B 189 13.10 12.51 -70.04
C VAL B 189 13.28 13.34 -71.31
N THR B 190 14.52 13.36 -71.81
CA THR B 190 14.87 14.07 -73.04
C THR B 190 15.02 13.06 -74.17
N VAL B 191 14.33 13.33 -75.28
CA VAL B 191 14.32 12.44 -76.43
C VAL B 191 14.56 13.27 -77.70
N PRO B 192 15.07 12.64 -78.75
CA PRO B 192 15.15 13.33 -80.04
C PRO B 192 13.78 13.73 -80.55
N SER B 193 13.71 14.90 -81.19
CA SER B 193 12.46 15.35 -81.79
C SER B 193 11.93 14.33 -82.78
N SER B 194 12.82 13.75 -83.59
CA SER B 194 12.43 12.70 -84.54
C SER B 194 11.52 11.65 -83.92
N SER B 195 11.77 11.29 -82.66
CA SER B 195 11.01 10.21 -82.04
C SER B 195 9.58 10.60 -81.68
N LEU B 196 9.28 11.91 -81.60
CA LEU B 196 7.97 12.35 -81.11
C LEU B 196 6.83 11.77 -81.94
N GLY B 197 7.01 11.69 -83.26
CA GLY B 197 5.97 11.12 -84.10
C GLY B 197 5.90 9.61 -84.05
N THR B 198 7.02 8.95 -83.73
CA THR B 198 7.12 7.50 -83.81
C THR B 198 6.94 6.78 -82.49
N GLN B 199 7.51 7.31 -81.40
CA GLN B 199 7.57 6.58 -80.14
C GLN B 199 6.43 6.97 -79.22
N THR B 200 5.69 5.97 -78.76
CA THR B 200 4.70 6.17 -77.70
C THR B 200 5.43 6.22 -76.36
N TYR B 201 5.24 7.32 -75.63
CA TYR B 201 5.93 7.56 -74.37
C TYR B 201 4.93 7.44 -73.23
N ILE B 202 5.16 6.48 -72.35
CA ILE B 202 4.26 6.21 -71.22
C ILE B 202 5.10 6.12 -69.95
N CYS B 203 4.71 6.86 -68.92
CA CYS B 203 5.35 6.77 -67.62
C CYS B 203 4.51 5.86 -66.73
N ASN B 204 5.19 4.96 -66.02
CA ASN B 204 4.57 4.01 -65.11
C ASN B 204 4.93 4.44 -63.69
N VAL B 205 3.93 4.88 -62.94
CA VAL B 205 4.10 5.34 -61.56
C VAL B 205 3.48 4.30 -60.64
N ASN B 206 4.26 3.85 -59.66
CA ASN B 206 3.84 2.82 -58.72
C ASN B 206 3.96 3.37 -57.30
N HIS B 207 2.87 3.30 -56.54
CA HIS B 207 2.83 3.73 -55.15
C HIS B 207 2.28 2.55 -54.36
N LYS B 208 3.17 1.79 -53.72
CA LYS B 208 2.80 0.55 -53.04
C LYS B 208 1.96 0.78 -51.77
N PRO B 209 2.28 1.74 -50.90
CA PRO B 209 1.45 1.93 -49.70
C PRO B 209 -0.02 2.18 -50.00
N SER B 210 -0.35 2.83 -51.10
CA SER B 210 -1.73 3.02 -51.51
C SER B 210 -2.15 2.06 -52.63
N ASN B 211 -1.23 1.23 -53.11
CA ASN B 211 -1.50 0.25 -54.15
C ASN B 211 -2.07 0.91 -55.41
N THR B 212 -1.40 1.98 -55.86
CA THR B 212 -1.82 2.75 -57.02
C THR B 212 -0.78 2.58 -58.11
N LYS B 213 -1.16 1.90 -59.19
CA LYS B 213 -0.31 1.67 -60.35
C LYS B 213 -0.94 2.40 -61.53
N VAL B 214 -0.26 3.41 -62.06
CA VAL B 214 -0.81 4.27 -63.10
C VAL B 214 0.15 4.29 -64.29
N ASP B 215 -0.39 4.00 -65.46
CA ASP B 215 0.35 4.08 -66.72
C ASP B 215 -0.23 5.26 -67.52
N LYS B 216 0.47 6.39 -67.47
CA LYS B 216 0.01 7.62 -68.12
C LYS B 216 0.83 7.88 -69.36
N LYS B 217 0.16 8.08 -70.49
CA LYS B 217 0.84 8.31 -71.76
C LYS B 217 1.05 9.80 -71.98
N VAL B 218 2.30 10.17 -72.23
CA VAL B 218 2.66 11.54 -72.59
C VAL B 218 2.79 11.59 -74.11
N GLU B 219 1.95 12.39 -74.74
CA GLU B 219 1.88 12.50 -76.19
C GLU B 219 2.24 13.91 -76.63
N PRO B 220 2.62 14.10 -77.90
CA PRO B 220 2.89 15.45 -78.39
C PRO B 220 1.68 16.35 -78.24
N LYS B 221 1.90 17.65 -78.38
CA LYS B 221 0.84 18.62 -78.18
C LYS B 221 0.00 18.77 -79.44
N SER B 222 -1.31 18.79 -79.26
CA SER B 222 -2.25 18.98 -80.36
C SER B 222 -2.21 20.41 -80.88
N CYS B 223 -3.25 20.83 -81.61
CA CYS B 223 -3.29 22.17 -82.17
C CYS B 223 -4.21 23.07 -81.35
N GLU C 1 28.44 13.82 -23.16
CA GLU C 1 28.42 13.62 -24.60
C GLU C 1 29.63 14.27 -25.25
N ILE C 2 29.81 14.03 -26.56
CA ILE C 2 30.94 14.56 -27.31
C ILE C 2 30.43 14.98 -28.68
N VAL C 3 30.74 16.21 -29.08
CA VAL C 3 30.29 16.77 -30.34
C VAL C 3 31.42 16.68 -31.35
N LEU C 4 31.15 16.06 -32.49
CA LEU C 4 32.11 15.94 -33.58
C LEU C 4 31.78 16.94 -34.69
N THR C 5 32.82 17.56 -35.25
CA THR C 5 32.67 18.54 -36.32
C THR C 5 33.56 18.14 -37.48
N GLN C 6 32.95 17.93 -38.65
CA GLN C 6 33.70 17.59 -39.85
C GLN C 6 34.06 18.84 -40.63
N SER C 7 35.10 18.71 -41.45
CA SER C 7 35.54 19.83 -42.28
C SER C 7 36.29 19.33 -43.51
N PRO C 8 35.91 19.81 -44.71
CA PRO C 8 34.77 20.71 -44.89
C PRO C 8 33.45 19.95 -44.93
N SER C 9 32.32 20.67 -44.95
CA SER C 9 31.03 20.01 -45.06
C SER C 9 30.77 19.50 -46.47
N SER C 10 31.47 20.04 -47.47
CA SER C 10 31.37 19.58 -48.84
C SER C 10 32.65 19.96 -49.56
N LEU C 11 32.94 19.24 -50.65
CA LEU C 11 34.16 19.49 -51.41
C LEU C 11 33.96 18.99 -52.82
N SER C 12 34.82 19.44 -53.71
CA SER C 12 34.76 19.07 -55.13
C SER C 12 36.17 18.75 -55.60
N ALA C 13 36.41 17.50 -55.97
CA ALA C 13 37.72 17.05 -56.39
C ALA C 13 37.59 16.20 -57.65
N SER C 14 38.70 16.08 -58.37
CA SER C 14 38.77 15.31 -59.60
C SER C 14 39.36 13.93 -59.34
N VAL C 15 39.30 13.07 -60.36
CA VAL C 15 39.77 11.70 -60.23
C VAL C 15 41.29 11.68 -60.03
N GLY C 16 41.75 10.81 -59.14
CA GLY C 16 43.16 10.67 -58.85
C GLY C 16 43.73 11.66 -57.86
N ASP C 17 43.03 12.76 -57.60
CA ASP C 17 43.53 13.76 -56.66
C ASP C 17 43.45 13.26 -55.23
N ARG C 18 44.40 13.71 -54.42
CA ARG C 18 44.40 13.38 -53.00
C ARG C 18 43.36 14.23 -52.26
N VAL C 19 42.46 13.56 -51.53
CA VAL C 19 41.39 14.21 -50.81
C VAL C 19 41.65 14.10 -49.32
N THR C 20 41.32 15.15 -48.57
CA THR C 20 41.58 15.19 -47.14
C THR C 20 40.36 15.74 -46.41
N ILE C 21 39.86 14.97 -45.43
CA ILE C 21 38.73 15.37 -44.60
C ILE C 21 39.16 15.30 -43.14
N THR C 22 38.84 16.33 -42.38
CA THR C 22 39.22 16.42 -40.98
C THR C 22 38.00 16.28 -40.08
N CYS C 23 38.22 15.74 -38.88
CA CYS C 23 37.17 15.55 -37.88
C CYS C 23 37.73 16.00 -36.54
N ARG C 24 37.02 16.92 -35.88
CA ARG C 24 37.45 17.49 -34.61
C ARG C 24 36.49 17.11 -33.51
N ALA C 25 37.05 16.73 -32.36
CA ALA C 25 36.27 16.34 -31.19
C ALA C 25 36.38 17.41 -30.11
N SER C 26 35.33 17.52 -29.30
CA SER C 26 35.30 18.50 -28.24
C SER C 26 36.26 18.18 -27.10
N GLN C 27 36.76 16.95 -27.04
CA GLN C 27 37.70 16.55 -26.01
C GLN C 27 38.50 15.35 -26.52
N SER C 28 39.58 15.03 -25.81
CA SER C 28 40.47 13.96 -26.24
C SER C 28 39.75 12.63 -26.23
N ILE C 29 39.89 11.87 -27.31
CA ILE C 29 39.27 10.56 -27.44
C ILE C 29 40.32 9.56 -27.91
N SER C 30 41.60 9.89 -27.68
CA SER C 30 42.73 9.04 -28.04
C SER C 30 42.70 8.69 -29.52
N SER C 31 42.47 7.41 -29.85
CA SER C 31 42.36 6.95 -31.22
C SER C 31 41.03 6.24 -31.47
N TYR C 32 40.01 6.53 -30.66
CA TYR C 32 38.75 5.80 -30.69
C TYR C 32 37.76 6.51 -31.61
N LEU C 33 38.08 6.48 -32.90
CA LEU C 33 37.24 7.08 -33.93
C LEU C 33 37.31 6.23 -35.20
N ASN C 34 36.22 6.25 -35.96
CA ASN C 34 36.10 5.43 -37.15
C ASN C 34 35.40 6.22 -38.25
N TRP C 35 35.51 5.72 -39.47
CA TRP C 35 35.01 6.39 -40.67
C TRP C 35 34.04 5.49 -41.41
N TYR C 36 33.05 6.11 -42.05
CA TYR C 36 32.02 5.39 -42.78
C TYR C 36 31.75 6.08 -44.10
N GLN C 37 31.53 5.28 -45.14
CA GLN C 37 31.19 5.76 -46.47
C GLN C 37 29.74 5.40 -46.76
N GLN C 38 28.98 6.36 -47.29
CA GLN C 38 27.57 6.15 -47.60
C GLN C 38 27.24 6.81 -48.93
N LYS C 39 26.80 6.01 -49.88
CA LYS C 39 26.32 6.52 -51.16
C LYS C 39 24.84 6.84 -51.06
N PRO C 40 24.33 7.76 -51.91
CA PRO C 40 22.91 8.10 -51.84
C PRO C 40 22.01 6.88 -51.96
N GLY C 41 21.14 6.69 -50.96
CA GLY C 41 20.21 5.59 -50.93
C GLY C 41 20.74 4.31 -50.31
N LYS C 42 22.03 4.02 -50.48
CA LYS C 42 22.60 2.79 -49.96
C LYS C 42 22.96 2.95 -48.48
N ALA C 43 23.27 1.83 -47.85
CA ALA C 43 23.62 1.78 -46.44
C ALA C 43 25.08 2.16 -46.24
N PRO C 44 25.43 2.64 -45.04
CA PRO C 44 26.84 2.96 -44.76
C PRO C 44 27.71 1.71 -44.77
N LYS C 45 29.01 1.93 -45.03
CA LYS C 45 30.02 0.89 -45.02
C LYS C 45 31.19 1.34 -44.17
N LEU C 46 31.75 0.42 -43.40
CA LEU C 46 32.92 0.74 -42.60
C LEU C 46 34.17 0.84 -43.47
N LEU C 47 34.98 1.86 -43.23
CA LEU C 47 36.24 2.06 -43.94
C LEU C 47 37.42 1.92 -42.99
N ILE C 48 37.57 2.84 -42.03
CA ILE C 48 38.68 2.83 -41.09
C ILE C 48 38.12 2.70 -39.68
N TYR C 49 38.76 1.85 -38.87
CA TYR C 49 38.39 1.69 -37.47
C TYR C 49 39.62 1.95 -36.60
N ASP C 50 39.40 2.55 -35.44
CA ASP C 50 40.47 2.89 -34.50
C ASP C 50 41.55 3.73 -35.18
N ALA C 51 41.13 4.88 -35.69
CA ALA C 51 42.02 5.91 -36.23
C ALA C 51 42.72 5.50 -37.53
N SER C 52 43.56 4.47 -37.48
CA SER C 52 44.47 4.18 -38.59
C SER C 52 44.57 2.68 -38.82
N SER C 53 43.43 2.00 -38.91
CA SER C 53 43.38 0.58 -39.27
C SER C 53 42.45 0.40 -40.45
N LEU C 54 42.94 -0.27 -41.48
CA LEU C 54 42.18 -0.48 -42.71
C LEU C 54 41.32 -1.73 -42.57
N GLN C 55 40.01 -1.58 -42.77
CA GLN C 55 39.11 -2.71 -42.77
C GLN C 55 39.40 -3.63 -43.94
N SER C 56 39.20 -4.93 -43.74
CA SER C 56 39.42 -5.90 -44.81
C SER C 56 38.49 -5.61 -45.98
N GLY C 57 39.02 -5.78 -47.20
CA GLY C 57 38.30 -5.50 -48.42
C GLY C 57 38.40 -4.06 -48.88
N VAL C 58 38.59 -3.12 -47.97
CA VAL C 58 38.72 -1.71 -48.33
C VAL C 58 40.04 -1.52 -49.07
N PRO C 59 40.05 -0.81 -50.21
CA PRO C 59 41.31 -0.59 -50.93
C PRO C 59 42.29 0.24 -50.10
N SER C 60 43.58 0.05 -50.42
CA SER C 60 44.65 0.71 -49.66
C SER C 60 44.76 2.20 -49.94
N ARG C 61 43.99 2.73 -50.91
CA ARG C 61 44.05 4.17 -51.18
C ARG C 61 43.49 5.01 -50.03
N PHE C 62 42.66 4.42 -49.19
CA PHE C 62 42.15 5.12 -48.01
C PHE C 62 43.14 5.00 -46.87
N SER C 63 43.27 6.07 -46.09
CA SER C 63 44.16 6.04 -44.93
C SER C 63 43.72 7.07 -43.91
N GLY C 64 43.50 6.61 -42.68
CA GLY C 64 43.16 7.48 -41.57
C GLY C 64 44.36 7.69 -40.67
N SER C 65 44.40 8.85 -40.01
CA SER C 65 45.50 9.16 -39.11
C SER C 65 45.07 10.28 -38.16
N GLY C 66 45.51 10.18 -36.92
CA GLY C 66 45.20 11.22 -35.96
C GLY C 66 45.52 10.77 -34.56
N SER C 67 45.51 11.74 -33.65
CA SER C 67 45.81 11.49 -32.24
C SER C 67 45.30 12.66 -31.42
N GLY C 68 44.55 12.35 -30.37
CA GLY C 68 44.04 13.39 -29.50
C GLY C 68 42.63 13.83 -29.85
N THR C 69 42.52 15.03 -30.44
CA THR C 69 41.23 15.62 -30.75
C THR C 69 41.00 15.88 -32.23
N ASP C 70 42.02 15.72 -33.07
CA ASP C 70 41.93 16.06 -34.49
C ASP C 70 42.37 14.86 -35.31
N PHE C 71 41.46 14.31 -36.11
CA PHE C 71 41.77 13.17 -36.96
C PHE C 71 41.50 13.53 -38.42
N THR C 72 42.03 12.71 -39.33
CA THR C 72 42.01 13.05 -40.74
C THR C 72 41.99 11.78 -41.58
N LEU C 73 41.05 11.73 -42.52
CA LEU C 73 40.97 10.68 -43.52
C LEU C 73 41.45 11.22 -44.86
N THR C 74 42.32 10.47 -45.53
CA THR C 74 42.90 10.88 -46.81
C THR C 74 42.72 9.78 -47.84
N ILE C 75 42.33 10.19 -49.04
CA ILE C 75 42.26 9.31 -50.21
C ILE C 75 43.42 9.70 -51.12
N SER C 76 44.36 8.77 -51.29
CA SER C 76 45.56 9.05 -52.08
C SER C 76 45.22 9.27 -53.55
N SER C 77 44.32 8.46 -54.11
CA SER C 77 43.93 8.58 -55.51
C SER C 77 42.41 8.46 -55.58
N LEU C 78 41.73 9.58 -55.78
CA LEU C 78 40.28 9.57 -55.86
C LEU C 78 39.82 8.78 -57.09
N GLN C 79 38.69 8.09 -56.94
CA GLN C 79 38.14 7.24 -57.99
C GLN C 79 36.66 7.53 -58.14
N PRO C 80 36.07 7.20 -59.30
CA PRO C 80 34.64 7.48 -59.49
C PRO C 80 33.73 6.75 -58.51
N GLU C 81 34.18 5.61 -57.97
CA GLU C 81 33.37 4.88 -57.00
C GLU C 81 33.36 5.56 -55.63
N ASP C 82 34.15 6.61 -55.44
CA ASP C 82 34.27 7.27 -54.15
C ASP C 82 33.36 8.48 -54.02
N PHE C 83 32.51 8.73 -55.01
CA PHE C 83 31.50 9.79 -54.89
C PHE C 83 30.47 9.34 -53.85
N ALA C 84 30.62 9.84 -52.63
CA ALA C 84 29.76 9.45 -51.53
C ALA C 84 30.01 10.41 -50.36
N THR C 85 29.20 10.27 -49.33
CA THR C 85 29.33 11.05 -48.11
C THR C 85 30.15 10.27 -47.09
N TYR C 86 30.99 10.97 -46.35
CA TYR C 86 31.88 10.35 -45.38
C TYR C 86 31.57 10.89 -43.99
N TYR C 87 31.36 9.97 -43.05
CA TYR C 87 31.02 10.30 -41.67
C TYR C 87 32.14 9.84 -40.74
N CYS C 88 32.47 10.67 -39.75
CA CYS C 88 33.36 10.29 -38.68
C CYS C 88 32.53 10.08 -37.41
N GLN C 89 32.87 9.04 -36.66
CA GLN C 89 32.12 8.70 -35.45
C GLN C 89 33.09 8.30 -34.35
N GLN C 90 32.93 8.92 -33.18
CA GLN C 90 33.77 8.59 -32.04
C GLN C 90 33.12 7.48 -31.23
N SER C 91 33.96 6.64 -30.62
CA SER C 91 33.49 5.53 -29.82
C SER C 91 34.27 5.44 -28.50
N TYR C 92 34.72 6.59 -27.98
CA TYR C 92 35.41 6.66 -26.71
C TYR C 92 34.43 6.78 -25.54
N SER C 93 33.64 7.86 -25.53
CA SER C 93 32.61 8.04 -24.52
C SER C 93 31.28 7.52 -25.07
N THR C 94 30.94 6.29 -24.71
CA THR C 94 29.71 5.64 -25.15
C THR C 94 29.00 5.03 -23.96
N PRO C 95 27.66 5.11 -23.91
CA PRO C 95 26.78 5.78 -24.88
C PRO C 95 26.70 7.28 -24.62
N PRO C 96 26.24 8.06 -25.61
CA PRO C 96 25.83 7.64 -26.95
C PRO C 96 26.96 7.66 -27.98
N TRP C 97 26.85 6.82 -29.00
CA TRP C 97 27.77 6.85 -30.13
C TRP C 97 27.39 8.04 -31.03
N THR C 98 28.30 9.00 -31.15
CA THR C 98 28.02 10.25 -31.86
C THR C 98 28.64 10.23 -33.24
N PHE C 99 27.86 10.61 -34.24
CA PHE C 99 28.30 10.70 -35.62
C PHE C 99 28.64 12.14 -35.98
N GLY C 100 29.30 12.29 -37.13
CA GLY C 100 29.54 13.61 -37.69
C GLY C 100 28.41 14.04 -38.59
N GLN C 101 28.47 15.31 -39.00
CA GLN C 101 27.42 15.83 -39.87
C GLN C 101 27.56 15.36 -41.32
N GLY C 102 28.73 14.91 -41.72
CA GLY C 102 28.92 14.35 -43.05
C GLY C 102 29.69 15.28 -43.98
N THR C 103 30.58 14.68 -44.78
CA THR C 103 31.36 15.39 -45.79
C THR C 103 31.10 14.74 -47.14
N LYS C 104 30.34 15.44 -47.99
CA LYS C 104 29.96 14.91 -49.30
C LYS C 104 31.08 15.17 -50.31
N VAL C 105 31.65 14.11 -50.85
CA VAL C 105 32.69 14.21 -51.86
C VAL C 105 32.03 14.29 -53.23
N GLU C 106 32.36 15.32 -53.99
CA GLU C 106 31.75 15.61 -55.28
C GLU C 106 32.80 15.50 -56.37
N ILE C 107 32.43 14.85 -57.47
CA ILE C 107 33.34 14.64 -58.60
C ILE C 107 33.23 15.83 -59.54
N LYS C 108 34.38 16.46 -59.83
CA LYS C 108 34.41 17.70 -60.60
C LYS C 108 34.50 17.41 -62.09
N ARG C 109 33.96 18.31 -62.89
CA ARG C 109 33.99 18.18 -64.35
C ARG C 109 34.00 19.59 -64.95
N THR C 110 33.64 19.68 -66.24
CA THR C 110 33.67 20.92 -66.99
C THR C 110 32.36 21.67 -66.86
N VAL C 111 32.44 23.00 -66.94
CA VAL C 111 31.25 23.84 -66.90
C VAL C 111 30.34 23.49 -68.07
N ALA C 112 29.06 23.26 -67.79
CA ALA C 112 28.07 22.90 -68.80
C ALA C 112 26.82 23.74 -68.59
N ALA C 113 26.38 24.41 -69.65
CA ALA C 113 25.16 25.22 -69.56
C ALA C 113 23.93 24.32 -69.50
N PRO C 114 22.93 24.69 -68.70
CA PRO C 114 21.72 23.86 -68.60
C PRO C 114 20.79 24.04 -69.80
N SER C 115 20.18 22.93 -70.21
CA SER C 115 19.11 22.99 -71.19
C SER C 115 17.79 23.34 -70.48
N VAL C 116 17.19 24.46 -70.83
CA VAL C 116 16.03 24.98 -70.13
C VAL C 116 14.77 24.69 -70.93
N PHE C 117 13.80 24.04 -70.29
CA PHE C 117 12.50 23.78 -70.87
C PHE C 117 11.40 24.24 -69.92
N ILE C 118 10.25 24.59 -70.48
CA ILE C 118 9.11 25.04 -69.69
C ILE C 118 7.90 24.20 -70.05
N PHE C 119 7.12 23.83 -69.04
CA PHE C 119 5.92 23.00 -69.22
C PHE C 119 4.74 23.71 -68.59
N PRO C 120 3.75 24.13 -69.37
CA PRO C 120 2.53 24.70 -68.80
C PRO C 120 1.72 23.63 -68.11
N PRO C 121 0.78 24.01 -67.24
CA PRO C 121 -0.05 23.00 -66.57
C PRO C 121 -1.01 22.35 -67.56
N SER C 122 -1.11 21.03 -67.49
CA SER C 122 -2.00 20.30 -68.37
C SER C 122 -3.46 20.61 -68.04
N ASP C 123 -4.33 20.40 -69.03
CA ASP C 123 -5.76 20.62 -68.83
C ASP C 123 -6.32 19.66 -67.79
N GLU C 124 -5.73 18.47 -67.66
CA GLU C 124 -6.21 17.50 -66.70
C GLU C 124 -6.12 18.03 -65.28
N GLN C 125 -5.01 18.71 -64.96
CA GLN C 125 -4.84 19.29 -63.63
C GLN C 125 -5.54 20.64 -63.53
N LEU C 126 -5.63 21.36 -64.65
CA LEU C 126 -6.36 22.62 -64.67
C LEU C 126 -7.84 22.41 -64.36
N LYS C 127 -8.37 21.23 -64.68
CA LYS C 127 -9.76 20.94 -64.32
C LYS C 127 -9.91 20.70 -62.83
N SER C 128 -8.85 20.25 -62.16
CA SER C 128 -8.91 19.93 -60.74
C SER C 128 -8.75 21.15 -59.84
N GLY C 129 -8.59 22.34 -60.40
CA GLY C 129 -8.53 23.55 -59.61
C GLY C 129 -7.14 24.01 -59.22
N THR C 130 -6.09 23.36 -59.73
CA THR C 130 -4.72 23.74 -59.39
C THR C 130 -3.88 23.76 -60.67
N ALA C 131 -3.00 24.75 -60.76
CA ALA C 131 -2.09 24.89 -61.89
C ALA C 131 -0.65 24.80 -61.42
N SER C 132 0.10 23.89 -62.02
CA SER C 132 1.52 23.70 -61.70
C SER C 132 2.33 23.90 -62.96
N VAL C 133 3.13 24.97 -62.99
CA VAL C 133 4.02 25.26 -64.11
C VAL C 133 5.40 24.74 -63.76
N VAL C 134 6.00 23.97 -64.66
CA VAL C 134 7.25 23.27 -64.40
C VAL C 134 8.35 23.91 -65.24
N CYS C 135 9.52 24.09 -64.65
CA CYS C 135 10.70 24.56 -65.38
C CYS C 135 11.83 23.58 -65.14
N LEU C 136 12.38 23.02 -66.22
CA LEU C 136 13.38 21.96 -66.15
C LEU C 136 14.72 22.49 -66.63
N LEU C 137 15.76 22.29 -65.81
CA LEU C 137 17.15 22.57 -66.15
C LEU C 137 17.85 21.22 -66.26
N ASN C 138 18.25 20.87 -67.49
CA ASN C 138 18.80 19.55 -67.77
C ASN C 138 20.32 19.63 -67.95
N ASN C 139 21.03 18.77 -67.22
CA ASN C 139 22.46 18.52 -67.38
C ASN C 139 23.29 19.80 -67.37
N PHE C 140 23.59 20.31 -66.18
CA PHE C 140 24.43 21.49 -66.03
C PHE C 140 25.46 21.27 -64.94
N TYR C 141 26.51 22.11 -64.97
CA TYR C 141 27.55 22.11 -63.96
C TYR C 141 28.18 23.50 -63.95
N PRO C 142 28.45 24.07 -62.77
CA PRO C 142 28.27 23.48 -61.43
C PRO C 142 26.81 23.51 -60.96
N ARG C 143 26.61 23.14 -59.69
CA ARG C 143 25.26 23.04 -59.13
C ARG C 143 24.61 24.40 -58.91
N GLU C 144 25.40 25.46 -58.75
CA GLU C 144 24.84 26.79 -58.50
C GLU C 144 24.08 27.29 -59.73
N ALA C 145 22.80 27.61 -59.54
CA ALA C 145 21.98 28.14 -60.62
C ALA C 145 20.78 28.86 -60.01
N LYS C 146 20.45 30.02 -60.56
CA LYS C 146 19.35 30.84 -60.06
C LYS C 146 18.15 30.72 -61.00
N VAL C 147 17.02 30.28 -60.46
CA VAL C 147 15.79 30.15 -61.23
C VAL C 147 14.77 31.14 -60.68
N GLN C 148 14.24 31.98 -61.56
CA GLN C 148 13.29 33.01 -61.17
C GLN C 148 12.03 32.92 -62.04
N TRP C 149 10.88 33.02 -61.40
CA TRP C 149 9.61 32.95 -62.10
C TRP C 149 9.05 34.35 -62.32
N LYS C 150 8.47 34.59 -63.50
CA LYS C 150 7.90 35.88 -63.82
C LYS C 150 6.52 35.67 -64.44
N VAL C 151 5.51 36.26 -63.80
CA VAL C 151 4.13 36.24 -64.28
C VAL C 151 3.78 37.65 -64.71
N ASP C 152 3.66 37.88 -66.01
CA ASP C 152 3.48 39.22 -66.58
C ASP C 152 4.61 40.15 -66.13
N ASN C 153 5.84 39.65 -66.22
CA ASN C 153 7.06 40.37 -65.89
C ASN C 153 7.19 40.69 -64.40
N ALA C 154 6.39 40.04 -63.55
CA ALA C 154 6.43 40.28 -62.12
C ALA C 154 7.17 39.13 -61.44
N LEU C 155 8.23 39.46 -60.70
CA LEU C 155 9.05 38.44 -60.05
C LEU C 155 8.24 37.71 -59.00
N GLN C 156 8.33 36.38 -59.00
CA GLN C 156 7.60 35.54 -58.06
C GLN C 156 8.48 35.14 -56.88
N SER C 157 7.82 34.87 -55.75
CA SER C 157 8.50 34.51 -54.51
C SER C 157 7.56 33.74 -53.61
N GLY C 158 8.07 32.66 -53.01
CA GLY C 158 7.35 31.91 -52.01
C GLY C 158 6.26 30.99 -52.52
N ASN C 159 6.10 30.87 -53.84
CA ASN C 159 5.11 29.97 -54.42
C ASN C 159 5.74 28.96 -55.35
N SER C 160 7.03 28.68 -55.18
CA SER C 160 7.74 27.74 -56.04
C SER C 160 8.58 26.81 -55.18
N GLN C 161 8.76 25.59 -55.67
CA GLN C 161 9.57 24.58 -54.99
C GLN C 161 10.57 24.00 -55.97
N GLU C 162 11.79 23.80 -55.49
CA GLU C 162 12.89 23.32 -56.32
C GLU C 162 13.30 21.92 -55.88
N SER C 163 13.66 21.09 -56.86
CA SER C 163 14.17 19.75 -56.61
C SER C 163 15.42 19.54 -57.45
N VAL C 164 16.50 19.11 -56.81
CA VAL C 164 17.78 18.93 -57.48
C VAL C 164 18.21 17.47 -57.35
N THR C 165 18.66 16.89 -58.45
CA THR C 165 19.16 15.53 -58.44
C THR C 165 20.61 15.47 -57.97
N GLU C 166 21.04 14.28 -57.56
CA GLU C 166 22.44 14.05 -57.26
C GLU C 166 23.27 14.09 -58.54
N GLN C 167 24.58 14.11 -58.37
CA GLN C 167 25.48 14.09 -59.52
C GLN C 167 25.22 12.84 -60.35
N ASP C 168 25.05 13.03 -61.66
CA ASP C 168 24.74 11.91 -62.53
C ASP C 168 25.89 10.93 -62.56
N SER C 169 25.57 9.63 -62.60
CA SER C 169 26.60 8.60 -62.58
C SER C 169 27.45 8.64 -63.84
N LYS C 170 26.89 9.09 -64.96
CA LYS C 170 27.56 9.02 -66.25
C LYS C 170 28.40 10.26 -66.53
N ASP C 171 27.75 11.42 -66.64
CA ASP C 171 28.43 12.64 -67.03
C ASP C 171 28.66 13.62 -65.88
N SER C 172 28.30 13.25 -64.64
CA SER C 172 28.57 14.05 -63.46
C SER C 172 27.88 15.42 -63.51
N THR C 173 26.72 15.50 -64.16
CA THR C 173 25.96 16.73 -64.25
C THR C 173 24.75 16.70 -63.32
N TYR C 174 24.20 17.88 -63.05
CA TYR C 174 23.04 18.06 -62.21
C TYR C 174 21.81 18.38 -63.04
N SER C 175 20.63 18.15 -62.45
CA SER C 175 19.36 18.51 -63.06
C SER C 175 18.45 19.10 -62.01
N LEU C 176 17.70 20.15 -62.38
CA LEU C 176 16.87 20.88 -61.44
C LEU C 176 15.46 21.05 -61.99
N SER C 177 14.47 21.04 -61.10
CA SER C 177 13.07 21.26 -61.46
C SER C 177 12.46 22.27 -60.52
N SER C 178 11.86 23.32 -61.08
CA SER C 178 11.19 24.36 -60.32
C SER C 178 9.71 24.33 -60.64
N THR C 179 8.89 24.09 -59.63
CA THR C 179 7.44 23.96 -59.79
C THR C 179 6.77 25.16 -59.13
N LEU C 180 6.02 25.92 -59.92
CA LEU C 180 5.26 27.07 -59.44
C LEU C 180 3.78 26.67 -59.40
N THR C 181 3.16 26.79 -58.22
CA THR C 181 1.80 26.33 -57.99
C THR C 181 0.88 27.51 -57.71
N LEU C 182 -0.21 27.60 -58.48
CA LEU C 182 -1.24 28.60 -58.28
C LEU C 182 -2.61 27.92 -58.32
N SER C 183 -3.63 28.65 -57.90
CA SER C 183 -4.99 28.16 -58.07
C SER C 183 -5.41 28.31 -59.53
N LYS C 184 -6.48 27.60 -59.90
CA LYS C 184 -6.96 27.62 -61.27
C LYS C 184 -7.39 29.03 -61.68
N ALA C 185 -8.26 29.65 -60.89
CA ALA C 185 -8.73 31.00 -61.20
C ALA C 185 -7.57 31.97 -61.31
N ASP C 186 -6.67 31.98 -60.31
CA ASP C 186 -5.55 32.92 -60.32
C ASP C 186 -4.63 32.66 -61.51
N TYR C 187 -4.53 31.41 -61.95
CA TYR C 187 -3.80 31.11 -63.18
C TYR C 187 -4.48 31.74 -64.39
N GLU C 188 -5.81 31.66 -64.45
CA GLU C 188 -6.51 32.22 -65.60
C GLU C 188 -6.47 33.75 -65.65
N LYS C 189 -6.12 34.41 -64.55
CA LYS C 189 -6.09 35.86 -64.52
C LYS C 189 -4.84 36.47 -65.13
N HIS C 190 -3.94 35.65 -65.70
CA HIS C 190 -2.69 36.15 -66.28
C HIS C 190 -2.42 35.42 -67.59
N LYS C 191 -1.46 35.95 -68.35
CA LYS C 191 -1.16 35.46 -69.69
C LYS C 191 0.26 34.92 -69.81
N VAL C 192 1.29 35.75 -69.60
CA VAL C 192 2.68 35.39 -69.82
C VAL C 192 3.23 34.70 -68.58
N TYR C 193 3.89 33.56 -68.78
CA TYR C 193 4.57 32.84 -67.73
C TYR C 193 5.98 32.52 -68.21
N ALA C 194 6.98 32.96 -67.44
CA ALA C 194 8.37 32.89 -67.87
C ALA C 194 9.26 32.32 -66.78
N CYS C 195 10.21 31.49 -67.20
CA CYS C 195 11.24 30.94 -66.33
C CYS C 195 12.59 31.52 -66.76
N GLU C 196 13.27 32.19 -65.82
CA GLU C 196 14.54 32.86 -66.08
C GLU C 196 15.64 32.12 -65.34
N VAL C 197 16.68 31.71 -66.08
CA VAL C 197 17.77 30.91 -65.54
C VAL C 197 19.05 31.72 -65.65
N THR C 198 19.74 31.85 -64.51
CA THR C 198 21.06 32.46 -64.44
C THR C 198 22.06 31.38 -64.03
N HIS C 199 23.07 31.15 -64.88
CA HIS C 199 24.03 30.09 -64.64
C HIS C 199 25.39 30.51 -65.18
N GLN C 200 26.44 29.88 -64.64
CA GLN C 200 27.80 30.24 -65.04
C GLN C 200 28.08 29.90 -66.50
N GLY C 201 27.51 28.83 -67.02
CA GLY C 201 27.70 28.46 -68.41
C GLY C 201 26.94 29.29 -69.41
N LEU C 202 26.14 30.25 -68.96
CA LEU C 202 25.35 31.11 -69.83
C LEU C 202 25.89 32.52 -69.80
N SER C 203 26.12 33.09 -70.98
CA SER C 203 26.62 34.46 -71.06
C SER C 203 25.61 35.45 -70.50
N SER C 204 24.32 35.14 -70.58
CA SER C 204 23.27 36.02 -70.09
C SER C 204 22.12 35.15 -69.63
N PRO C 205 21.30 35.63 -68.69
CA PRO C 205 20.16 34.82 -68.23
C PRO C 205 19.22 34.48 -69.37
N VAL C 206 18.80 33.23 -69.42
CA VAL C 206 17.96 32.73 -70.51
C VAL C 206 16.52 32.61 -70.01
N THR C 207 15.58 33.00 -70.86
CA THR C 207 14.16 33.05 -70.50
C THR C 207 13.38 32.11 -71.40
N LYS C 208 12.55 31.27 -70.79
CA LYS C 208 11.60 30.43 -71.52
C LYS C 208 10.20 30.88 -71.16
N SER C 209 9.44 31.32 -72.16
CA SER C 209 8.15 31.96 -71.93
C SER C 209 7.04 31.20 -72.64
N PHE C 210 5.82 31.40 -72.15
CA PHE C 210 4.64 30.92 -72.85
C PHE C 210 3.41 31.71 -72.40
N ASN C 211 2.45 31.85 -73.31
CA ASN C 211 1.18 32.50 -73.02
C ASN C 211 0.12 31.44 -72.75
N ARG C 212 -0.82 31.78 -71.86
CA ARG C 212 -1.87 30.85 -71.47
C ARG C 212 -2.78 30.48 -72.64
N THR D 1 8.03 -42.03 5.77
CA THR D 1 6.78 -42.63 5.30
C THR D 1 5.74 -41.56 5.01
N ASN D 2 4.86 -41.87 4.04
CA ASN D 2 3.81 -40.98 3.54
C ASN D 2 4.23 -39.51 3.49
N LEU D 3 5.47 -39.25 3.10
CA LEU D 3 5.90 -37.87 2.90
C LEU D 3 5.49 -37.37 1.52
N CYS D 4 5.15 -36.09 1.46
CA CYS D 4 4.58 -35.54 0.24
C CYS D 4 5.61 -35.56 -0.89
N PRO D 5 5.17 -35.80 -2.12
CA PRO D 5 6.13 -35.91 -3.24
C PRO D 5 6.72 -34.58 -3.64
N PHE D 6 7.38 -33.90 -2.70
CA PHE D 6 8.03 -32.65 -3.02
C PHE D 6 9.29 -32.86 -3.86
N GLY D 7 9.88 -34.05 -3.80
CA GLY D 7 11.10 -34.28 -4.55
C GLY D 7 10.88 -34.35 -6.04
N GLU D 8 9.76 -34.94 -6.47
CA GLU D 8 9.50 -35.07 -7.90
C GLU D 8 9.01 -33.76 -8.53
N VAL D 9 8.80 -32.72 -7.73
CA VAL D 9 8.43 -31.41 -8.25
C VAL D 9 9.63 -30.47 -8.28
N PHE D 10 10.41 -30.43 -7.19
CA PHE D 10 11.58 -29.57 -7.12
C PHE D 10 12.76 -30.15 -7.88
N ASN D 11 13.06 -31.43 -7.67
CA ASN D 11 14.19 -32.07 -8.34
C ASN D 11 13.82 -32.61 -9.72
N ALA D 12 12.65 -32.22 -10.24
CA ALA D 12 12.23 -32.67 -11.57
C ALA D 12 13.31 -32.41 -12.60
N THR D 13 13.48 -33.35 -13.53
CA THR D 13 14.57 -33.28 -14.50
C THR D 13 14.39 -32.09 -15.44
N ARG D 14 13.19 -31.96 -16.01
CA ARG D 14 12.91 -30.91 -16.99
C ARG D 14 11.67 -30.16 -16.54
N PHE D 15 11.82 -28.85 -16.34
CA PHE D 15 10.72 -28.00 -15.92
C PHE D 15 9.88 -27.57 -17.11
N ALA D 16 8.71 -27.01 -16.82
CA ALA D 16 7.81 -26.53 -17.86
C ALA D 16 8.02 -25.04 -18.09
N SER D 17 7.59 -24.59 -19.27
CA SER D 17 7.68 -23.17 -19.58
C SER D 17 6.73 -22.37 -18.71
N VAL D 18 7.03 -21.07 -18.56
CA VAL D 18 6.24 -20.24 -17.68
C VAL D 18 4.83 -20.02 -18.23
N TYR D 19 4.69 -19.98 -19.56
CA TYR D 19 3.36 -19.83 -20.15
C TYR D 19 2.54 -21.11 -19.99
N ALA D 20 3.19 -22.26 -19.95
CA ALA D 20 2.50 -23.52 -19.69
C ALA D 20 2.96 -24.11 -18.36
N TRP D 21 2.82 -23.35 -17.28
CA TRP D 21 3.30 -23.77 -15.98
C TRP D 21 2.60 -25.05 -15.53
N ASN D 22 3.34 -25.91 -14.86
CA ASN D 22 2.85 -27.24 -14.49
C ASN D 22 2.35 -27.23 -13.04
N ARG D 23 1.10 -27.63 -12.84
CA ARG D 23 0.51 -27.67 -11.51
C ARG D 23 0.42 -29.12 -11.03
N LYS D 24 1.01 -29.39 -9.87
CA LYS D 24 0.93 -30.69 -9.22
C LYS D 24 0.20 -30.51 -7.89
N ARG D 25 -0.83 -31.32 -7.67
CA ARG D 25 -1.60 -31.24 -6.44
C ARG D 25 -0.96 -32.09 -5.36
N ILE D 26 -1.06 -31.62 -4.12
CA ILE D 26 -0.48 -32.30 -2.96
C ILE D 26 -1.59 -32.47 -1.93
N SER D 27 -1.92 -33.72 -1.62
CA SER D 27 -2.95 -34.05 -0.66
C SER D 27 -2.68 -35.46 -0.16
N ASN D 28 -3.17 -35.74 1.05
CA ASN D 28 -3.12 -37.07 1.66
C ASN D 28 -1.66 -37.51 1.88
N CYS D 29 -0.93 -36.69 2.61
CA CYS D 29 0.46 -36.94 2.98
C CYS D 29 0.84 -35.96 4.08
N VAL D 30 2.04 -36.11 4.62
CA VAL D 30 2.60 -35.18 5.58
C VAL D 30 3.75 -34.43 4.91
N ALA D 31 3.80 -33.11 5.15
CA ALA D 31 4.74 -32.24 4.46
C ALA D 31 5.85 -31.83 5.40
N ASP D 32 7.08 -31.86 4.89
CA ASP D 32 8.29 -31.49 5.64
C ASP D 32 9.07 -30.52 4.76
N TYR D 33 8.74 -29.24 4.85
CA TYR D 33 9.38 -28.20 4.05
C TYR D 33 10.82 -27.92 4.45
N SER D 34 11.43 -28.65 5.39
CA SER D 34 12.83 -28.44 5.74
C SER D 34 13.79 -29.01 4.69
N VAL D 35 13.27 -29.62 3.63
CA VAL D 35 14.10 -30.17 2.56
C VAL D 35 13.86 -29.37 1.30
N LEU D 36 13.55 -28.08 1.47
CA LEU D 36 13.20 -27.22 0.34
C LEU D 36 14.28 -26.18 0.11
N TYR D 37 14.25 -25.11 0.91
CA TYR D 37 15.19 -24.00 0.76
C TYR D 37 16.52 -24.40 1.39
N ASN D 38 17.48 -24.82 0.57
CA ASN D 38 18.82 -25.15 1.05
C ASN D 38 19.73 -23.93 1.08
N SER D 39 19.19 -22.82 1.61
CA SER D 39 19.89 -21.54 1.71
C SER D 39 20.52 -21.13 0.38
N ALA D 40 21.84 -21.36 0.26
CA ALA D 40 22.60 -21.04 -0.95
C ALA D 40 22.53 -19.55 -1.28
N SER D 41 23.03 -19.17 -2.45
CA SER D 41 23.02 -17.79 -2.91
C SER D 41 22.04 -17.62 -4.06
N PHE D 42 21.55 -16.39 -4.22
CA PHE D 42 20.63 -16.01 -5.30
C PHE D 42 19.29 -16.74 -5.21
N SER D 43 19.17 -17.66 -4.26
CA SER D 43 17.91 -18.37 -4.06
C SER D 43 16.97 -17.51 -3.24
N THR D 44 15.75 -17.33 -3.73
CA THR D 44 14.75 -16.51 -3.07
C THR D 44 13.66 -17.40 -2.49
N PHE D 45 13.19 -17.05 -1.29
CA PHE D 45 12.15 -17.80 -0.59
C PHE D 45 11.28 -16.77 0.12
N LYS D 46 10.13 -16.45 -0.46
CA LYS D 46 9.25 -15.42 0.07
C LYS D 46 7.87 -16.02 0.32
N CYS D 47 7.41 -15.97 1.56
CA CYS D 47 6.10 -16.49 1.92
C CYS D 47 5.14 -15.32 2.11
N TYR D 48 4.05 -15.33 1.35
CA TYR D 48 3.06 -14.26 1.36
C TYR D 48 1.82 -14.82 2.06
N GLY D 49 1.52 -14.31 3.24
CA GLY D 49 0.35 -14.75 3.97
C GLY D 49 0.69 -15.62 5.17
N VAL D 50 1.17 -16.83 4.91
CA VAL D 50 1.58 -17.74 5.96
C VAL D 50 3.07 -17.57 6.22
N SER D 51 3.45 -17.48 7.49
CA SER D 51 4.85 -17.32 7.83
C SER D 51 5.61 -18.63 7.65
N PRO D 52 6.89 -18.55 7.27
CA PRO D 52 7.62 -19.80 7.00
C PRO D 52 7.95 -20.58 8.27
N THR D 53 8.27 -19.88 9.36
CA THR D 53 8.72 -20.55 10.58
C THR D 53 7.68 -21.48 11.18
N LYS D 54 6.43 -21.42 10.73
CA LYS D 54 5.37 -22.28 11.22
C LYS D 54 4.86 -23.25 10.16
N LEU D 55 5.49 -23.28 8.97
CA LEU D 55 5.01 -24.15 7.91
C LEU D 55 5.01 -25.62 8.33
N ASN D 56 5.97 -26.03 9.14
CA ASN D 56 6.05 -27.41 9.59
C ASN D 56 5.05 -27.73 10.70
N ASP D 57 4.33 -26.73 11.22
CA ASP D 57 3.37 -26.95 12.30
C ASP D 57 2.02 -26.38 11.94
N LEU D 58 1.57 -26.60 10.71
CA LEU D 58 0.28 -26.13 10.26
C LEU D 58 -0.38 -27.19 9.38
N CYS D 59 -1.71 -27.17 9.36
CA CYS D 59 -2.51 -28.12 8.60
C CYS D 59 -3.33 -27.39 7.55
N PHE D 60 -3.33 -27.91 6.33
CA PHE D 60 -4.06 -27.33 5.21
C PHE D 60 -4.89 -28.41 4.54
N THR D 61 -5.89 -27.97 3.78
CA THR D 61 -6.72 -28.93 3.06
C THR D 61 -6.01 -29.44 1.79
N ASN D 62 -5.43 -28.53 1.02
CA ASN D 62 -4.70 -28.91 -0.19
C ASN D 62 -3.48 -28.01 -0.36
N VAL D 63 -2.48 -28.50 -1.09
CA VAL D 63 -1.30 -27.71 -1.41
C VAL D 63 -1.02 -27.86 -2.90
N TYR D 64 -1.30 -26.82 -3.68
CA TYR D 64 -0.95 -26.85 -5.09
C TYR D 64 0.46 -26.33 -5.30
N ALA D 65 1.19 -26.95 -6.21
CA ALA D 65 2.57 -26.59 -6.49
C ALA D 65 2.70 -26.30 -7.98
N ASP D 66 2.87 -25.03 -8.32
CA ASP D 66 3.10 -24.62 -9.69
C ASP D 66 4.60 -24.57 -9.95
N SER D 67 5.00 -24.94 -11.16
CA SER D 67 6.41 -25.07 -11.51
C SER D 67 6.66 -24.49 -12.89
N PHE D 68 7.70 -23.67 -13.01
CA PHE D 68 8.07 -23.11 -14.31
C PHE D 68 9.50 -22.58 -14.25
N VAL D 69 9.94 -21.98 -15.36
CA VAL D 69 11.29 -21.43 -15.49
C VAL D 69 11.18 -20.03 -16.10
N ILE D 70 11.87 -19.07 -15.48
CA ILE D 70 11.93 -17.69 -15.98
C ILE D 70 13.37 -17.23 -15.96
N ARG D 71 13.60 -15.92 -15.91
CA ARG D 71 14.92 -15.35 -15.80
C ARG D 71 15.10 -14.71 -14.43
N GLY D 72 16.29 -14.15 -14.21
CA GLY D 72 16.63 -13.62 -12.90
C GLY D 72 15.81 -12.40 -12.52
N ASP D 73 15.76 -11.40 -13.42
CA ASP D 73 15.06 -10.17 -13.11
C ASP D 73 13.55 -10.34 -13.04
N GLU D 74 13.01 -11.38 -13.67
CA GLU D 74 11.57 -11.64 -13.62
C GLU D 74 11.15 -12.45 -12.41
N VAL D 75 12.07 -12.72 -11.48
CA VAL D 75 11.70 -13.46 -10.28
C VAL D 75 10.78 -12.63 -9.39
N ARG D 76 11.04 -11.32 -9.31
CA ARG D 76 10.22 -10.46 -8.47
C ARG D 76 8.79 -10.33 -8.97
N GLN D 77 8.53 -10.57 -10.25
CA GLN D 77 7.17 -10.48 -10.76
C GLN D 77 6.30 -11.62 -10.22
N ILE D 78 6.92 -12.73 -9.83
CA ILE D 78 6.17 -13.85 -9.25
C ILE D 78 5.83 -13.48 -7.81
N ALA D 79 4.84 -12.61 -7.65
CA ALA D 79 4.43 -12.11 -6.35
C ALA D 79 3.04 -11.51 -6.49
N PRO D 80 2.23 -11.50 -5.43
CA PRO D 80 0.87 -10.96 -5.53
C PRO D 80 0.91 -9.45 -5.76
N GLY D 81 0.17 -9.00 -6.77
CA GLY D 81 0.00 -7.59 -7.06
C GLY D 81 0.94 -7.04 -8.10
N GLN D 82 2.12 -7.63 -8.26
CA GLN D 82 3.10 -7.12 -9.20
C GLN D 82 2.60 -7.22 -10.64
N THR D 83 3.18 -6.37 -11.50
CA THR D 83 2.83 -6.33 -12.90
C THR D 83 4.09 -6.49 -13.75
N GLY D 84 3.89 -6.93 -14.97
CA GLY D 84 4.98 -7.23 -15.88
C GLY D 84 4.53 -8.25 -16.91
N LYS D 85 5.43 -8.49 -17.89
CA LYS D 85 5.13 -9.41 -18.97
C LYS D 85 4.70 -10.77 -18.44
N ILE D 86 5.48 -11.32 -17.51
CA ILE D 86 5.17 -12.63 -16.94
C ILE D 86 3.91 -12.55 -16.07
N ALA D 87 3.83 -11.52 -15.22
CA ALA D 87 2.70 -11.42 -14.31
C ALA D 87 1.40 -11.08 -15.02
N ASP D 88 1.46 -10.49 -16.21
CA ASP D 88 0.25 -10.10 -16.93
C ASP D 88 -0.17 -11.11 -17.99
N TYR D 89 0.77 -11.68 -18.74
CA TYR D 89 0.44 -12.56 -19.86
C TYR D 89 0.93 -13.99 -19.67
N ASN D 90 1.41 -14.35 -18.49
CA ASN D 90 1.94 -15.70 -18.32
C ASN D 90 1.43 -16.35 -17.04
N TYR D 91 1.80 -15.79 -15.88
CA TYR D 91 1.44 -16.38 -14.59
C TYR D 91 1.07 -15.28 -13.63
N LYS D 92 -0.19 -15.29 -13.17
CA LYS D 92 -0.73 -14.26 -12.28
C LYS D 92 -1.09 -14.88 -10.94
N LEU D 93 -0.68 -14.20 -9.86
CA LEU D 93 -1.01 -14.57 -8.49
C LEU D 93 -2.09 -13.67 -7.93
N PRO D 94 -3.04 -14.22 -7.18
CA PRO D 94 -4.15 -13.41 -6.67
C PRO D 94 -3.69 -12.44 -5.58
N ASP D 95 -4.54 -11.44 -5.33
CA ASP D 95 -4.23 -10.46 -4.30
C ASP D 95 -4.40 -11.03 -2.90
N ASP D 96 -5.37 -11.92 -2.70
CA ASP D 96 -5.53 -12.64 -1.44
C ASP D 96 -4.67 -13.89 -1.37
N PHE D 97 -3.47 -13.84 -1.96
CA PHE D 97 -2.60 -15.01 -1.99
C PHE D 97 -2.21 -15.44 -0.59
N THR D 98 -2.21 -16.75 -0.36
CA THR D 98 -1.81 -17.35 0.92
C THR D 98 -0.92 -18.55 0.58
N GLY D 99 0.36 -18.28 0.37
CA GLY D 99 1.30 -19.32 0.03
C GLY D 99 2.76 -18.87 0.11
N CYS D 100 3.61 -19.48 -0.70
CA CYS D 100 5.03 -19.15 -0.73
C CYS D 100 5.55 -19.29 -2.16
N VAL D 101 6.71 -18.68 -2.39
CA VAL D 101 7.37 -18.67 -3.69
C VAL D 101 8.83 -19.01 -3.45
N ILE D 102 9.31 -20.06 -4.12
CA ILE D 102 10.70 -20.49 -4.04
C ILE D 102 11.30 -20.37 -5.43
N ALA D 103 12.53 -19.88 -5.52
CA ALA D 103 13.19 -19.74 -6.80
C ALA D 103 14.68 -19.96 -6.62
N TRP D 104 15.31 -20.61 -7.60
CA TRP D 104 16.75 -20.82 -7.52
C TRP D 104 17.34 -20.83 -8.93
N ASN D 105 18.59 -20.34 -9.02
CA ASN D 105 19.30 -20.28 -10.28
C ASN D 105 19.64 -21.68 -10.77
N SER D 106 19.31 -21.97 -12.03
CA SER D 106 19.58 -23.25 -12.65
C SER D 106 20.36 -23.05 -13.94
N ASN D 107 21.45 -22.26 -13.87
CA ASN D 107 22.25 -22.02 -15.06
C ASN D 107 22.99 -23.28 -15.52
N ASN D 108 23.39 -24.14 -14.58
CA ASN D 108 24.07 -25.37 -14.93
C ASN D 108 23.17 -26.44 -15.52
N LEU D 109 21.85 -26.28 -15.38
CA LEU D 109 20.90 -27.29 -15.85
C LEU D 109 20.17 -26.89 -17.12
N ASP D 110 19.63 -25.67 -17.17
CA ASP D 110 18.79 -25.22 -18.26
C ASP D 110 19.55 -24.36 -19.28
N SER D 111 20.87 -24.29 -19.17
CA SER D 111 21.69 -23.56 -20.11
C SER D 111 22.71 -24.50 -20.73
N LYS D 112 23.03 -24.25 -22.00
CA LYS D 112 24.01 -25.06 -22.71
C LYS D 112 24.66 -24.23 -23.80
N VAL D 113 25.88 -24.61 -24.17
CA VAL D 113 26.62 -23.89 -25.19
C VAL D 113 25.84 -23.94 -26.50
N GLY D 114 25.75 -22.79 -27.17
CA GLY D 114 24.87 -22.63 -28.31
C GLY D 114 23.48 -22.14 -27.97
N GLY D 115 23.03 -22.34 -26.73
CA GLY D 115 21.76 -21.81 -26.28
C GLY D 115 20.67 -22.85 -26.12
N ASN D 116 20.01 -22.84 -24.96
CA ASN D 116 18.85 -23.68 -24.72
C ASN D 116 17.61 -22.82 -24.96
N TYR D 117 16.91 -23.11 -26.06
CA TYR D 117 15.75 -22.33 -26.47
C TYR D 117 14.44 -23.09 -26.29
N ASN D 118 14.43 -24.13 -25.45
CA ASN D 118 13.21 -24.91 -25.25
C ASN D 118 12.20 -24.21 -24.35
N TYR D 119 12.62 -23.17 -23.61
CA TYR D 119 11.73 -22.45 -22.70
C TYR D 119 11.16 -21.23 -23.39
N LEU D 120 9.84 -21.10 -23.33
CA LEU D 120 9.12 -20.02 -23.99
C LEU D 120 8.37 -19.17 -22.97
N TYR D 121 7.96 -17.98 -23.41
CA TYR D 121 7.12 -17.11 -22.59
C TYR D 121 6.23 -16.28 -23.51
N ARG D 122 5.02 -16.01 -23.03
CA ARG D 122 4.06 -15.22 -23.81
C ARG D 122 4.43 -13.75 -23.77
N LEU D 123 4.45 -13.11 -24.93
CA LEU D 123 4.84 -11.71 -25.07
C LEU D 123 3.64 -10.78 -25.22
N PHE D 124 2.65 -11.18 -26.01
CA PHE D 124 1.47 -10.37 -26.27
C PHE D 124 0.21 -11.11 -25.86
N ARG D 125 -0.81 -10.34 -25.48
CA ARG D 125 -2.14 -10.87 -25.21
C ARG D 125 -3.15 -9.74 -25.28
N LYS D 126 -4.39 -10.10 -25.62
CA LYS D 126 -5.45 -9.12 -25.72
C LYS D 126 -5.79 -8.50 -24.37
N SER D 127 -5.62 -9.26 -23.29
CA SER D 127 -5.95 -8.80 -21.94
C SER D 127 -5.06 -9.50 -20.93
N ASN D 128 -5.01 -8.94 -19.73
CA ASN D 128 -4.22 -9.52 -18.66
C ASN D 128 -4.84 -10.82 -18.16
N LEU D 129 -3.98 -11.73 -17.71
CA LEU D 129 -4.43 -13.00 -17.19
C LEU D 129 -5.00 -12.84 -15.79
N LYS D 130 -6.16 -13.44 -15.54
CA LYS D 130 -6.71 -13.49 -14.20
C LYS D 130 -5.86 -14.41 -13.33
N PRO D 131 -5.97 -14.29 -12.01
CA PRO D 131 -5.17 -15.15 -11.12
C PRO D 131 -5.37 -16.63 -11.42
N PHE D 132 -4.23 -17.33 -11.55
CA PHE D 132 -4.19 -18.77 -11.79
C PHE D 132 -4.83 -19.17 -13.12
N GLU D 133 -4.69 -18.31 -14.13
CA GLU D 133 -5.17 -18.59 -15.47
C GLU D 133 -4.02 -19.09 -16.34
N ARG D 134 -4.28 -20.12 -17.13
CA ARG D 134 -3.28 -20.71 -18.00
C ARG D 134 -3.73 -20.56 -19.45
N ASP D 135 -2.90 -19.91 -20.27
CA ASP D 135 -3.19 -19.67 -21.67
C ASP D 135 -2.12 -20.35 -22.51
N ILE D 136 -2.51 -21.35 -23.29
CA ILE D 136 -1.61 -22.09 -24.15
C ILE D 136 -1.98 -21.91 -25.62
N SER D 137 -2.71 -20.85 -25.95
CA SER D 137 -3.14 -20.60 -27.32
C SER D 137 -2.00 -20.06 -28.15
N THR D 138 -1.79 -20.65 -29.33
CA THR D 138 -0.76 -20.21 -30.27
C THR D 138 -1.36 -19.40 -31.42
N GLU D 139 -2.33 -18.56 -31.12
CA GLU D 139 -2.99 -17.74 -32.13
C GLU D 139 -2.21 -16.46 -32.35
N ILE D 140 -2.18 -16.01 -33.61
CA ILE D 140 -1.40 -14.83 -33.97
C ILE D 140 -2.01 -13.60 -33.31
N TYR D 141 -1.18 -12.87 -32.56
CA TYR D 141 -1.62 -11.62 -31.95
C TYR D 141 -1.81 -10.54 -33.02
N GLN D 142 -2.92 -9.81 -32.91
CA GLN D 142 -3.32 -8.81 -33.89
C GLN D 142 -3.18 -7.43 -33.25
N ALA D 143 -2.11 -6.72 -33.59
CA ALA D 143 -1.87 -5.38 -33.09
C ALA D 143 -2.39 -4.29 -34.02
N GLY D 144 -2.90 -4.66 -35.19
CA GLY D 144 -3.41 -3.69 -36.14
C GLY D 144 -4.85 -3.90 -36.53
N SER D 145 -5.32 -3.17 -37.54
CA SER D 145 -6.71 -3.27 -37.97
C SER D 145 -6.97 -4.47 -38.88
N THR D 146 -5.94 -4.96 -39.57
CA THR D 146 -6.22 -6.04 -40.49
C THR D 146 -6.17 -7.39 -39.77
N PRO D 147 -7.11 -8.28 -40.07
CA PRO D 147 -7.03 -9.64 -39.51
C PRO D 147 -5.75 -10.34 -39.97
N CYS D 148 -5.02 -10.90 -39.01
CA CYS D 148 -3.73 -11.52 -39.32
C CYS D 148 -3.88 -12.73 -40.22
N ASN D 149 -5.01 -13.44 -40.12
CA ASN D 149 -5.30 -14.59 -40.98
C ASN D 149 -4.27 -15.71 -40.79
N GLY D 150 -4.11 -16.13 -39.54
CA GLY D 150 -3.22 -17.22 -39.19
C GLY D 150 -1.75 -16.98 -39.44
N VAL D 151 -1.41 -15.92 -40.17
CA VAL D 151 -0.01 -15.57 -40.44
C VAL D 151 0.24 -14.21 -39.81
N GLU D 152 1.52 -13.90 -39.63
CA GLU D 152 1.92 -12.63 -39.06
C GLU D 152 2.72 -11.81 -40.07
N GLY D 153 2.84 -10.51 -39.78
CA GLY D 153 3.54 -9.59 -40.63
C GLY D 153 3.45 -8.16 -40.13
N PHE D 154 2.72 -7.31 -40.85
CA PHE D 154 2.53 -5.93 -40.44
C PHE D 154 1.53 -5.86 -39.30
N ASN D 155 1.96 -5.38 -38.14
CA ASN D 155 1.15 -5.27 -36.94
C ASN D 155 0.58 -6.63 -36.50
N CYS D 156 1.22 -7.72 -36.91
CA CYS D 156 0.84 -9.06 -36.51
C CYS D 156 2.09 -9.79 -36.07
N TYR D 157 2.08 -10.32 -34.85
CA TYR D 157 3.25 -10.95 -34.27
C TYR D 157 2.85 -12.27 -33.62
N PHE D 158 3.86 -13.11 -33.37
CA PHE D 158 3.61 -14.34 -32.66
C PHE D 158 3.60 -14.10 -31.16
N PRO D 159 2.66 -14.69 -30.42
CA PRO D 159 2.55 -14.39 -28.99
C PRO D 159 3.62 -15.03 -28.13
N LEU D 160 4.31 -16.05 -28.62
CA LEU D 160 5.33 -16.74 -27.83
C LEU D 160 6.72 -16.31 -28.26
N GLN D 161 7.65 -16.30 -27.31
CA GLN D 161 9.01 -15.87 -27.56
C GLN D 161 9.96 -16.75 -26.77
N SER D 162 11.10 -17.08 -27.36
CA SER D 162 12.09 -17.93 -26.70
C SER D 162 12.96 -17.12 -25.75
N TYR D 163 13.36 -17.76 -24.65
CA TYR D 163 14.20 -17.10 -23.66
C TYR D 163 15.63 -16.97 -24.15
N GLY D 164 16.28 -18.09 -24.47
CA GLY D 164 17.66 -18.05 -24.87
C GLY D 164 18.60 -18.13 -23.69
N PHE D 165 18.76 -19.33 -23.13
CA PHE D 165 19.56 -19.54 -21.93
C PHE D 165 20.94 -20.05 -22.33
N GLN D 166 21.93 -19.18 -22.23
CA GLN D 166 23.34 -19.46 -22.46
C GLN D 166 24.10 -19.44 -21.15
N PRO D 167 25.05 -20.35 -20.93
CA PRO D 167 25.81 -20.33 -19.67
C PRO D 167 26.60 -19.06 -19.46
N THR D 168 26.90 -18.31 -20.52
CA THR D 168 27.65 -17.07 -20.42
C THR D 168 26.76 -15.85 -20.24
N ASN D 169 25.48 -16.04 -19.93
CA ASN D 169 24.59 -14.90 -19.76
C ASN D 169 24.85 -14.21 -18.43
N GLY D 170 24.17 -13.09 -18.23
CA GLY D 170 24.21 -12.43 -16.95
C GLY D 170 23.24 -13.07 -15.96
N VAL D 171 23.48 -12.81 -14.67
CA VAL D 171 22.65 -13.39 -13.63
C VAL D 171 21.19 -13.00 -13.83
N GLY D 172 20.94 -11.78 -14.30
CA GLY D 172 19.58 -11.35 -14.56
C GLY D 172 18.88 -12.10 -15.66
N TYR D 173 19.64 -12.69 -16.59
CA TYR D 173 19.06 -13.43 -17.70
C TYR D 173 19.36 -14.92 -17.64
N GLN D 174 20.07 -15.39 -16.62
CA GLN D 174 20.27 -16.82 -16.46
C GLN D 174 18.95 -17.48 -16.08
N PRO D 175 18.76 -18.75 -16.45
CA PRO D 175 17.49 -19.42 -16.16
C PRO D 175 17.31 -19.67 -14.67
N TYR D 176 16.13 -19.33 -14.16
CA TYR D 176 15.75 -19.57 -12.79
C TYR D 176 14.55 -20.51 -12.75
N ARG D 177 14.63 -21.53 -11.90
CA ARG D 177 13.51 -22.45 -11.69
C ARG D 177 12.69 -21.95 -10.51
N VAL D 178 11.37 -21.85 -10.71
CA VAL D 178 10.46 -21.27 -9.74
C VAL D 178 9.36 -22.26 -9.42
N VAL D 179 9.09 -22.45 -8.14
CA VAL D 179 8.00 -23.28 -7.64
C VAL D 179 7.17 -22.45 -6.67
N VAL D 180 5.87 -22.34 -6.95
CA VAL D 180 4.94 -21.57 -6.14
C VAL D 180 4.03 -22.54 -5.40
N LEU D 181 4.07 -22.49 -4.07
CA LEU D 181 3.21 -23.31 -3.23
C LEU D 181 2.01 -22.46 -2.83
N SER D 182 0.81 -22.93 -3.15
CA SER D 182 -0.43 -22.28 -2.77
C SER D 182 -1.17 -23.18 -1.79
N PHE D 183 -1.48 -22.64 -0.61
CA PHE D 183 -2.11 -23.39 0.46
C PHE D 183 -3.61 -23.10 0.47
N GLU D 184 -4.43 -24.14 0.41
CA GLU D 184 -5.88 -24.01 0.35
C GLU D 184 -6.48 -24.65 1.60
N LEU D 185 -7.30 -23.87 2.32
CA LEU D 185 -7.93 -24.29 3.57
C LEU D 185 -9.45 -24.22 3.40
N LEU D 186 -10.01 -25.27 2.80
CA LEU D 186 -11.46 -25.33 2.57
C LEU D 186 -12.18 -25.76 3.85
N HIS D 187 -13.16 -26.67 3.70
CA HIS D 187 -14.01 -27.13 4.79
C HIS D 187 -14.13 -28.65 4.69
N ALA D 188 -13.03 -29.33 5.02
CA ALA D 188 -12.94 -30.78 4.87
C ALA D 188 -11.82 -31.27 5.78
N PRO D 189 -11.72 -32.59 6.02
CA PRO D 189 -10.59 -33.11 6.79
C PRO D 189 -9.25 -32.74 6.17
N ALA D 190 -8.48 -31.90 6.87
CA ALA D 190 -7.20 -31.42 6.36
C ALA D 190 -6.21 -32.58 6.23
N THR D 191 -5.76 -32.84 5.01
CA THR D 191 -4.89 -33.97 4.75
C THR D 191 -3.41 -33.64 4.93
N VAL D 192 -2.94 -32.60 4.25
CA VAL D 192 -1.52 -32.24 4.30
C VAL D 192 -1.24 -31.49 5.60
N CYS D 193 -0.30 -32.00 6.39
CA CYS D 193 0.09 -31.38 7.65
C CYS D 193 1.60 -31.48 7.79
N GLY D 194 2.11 -31.07 8.95
CA GLY D 194 3.52 -31.18 9.25
C GLY D 194 3.74 -31.66 10.67
N PRO D 195 5.00 -32.00 11.01
CA PRO D 195 5.37 -32.43 12.36
C PRO D 195 5.03 -31.41 13.43
N GLU E 1 8.88 -14.25 34.05
CA GLU E 1 8.81 -15.63 33.58
C GLU E 1 9.71 -15.84 32.36
N VAL E 2 9.24 -15.37 31.20
CA VAL E 2 10.01 -15.48 29.97
C VAL E 2 11.19 -14.53 30.05
N GLN E 3 12.40 -15.06 29.90
CA GLN E 3 13.61 -14.26 29.97
C GLN E 3 14.55 -14.62 28.83
N LEU E 4 15.11 -13.60 28.18
CA LEU E 4 16.11 -13.75 27.14
C LEU E 4 17.30 -12.87 27.49
N VAL E 5 18.47 -13.48 27.66
CA VAL E 5 19.68 -12.76 28.06
C VAL E 5 20.70 -12.90 26.95
N GLU E 6 21.09 -11.77 26.36
CA GLU E 6 22.11 -11.77 25.32
C GLU E 6 23.51 -11.63 25.92
N SER E 7 24.51 -12.03 25.14
CA SER E 7 25.89 -11.93 25.58
C SER E 7 26.81 -12.07 24.38
N GLY E 8 27.99 -11.45 24.48
CA GLY E 8 29.03 -11.57 23.46
C GLY E 8 29.40 -10.27 22.78
N GLY E 9 28.63 -9.21 22.97
CA GLY E 9 28.92 -7.96 22.29
C GLY E 9 30.22 -7.33 22.75
N GLY E 10 30.74 -6.44 21.92
CA GLY E 10 32.00 -5.78 22.26
C GLY E 10 32.63 -5.12 21.04
N VAL E 11 33.95 -5.04 21.08
CA VAL E 11 34.74 -4.32 20.08
C VAL E 11 35.16 -5.31 19.00
N VAL E 12 34.92 -4.94 17.74
CA VAL E 12 35.39 -5.71 16.60
C VAL E 12 36.00 -4.74 15.59
N GLN E 13 37.12 -5.10 15.03
CA GLN E 13 37.69 -4.34 13.94
C GLN E 13 37.16 -4.86 12.61
N PRO E 14 37.14 -4.03 11.58
CA PRO E 14 36.56 -4.46 10.30
C PRO E 14 37.24 -5.71 9.76
N GLY E 15 36.42 -6.62 9.20
CA GLY E 15 36.90 -7.83 8.60
C GLY E 15 36.86 -9.05 9.51
N ARG E 16 36.99 -8.85 10.82
CA ARG E 16 37.03 -9.98 11.74
C ARG E 16 35.65 -10.58 11.96
N SER E 17 35.50 -11.40 12.99
CA SER E 17 34.27 -12.11 13.26
C SER E 17 33.96 -12.04 14.75
N LEU E 18 32.71 -12.34 15.08
CA LEU E 18 32.28 -12.30 16.48
C LEU E 18 31.02 -13.15 16.64
N ARG E 19 30.96 -13.89 17.75
CA ARG E 19 29.82 -14.75 18.05
C ARG E 19 29.00 -14.15 19.18
N LEU E 20 27.69 -14.14 19.01
CA LEU E 20 26.75 -13.69 20.03
C LEU E 20 25.86 -14.86 20.44
N SER E 21 25.50 -14.88 21.73
CA SER E 21 24.65 -15.93 22.27
C SER E 21 23.46 -15.29 22.98
N CYS E 22 22.39 -16.07 23.07
CA CYS E 22 21.14 -15.64 23.71
C CYS E 22 20.60 -16.83 24.49
N ALA E 23 20.62 -16.72 25.81
CA ALA E 23 20.12 -17.76 26.70
C ALA E 23 18.66 -17.49 27.04
N ALA E 24 17.80 -18.47 26.80
CA ALA E 24 16.38 -18.36 27.06
C ALA E 24 16.01 -19.13 28.32
N SER E 25 14.91 -18.71 28.93
CA SER E 25 14.40 -19.40 30.12
C SER E 25 12.91 -19.10 30.29
N GLY E 26 12.14 -20.12 30.63
CA GLY E 26 10.74 -19.96 30.93
C GLY E 26 9.77 -20.46 29.89
N PHE E 27 10.22 -21.25 28.92
CA PHE E 27 9.33 -21.78 27.90
C PHE E 27 10.03 -22.92 27.19
N THR E 28 9.26 -23.67 26.40
CA THR E 28 9.78 -24.78 25.61
C THR E 28 10.53 -24.20 24.42
N PHE E 29 11.86 -24.25 24.47
CA PHE E 29 12.68 -23.60 23.45
C PHE E 29 12.52 -24.29 22.09
N SER E 30 12.36 -25.61 22.08
CA SER E 30 12.33 -26.37 20.84
C SER E 30 11.02 -26.22 20.07
N SER E 31 10.08 -25.41 20.55
CA SER E 31 8.77 -25.28 19.92
C SER E 31 8.57 -23.90 19.29
N TYR E 32 9.54 -23.00 19.39
CA TYR E 32 9.41 -21.66 18.85
C TYR E 32 10.60 -21.34 17.96
N GLY E 33 10.34 -20.65 16.85
CA GLY E 33 11.42 -20.09 16.07
C GLY E 33 11.98 -18.83 16.72
N MET E 34 13.24 -18.53 16.40
CA MET E 34 13.92 -17.41 17.02
C MET E 34 14.37 -16.40 15.97
N HIS E 35 14.49 -15.14 16.41
CA HIS E 35 14.85 -14.03 15.54
C HIS E 35 16.01 -13.25 16.14
N TRP E 36 16.87 -12.73 15.27
CA TRP E 36 17.89 -11.75 15.63
C TRP E 36 17.56 -10.46 14.92
N VAL E 37 17.46 -9.37 15.69
CA VAL E 37 17.07 -8.06 15.18
C VAL E 37 18.00 -7.01 15.78
N ARG E 38 18.60 -6.18 14.92
CA ARG E 38 19.55 -5.18 15.37
C ARG E 38 18.97 -3.77 15.26
N GLN E 39 19.55 -2.86 16.03
CA GLN E 39 19.15 -1.45 16.02
C GLN E 39 20.41 -0.61 16.05
N ALA E 40 20.65 0.14 14.98
CA ALA E 40 21.80 1.03 14.95
C ALA E 40 21.47 2.32 15.69
N PRO E 41 22.32 2.77 16.61
CA PRO E 41 22.03 4.01 17.34
C PRO E 41 21.91 5.19 16.38
N GLY E 42 20.74 5.82 16.37
CA GLY E 42 20.46 6.86 15.40
C GLY E 42 19.42 6.41 14.40
N LYS E 43 19.49 5.14 14.00
CA LYS E 43 18.52 4.56 13.09
C LYS E 43 17.39 3.90 13.89
N GLY E 44 16.51 3.19 13.19
CA GLY E 44 15.41 2.49 13.81
C GLY E 44 15.70 1.01 13.98
N LEU E 45 14.66 0.20 13.86
CA LEU E 45 14.76 -1.24 14.05
C LEU E 45 14.95 -1.93 12.70
N GLU E 46 15.84 -2.92 12.67
CA GLU E 46 16.15 -3.65 11.45
C GLU E 46 16.24 -5.13 11.77
N TRP E 47 15.46 -5.93 11.05
CA TRP E 47 15.51 -7.38 11.22
C TRP E 47 16.76 -7.94 10.54
N VAL E 48 17.38 -8.93 11.19
CA VAL E 48 18.61 -9.55 10.69
C VAL E 48 18.35 -10.97 10.22
N ALA E 49 17.95 -11.86 11.12
CA ALA E 49 17.86 -13.27 10.75
C ALA E 49 16.78 -13.97 11.57
N VAL E 50 16.46 -15.20 11.14
CA VAL E 50 15.49 -16.04 11.83
C VAL E 50 15.90 -17.49 11.63
N ILE E 51 15.67 -18.30 12.65
CA ILE E 51 15.86 -19.74 12.59
C ILE E 51 14.55 -20.43 13.01
N TRP E 52 14.21 -21.50 12.31
CA TRP E 52 13.02 -22.27 12.62
C TRP E 52 13.16 -22.94 13.99
N TYR E 53 12.12 -23.67 14.38
CA TYR E 53 12.26 -24.59 15.50
C TYR E 53 13.31 -25.65 15.15
N ASP E 54 13.96 -26.17 16.19
CA ASP E 54 14.99 -27.21 16.11
C ASP E 54 16.21 -26.83 15.24
N GLY E 55 15.99 -25.97 14.25
CA GLY E 55 17.05 -25.64 13.32
C GLY E 55 16.81 -26.28 11.98
N SER E 56 16.42 -25.46 10.99
CA SER E 56 16.11 -25.91 9.65
C SER E 56 16.01 -24.66 8.78
N ASN E 57 16.13 -24.86 7.46
CA ASN E 57 16.19 -23.83 6.43
C ASN E 57 16.13 -22.41 6.97
N LYS E 58 17.20 -21.98 7.63
CA LYS E 58 17.27 -20.67 8.24
C LYS E 58 17.14 -19.57 7.19
N HIS E 59 16.37 -18.53 7.52
CA HIS E 59 16.11 -17.43 6.60
C HIS E 59 16.90 -16.21 7.06
N TYR E 60 17.67 -15.63 6.14
CA TYR E 60 18.53 -14.49 6.44
C TYR E 60 17.94 -13.24 5.81
N ALA E 61 18.72 -12.16 5.83
CA ALA E 61 18.35 -10.91 5.18
C ALA E 61 19.48 -10.51 4.23
N ASP E 62 19.14 -9.66 3.27
CA ASP E 62 20.14 -9.18 2.33
C ASP E 62 21.20 -8.36 3.07
N SER E 63 22.36 -8.20 2.42
CA SER E 63 23.54 -7.58 3.01
C SER E 63 24.06 -8.33 4.23
N VAL E 64 23.62 -9.59 4.38
CA VAL E 64 23.96 -10.41 5.54
C VAL E 64 24.06 -11.86 5.09
N LYS E 65 23.28 -12.20 4.05
CA LYS E 65 23.10 -13.58 3.60
C LYS E 65 24.40 -14.38 3.57
N GLY E 66 25.44 -13.83 2.96
CA GLY E 66 26.69 -14.55 2.89
C GLY E 66 27.67 -14.28 4.01
N ARG E 67 27.33 -13.37 4.92
CA ARG E 67 28.24 -12.94 5.97
C ARG E 67 27.95 -13.56 7.33
N PHE E 68 26.71 -13.45 7.81
CA PHE E 68 26.37 -13.97 9.13
C PHE E 68 25.92 -15.43 9.03
N THR E 69 25.72 -16.05 10.19
CA THR E 69 25.24 -17.43 10.27
C THR E 69 24.53 -17.63 11.59
N ILE E 70 23.24 -17.94 11.54
CA ILE E 70 22.43 -18.12 12.75
C ILE E 70 22.26 -19.62 13.00
N SER E 71 22.37 -20.01 14.26
CA SER E 71 22.18 -21.41 14.66
C SER E 71 21.55 -21.42 16.04
N ARG E 72 21.25 -22.61 16.55
CA ARG E 72 20.64 -22.72 17.86
C ARG E 72 21.05 -24.04 18.51
N ASP E 73 20.61 -24.21 19.76
CA ASP E 73 20.94 -25.39 20.55
C ASP E 73 19.81 -25.57 21.56
N ASN E 74 18.95 -26.57 21.33
CA ASN E 74 17.81 -26.79 22.21
C ASN E 74 18.24 -27.31 23.58
N SER E 75 19.38 -28.00 23.65
CA SER E 75 19.86 -28.52 24.93
C SER E 75 20.19 -27.38 25.89
N LYS E 76 21.07 -26.47 25.48
CA LYS E 76 21.45 -25.33 26.29
C LYS E 76 20.41 -24.21 26.26
N ASN E 77 19.32 -24.39 25.51
CA ASN E 77 18.28 -23.37 25.37
C ASN E 77 18.85 -22.07 24.83
N THR E 78 19.77 -22.17 23.87
CA THR E 78 20.58 -21.04 23.45
C THR E 78 20.44 -20.79 21.95
N LEU E 79 20.51 -19.53 21.57
CA LEU E 79 20.49 -19.09 20.18
C LEU E 79 21.80 -18.38 19.86
N TYR E 80 22.43 -18.75 18.75
CA TYR E 80 23.74 -18.21 18.39
C TYR E 80 23.66 -17.47 17.07
N LEU E 81 24.45 -16.39 16.97
CA LEU E 81 24.60 -15.63 15.74
C LEU E 81 26.09 -15.35 15.54
N GLN E 82 26.66 -15.93 14.48
CA GLN E 82 28.08 -15.81 14.17
C GLN E 82 28.23 -14.83 13.01
N MET E 83 28.72 -13.63 13.32
CA MET E 83 28.94 -12.61 12.32
C MET E 83 30.36 -12.71 11.77
N ASN E 84 30.48 -12.72 10.44
CA ASN E 84 31.76 -12.82 9.76
C ASN E 84 31.96 -11.62 8.84
N SER E 85 33.19 -11.16 8.74
CA SER E 85 33.56 -9.99 7.92
C SER E 85 32.69 -8.79 8.28
N LEU E 86 32.73 -8.44 9.57
CA LEU E 86 31.90 -7.36 10.08
C LEU E 86 32.34 -6.03 9.48
N ARG E 87 31.39 -5.26 9.00
CA ARG E 87 31.63 -3.95 8.42
C ARG E 87 31.26 -2.86 9.42
N ALA E 88 31.58 -1.61 9.05
CA ALA E 88 31.34 -0.49 9.96
C ALA E 88 29.87 -0.31 10.24
N GLU E 89 29.01 -0.54 9.25
CA GLU E 89 27.58 -0.31 9.41
C GLU E 89 26.88 -1.42 10.18
N ASP E 90 27.61 -2.42 10.66
CA ASP E 90 27.03 -3.46 11.49
C ASP E 90 27.02 -3.10 12.98
N THR E 91 27.58 -1.93 13.33
CA THR E 91 27.58 -1.47 14.71
C THR E 91 26.15 -1.22 15.16
N ALA E 92 25.69 -1.96 16.17
CA ALA E 92 24.31 -1.85 16.60
C ALA E 92 24.11 -2.57 17.92
N VAL E 93 22.95 -2.35 18.51
CA VAL E 93 22.49 -3.13 19.66
C VAL E 93 21.64 -4.28 19.11
N TYR E 94 22.02 -5.51 19.46
CA TYR E 94 21.38 -6.70 18.93
C TYR E 94 20.45 -7.30 19.98
N TYR E 95 19.27 -7.73 19.53
CA TYR E 95 18.26 -8.35 20.37
C TYR E 95 17.87 -9.70 19.78
N CYS E 96 17.55 -10.65 20.65
CA CYS E 96 16.95 -11.91 20.25
C CYS E 96 15.48 -11.90 20.63
N ALA E 97 14.63 -12.41 19.73
CA ALA E 97 13.19 -12.37 19.91
C ALA E 97 12.58 -13.72 19.59
N ARG E 98 11.37 -13.93 20.08
CA ARG E 98 10.62 -15.17 19.90
C ARG E 98 9.60 -15.02 18.77
N ASP E 99 9.12 -16.15 18.28
CA ASP E 99 8.03 -16.18 17.31
C ASP E 99 6.74 -16.61 18.01
N GLU E 100 5.62 -16.26 17.38
CA GLU E 100 4.31 -16.64 17.91
C GLU E 100 3.27 -16.41 16.81
N GLY E 101 2.17 -17.16 16.91
CA GLY E 101 1.06 -17.02 15.99
C GLY E 101 0.64 -18.35 15.38
N THR E 102 -0.65 -18.46 15.08
CA THR E 102 -1.16 -19.57 14.29
C THR E 102 -0.43 -19.60 12.96
N MET E 103 -0.79 -18.68 12.06
CA MET E 103 0.10 -18.28 10.99
C MET E 103 0.86 -17.05 11.50
N THR E 104 1.50 -16.29 10.60
CA THR E 104 2.10 -15.01 10.94
C THR E 104 3.25 -15.20 11.95
N THR E 105 4.00 -14.14 12.21
CA THR E 105 5.08 -14.16 13.20
C THR E 105 5.23 -12.78 13.78
N TYR E 106 5.06 -12.66 15.08
CA TYR E 106 5.35 -11.42 15.80
C TYR E 106 6.27 -11.73 16.96
N PHE E 107 7.05 -10.73 17.35
CA PHE E 107 8.05 -10.88 18.41
C PHE E 107 7.39 -10.53 19.74
N ASP E 108 6.95 -11.54 20.48
CA ASP E 108 6.19 -11.28 21.70
C ASP E 108 7.10 -10.98 22.89
N TYR E 109 8.31 -11.52 22.91
CA TYR E 109 9.23 -11.30 24.01
C TYR E 109 10.62 -11.03 23.47
N TRP E 110 11.27 -10.01 24.03
CA TRP E 110 12.59 -9.58 23.60
C TRP E 110 13.59 -9.73 24.74
N GLY E 111 14.87 -9.57 24.40
CA GLY E 111 15.93 -9.51 25.38
C GLY E 111 16.45 -8.08 25.53
N GLN E 112 17.27 -7.89 26.55
CA GLN E 112 17.79 -6.56 26.84
C GLN E 112 18.72 -6.06 25.73
N GLY E 113 19.37 -6.96 25.02
CA GLY E 113 20.23 -6.61 23.92
C GLY E 113 21.71 -6.64 24.32
N THR E 114 22.55 -6.45 23.31
CA THR E 114 24.00 -6.41 23.53
C THR E 114 24.62 -5.55 22.44
N LEU E 115 25.60 -4.73 22.84
CA LEU E 115 26.18 -3.74 21.94
C LEU E 115 27.35 -4.33 21.18
N VAL E 116 27.38 -4.11 19.87
CA VAL E 116 28.48 -4.53 19.00
C VAL E 116 28.97 -3.30 18.28
N THR E 117 30.21 -2.89 18.57
CA THR E 117 30.84 -1.72 17.96
C THR E 117 31.94 -2.19 17.02
N VAL E 118 31.81 -1.83 15.74
CA VAL E 118 32.76 -2.23 14.71
C VAL E 118 33.49 -0.98 14.25
N SER E 119 34.77 -0.88 14.61
CA SER E 119 35.61 0.24 14.21
C SER E 119 37.06 -0.17 14.33
N SER E 120 37.91 0.46 13.51
CA SER E 120 39.34 0.20 13.53
C SER E 120 40.03 0.86 14.71
N ALA E 121 39.32 1.64 15.51
CA ALA E 121 39.92 2.31 16.66
C ALA E 121 40.35 1.30 17.71
N SER E 122 41.09 1.79 18.71
CA SER E 122 41.63 0.98 19.78
C SER E 122 40.92 1.32 21.08
N THR E 123 40.64 0.29 21.88
CA THR E 123 40.03 0.51 23.19
C THR E 123 40.90 1.45 24.01
N LYS E 124 40.32 2.57 24.44
CA LYS E 124 41.08 3.62 25.10
C LYS E 124 40.26 4.21 26.24
N GLY E 125 40.93 4.46 27.37
CA GLY E 125 40.32 5.11 28.50
C GLY E 125 40.11 6.58 28.26
N PRO E 126 39.16 7.18 28.98
CA PRO E 126 38.80 8.58 28.76
C PRO E 126 39.60 9.57 29.57
N SER E 127 39.71 10.78 29.04
CA SER E 127 40.27 11.92 29.76
C SER E 127 39.14 12.73 30.39
N VAL E 128 39.24 12.97 31.69
CA VAL E 128 38.21 13.68 32.44
C VAL E 128 38.72 15.07 32.77
N PHE E 129 37.98 16.10 32.33
CA PHE E 129 38.35 17.48 32.60
C PHE E 129 37.22 18.16 33.37
N PRO E 130 37.54 19.07 34.29
CA PRO E 130 36.49 19.71 35.08
C PRO E 130 35.89 20.91 34.35
N LEU E 131 34.57 21.06 34.48
CA LEU E 131 33.85 22.26 34.07
C LEU E 131 33.44 22.93 35.38
N ALA E 132 34.29 23.84 35.85
CA ALA E 132 34.18 24.45 37.16
C ALA E 132 33.09 25.52 37.18
N PRO E 133 32.40 25.69 38.32
CA PRO E 133 31.43 26.78 38.42
C PRO E 133 32.13 28.12 38.38
N SER E 134 31.45 29.11 37.80
CA SER E 134 32.04 30.44 37.66
C SER E 134 32.27 31.06 39.03
N SER E 135 33.48 31.63 39.22
CA SER E 135 33.83 32.30 40.46
C SER E 135 33.23 33.69 40.56
N LYS E 136 32.69 34.21 39.46
CA LYS E 136 32.06 35.53 39.46
C LYS E 136 30.64 35.51 40.01
N SER E 137 29.98 34.34 39.98
CA SER E 137 28.55 34.22 40.29
C SER E 137 27.78 35.24 39.46
N THR E 138 27.35 34.85 38.27
CA THR E 138 26.66 35.76 37.37
C THR E 138 25.27 36.13 37.86
N SER E 139 24.32 35.20 37.78
CA SER E 139 22.94 35.48 38.16
C SER E 139 22.28 34.21 38.67
N GLY E 140 21.35 34.38 39.60
CA GLY E 140 20.57 33.28 40.13
C GLY E 140 21.34 32.44 41.12
N GLY E 141 20.66 31.91 42.14
CA GLY E 141 21.35 31.08 43.12
C GLY E 141 21.93 29.82 42.51
N THR E 142 21.21 29.23 41.55
CA THR E 142 21.65 27.99 40.93
C THR E 142 22.94 28.20 40.12
N ALA E 143 23.99 27.49 40.52
CA ALA E 143 25.25 27.44 39.79
C ALA E 143 25.34 26.10 39.06
N ALA E 144 26.21 26.05 38.04
CA ALA E 144 26.36 24.86 37.22
C ALA E 144 27.81 24.41 37.21
N LEU E 145 28.01 23.10 37.29
CA LEU E 145 29.35 22.53 37.17
C LEU E 145 29.22 21.18 36.46
N GLY E 146 30.35 20.54 36.21
CA GLY E 146 30.28 19.23 35.59
C GLY E 146 31.65 18.69 35.20
N CYS E 147 31.60 17.65 34.37
CA CYS E 147 32.79 16.93 33.91
C CYS E 147 32.67 16.66 32.42
N LEU E 148 33.75 16.95 31.69
CA LEU E 148 33.86 16.62 30.27
C LEU E 148 34.68 15.34 30.14
N VAL E 149 34.04 14.28 29.62
CA VAL E 149 34.66 12.98 29.42
C VAL E 149 34.96 12.87 27.93
N LYS E 150 36.23 13.02 27.56
CA LYS E 150 36.62 13.14 26.17
C LYS E 150 37.55 12.00 25.77
N ASP E 151 37.47 11.60 24.49
CA ASP E 151 38.46 10.71 23.87
C ASP E 151 38.49 9.34 24.55
N TYR E 152 37.43 8.57 24.29
CA TYR E 152 37.36 7.19 24.74
C TYR E 152 36.72 6.34 23.66
N PHE E 153 36.89 5.02 23.79
CA PHE E 153 36.32 4.06 22.86
C PHE E 153 36.36 2.68 23.49
N PRO E 154 35.29 1.88 23.41
CA PRO E 154 33.99 2.28 22.85
C PRO E 154 32.98 2.64 23.93
N GLU E 155 31.70 2.76 23.53
CA GLU E 155 30.64 2.99 24.48
C GLU E 155 30.46 1.76 25.38
N PRO E 156 29.88 1.94 26.58
CA PRO E 156 29.46 3.20 27.17
C PRO E 156 30.31 3.64 28.36
N VAL E 157 30.09 4.86 28.84
CA VAL E 157 30.68 5.35 30.07
C VAL E 157 29.55 5.62 31.06
N THR E 158 29.77 5.25 32.32
CA THR E 158 28.78 5.47 33.36
C THR E 158 29.29 6.58 34.28
N VAL E 159 28.49 7.63 34.43
CA VAL E 159 28.88 8.80 35.21
C VAL E 159 27.92 8.95 36.38
N SER E 160 28.48 9.01 37.59
CA SER E 160 27.70 9.24 38.80
C SER E 160 28.33 10.40 39.55
N TRP E 161 27.63 10.87 40.59
CA TRP E 161 28.11 11.97 41.40
C TRP E 161 28.04 11.61 42.88
N ASN E 162 29.17 11.79 43.58
CA ASN E 162 29.30 11.47 44.99
C ASN E 162 28.95 10.00 45.26
N SER E 163 29.47 9.12 44.42
CA SER E 163 29.26 7.67 44.54
C SER E 163 27.78 7.31 44.53
N GLY E 164 26.99 8.07 43.75
CA GLY E 164 25.57 7.82 43.67
C GLY E 164 24.75 8.47 44.77
N ALA E 165 25.24 9.54 45.38
CA ALA E 165 24.53 10.25 46.43
C ALA E 165 23.96 11.58 45.96
N LEU E 166 24.20 11.97 44.70
CA LEU E 166 23.71 13.22 44.15
C LEU E 166 22.98 12.91 42.85
N THR E 167 21.65 13.00 42.88
CA THR E 167 20.82 12.70 41.72
C THR E 167 20.04 13.89 41.19
N SER E 168 19.57 14.77 42.05
CA SER E 168 18.72 15.88 41.62
C SER E 168 19.50 16.89 40.79
N GLY E 169 18.97 17.21 39.61
CA GLY E 169 19.58 18.21 38.75
C GLY E 169 20.76 17.73 37.94
N VAL E 170 20.97 16.42 37.81
CA VAL E 170 22.09 15.86 37.08
C VAL E 170 21.64 15.55 35.66
N HIS E 171 22.43 15.99 34.68
CA HIS E 171 22.15 15.74 33.27
C HIS E 171 23.40 15.15 32.63
N THR E 172 23.34 13.89 32.25
CA THR E 172 24.43 13.23 31.53
C THR E 172 24.05 13.15 30.06
N PHE E 173 24.67 13.99 29.24
CA PHE E 173 24.30 14.10 27.84
C PHE E 173 24.69 12.82 27.09
N PRO E 174 23.94 12.47 26.05
CA PRO E 174 24.33 11.33 25.22
C PRO E 174 25.70 11.56 24.61
N ALA E 175 26.48 10.50 24.53
CA ALA E 175 27.82 10.60 23.98
C ALA E 175 27.76 10.98 22.50
N VAL E 176 28.74 11.75 22.07
CA VAL E 176 28.87 12.16 20.67
C VAL E 176 30.14 11.53 20.10
N LEU E 177 30.08 11.23 18.81
CA LEU E 177 31.22 10.62 18.11
C LEU E 177 32.03 11.73 17.44
N GLN E 178 33.31 11.83 17.81
CA GLN E 178 34.18 12.83 17.23
C GLN E 178 34.79 12.35 15.92
N SER E 179 35.38 13.30 15.18
CA SER E 179 36.01 12.97 13.90
C SER E 179 37.19 12.02 14.09
N SER E 180 37.84 12.05 15.24
CA SER E 180 39.00 11.21 15.51
C SER E 180 38.62 9.74 15.72
N GLY E 181 37.34 9.41 15.77
CA GLY E 181 36.90 8.04 16.02
C GLY E 181 36.66 7.70 17.48
N LEU E 182 36.89 8.64 18.38
CA LEU E 182 36.62 8.47 19.81
C LEU E 182 35.37 9.22 20.20
N TYR E 183 34.82 8.87 21.35
CA TYR E 183 33.58 9.45 21.85
C TYR E 183 33.85 10.58 22.84
N SER E 184 32.90 11.51 22.92
CA SER E 184 32.93 12.60 23.87
C SER E 184 31.57 12.73 24.53
N LEU E 185 31.58 13.21 25.77
CA LEU E 185 30.36 13.31 26.56
C LEU E 185 30.56 14.38 27.62
N SER E 186 29.45 14.95 28.09
CA SER E 186 29.49 15.94 29.15
C SER E 186 28.41 15.61 30.17
N SER E 187 28.77 15.65 31.45
CA SER E 187 27.82 15.42 32.53
C SER E 187 27.82 16.63 33.45
N VAL E 188 26.68 17.31 33.53
CA VAL E 188 26.57 18.56 34.27
C VAL E 188 25.59 18.37 35.43
N VAL E 189 25.65 19.30 36.37
CA VAL E 189 24.79 19.30 37.55
C VAL E 189 24.66 20.73 38.04
N THR E 190 23.43 21.11 38.38
CA THR E 190 23.10 22.43 38.91
C THR E 190 22.88 22.29 40.42
N VAL E 191 23.56 23.15 41.18
CA VAL E 191 23.51 23.09 42.65
C VAL E 191 23.26 24.49 43.17
N PRO E 192 22.71 24.61 44.38
CA PRO E 192 22.60 25.94 45.00
C PRO E 192 23.98 26.55 45.21
N SER E 193 24.06 27.87 45.05
CA SER E 193 25.34 28.56 45.26
C SER E 193 25.87 28.28 46.66
N SER E 194 24.99 28.34 47.67
CA SER E 194 25.32 28.05 49.07
C SER E 194 26.17 26.80 49.25
N SER E 195 25.95 25.77 48.43
CA SER E 195 26.65 24.51 48.62
C SER E 195 28.10 24.53 48.15
N LEU E 196 28.48 25.47 47.28
CA LEU E 196 29.80 25.42 46.65
C LEU E 196 30.93 25.39 47.67
N GLY E 197 30.80 26.17 48.74
CA GLY E 197 31.82 26.19 49.77
C GLY E 197 31.80 24.99 50.68
N THR E 198 30.63 24.36 50.84
CA THR E 198 30.45 23.30 51.82
C THR E 198 30.56 21.90 51.21
N GLN E 199 30.04 21.70 50.01
CA GLN E 199 29.91 20.37 49.43
C GLN E 199 31.10 20.09 48.52
N THR E 200 31.78 18.98 48.78
CA THR E 200 32.79 18.46 47.86
C THR E 200 32.09 17.77 46.70
N TYR E 201 32.37 18.22 45.48
CA TYR E 201 31.71 17.71 44.29
C TYR E 201 32.70 16.86 43.49
N ILE E 202 32.40 15.58 43.37
CA ILE E 202 33.25 14.61 42.69
C ILE E 202 32.41 13.81 41.71
N CYS E 203 32.83 13.78 40.45
CA CYS E 203 32.20 12.95 39.43
C CYS E 203 32.99 11.66 39.29
N ASN E 204 32.27 10.54 39.26
CA ASN E 204 32.86 9.22 39.11
C ASN E 204 32.51 8.71 37.72
N VAL E 205 33.53 8.58 36.88
CA VAL E 205 33.38 8.11 35.51
C VAL E 205 33.97 6.71 35.42
N ASN E 206 33.18 5.78 34.90
CA ASN E 206 33.57 4.37 34.79
C ASN E 206 33.50 3.95 33.34
N HIS E 207 34.61 3.40 32.83
CA HIS E 207 34.68 2.87 31.47
C HIS E 207 35.20 1.44 31.57
N LYS E 208 34.29 0.47 31.47
CA LYS E 208 34.60 -0.94 31.68
C LYS E 208 35.46 -1.55 30.56
N PRO E 209 35.19 -1.27 29.28
CA PRO E 209 36.04 -1.87 28.23
C PRO E 209 37.53 -1.56 28.38
N SER E 210 37.88 -0.39 28.91
CA SER E 210 39.28 -0.07 29.20
C SER E 210 39.61 -0.18 30.69
N ASN E 211 38.61 -0.49 31.53
CA ASN E 211 38.79 -0.65 32.97
C ASN E 211 39.39 0.60 33.60
N THR E 212 38.80 1.76 33.29
CA THR E 212 39.27 3.05 33.77
C THR E 212 38.20 3.63 34.68
N LYS E 213 38.52 3.72 35.98
CA LYS E 213 37.62 4.29 36.99
C LYS E 213 38.28 5.55 37.52
N VAL E 214 37.66 6.71 37.28
CA VAL E 214 38.24 8.00 37.62
C VAL E 214 37.27 8.77 38.50
N ASP E 215 37.76 9.25 39.65
CA ASP E 215 36.99 10.10 40.55
C ASP E 215 37.63 11.49 40.51
N LYS E 216 37.03 12.40 39.75
CA LYS E 216 37.58 13.73 39.56
C LYS E 216 36.76 14.75 40.34
N LYS E 217 37.43 15.55 41.16
CA LYS E 217 36.76 16.54 41.99
C LYS E 217 36.65 17.86 41.24
N VAL E 218 35.43 18.38 41.15
CA VAL E 218 35.17 19.70 40.58
C VAL E 218 35.00 20.67 41.73
N GLU E 219 35.89 21.66 41.81
CA GLU E 219 35.92 22.66 42.86
C GLU E 219 35.66 24.04 42.27
N PRO E 220 35.27 25.01 43.10
CA PRO E 220 35.10 26.38 42.60
C PRO E 220 36.38 26.92 42.00
N LYS E 221 36.24 28.03 41.27
CA LYS E 221 37.38 28.61 40.57
C LYS E 221 38.22 29.47 41.51
N SER E 222 39.54 29.32 41.39
CA SER E 222 40.48 30.11 42.18
C SER E 222 40.51 31.57 41.73
N CYS E 223 41.69 32.18 41.77
CA CYS E 223 41.85 33.58 41.38
C CYS E 223 42.95 33.72 40.35
N GLU F 1 9.74 -7.30 -1.16
CA GLU F 1 9.75 -6.58 0.10
C GLU F 1 8.55 -5.63 0.19
N ILE F 2 8.37 -5.03 1.37
CA ILE F 2 7.25 -4.11 1.62
C ILE F 2 7.77 -2.95 2.45
N VAL F 3 7.46 -1.73 2.01
CA VAL F 3 7.94 -0.52 2.68
C VAL F 3 6.81 0.04 3.53
N LEU F 4 7.09 0.24 4.82
CA LEU F 4 6.14 0.80 5.76
C LEU F 4 6.49 2.26 6.06
N THR F 5 5.47 3.10 6.16
CA THR F 5 5.65 4.53 6.43
C THR F 5 4.76 4.94 7.59
N GLN F 6 5.36 5.44 8.66
CA GLN F 6 4.60 5.92 9.81
C GLN F 6 4.33 7.41 9.68
N SER F 7 3.29 7.86 10.37
CA SER F 7 2.92 9.26 10.33
C SER F 7 2.17 9.65 11.60
N PRO F 8 2.58 10.74 12.27
CA PRO F 8 3.76 11.53 11.90
C PRO F 8 5.06 10.91 12.43
N SER F 9 6.21 11.45 12.04
CA SER F 9 7.48 10.95 12.55
C SER F 9 7.72 11.39 13.98
N SER F 10 7.05 12.45 14.44
CA SER F 10 7.13 12.88 15.82
C SER F 10 5.88 13.68 16.13
N LEU F 11 5.56 13.77 17.41
CA LEU F 11 4.36 14.47 17.84
C LEU F 11 4.53 14.91 19.28
N SER F 12 3.67 15.84 19.71
CA SER F 12 3.70 16.39 21.05
C SER F 12 2.28 16.45 21.57
N ALA F 13 2.00 15.68 22.62
CA ALA F 13 0.66 15.63 23.20
C ALA F 13 0.76 15.75 24.71
N SER F 14 -0.35 16.12 25.32
CA SER F 14 -0.44 16.31 26.76
C SER F 14 -1.02 15.06 27.42
N VAL F 15 -0.97 15.05 28.75
CA VAL F 15 -1.46 13.90 29.50
C VAL F 15 -2.97 13.77 29.35
N GLY F 16 -3.44 12.53 29.17
CA GLY F 16 -4.84 12.26 28.98
C GLY F 16 -5.37 12.46 27.58
N ASP F 17 -4.64 13.16 26.73
CA ASP F 17 -5.10 13.38 25.36
C ASP F 17 -5.00 12.09 24.55
N ARG F 18 -5.94 11.92 23.63
CA ARG F 18 -5.93 10.78 22.73
C ARG F 18 -4.88 11.00 21.64
N VAL F 19 -3.99 10.03 21.47
CA VAL F 19 -2.92 10.12 20.48
C VAL F 19 -3.20 9.10 19.39
N THR F 20 -2.88 9.47 18.15
CA THR F 20 -3.17 8.63 16.99
C THR F 20 -1.96 8.59 16.09
N ILE F 21 -1.48 7.38 15.77
CA ILE F 21 -0.36 7.17 14.88
C ILE F 21 -0.81 6.26 13.75
N THR F 22 -0.47 6.62 12.52
CA THR F 22 -0.88 5.84 11.36
C THR F 22 0.33 5.15 10.74
N CYS F 23 0.07 3.99 10.12
CA CYS F 23 1.09 3.21 9.45
C CYS F 23 0.54 2.77 8.10
N ARG F 24 1.27 3.08 7.03
CA ARG F 24 0.85 2.81 5.67
C ARG F 24 1.79 1.80 5.04
N ALA F 25 1.22 0.82 4.33
CA ALA F 25 1.98 -0.20 3.64
C ALA F 25 1.90 0.02 2.13
N SER F 26 2.96 -0.39 1.44
CA SER F 26 3.01 -0.23 -0.01
C SER F 26 2.03 -1.14 -0.73
N GLN F 27 1.49 -2.15 -0.06
CA GLN F 27 0.52 -3.05 -0.66
C GLN F 27 -0.31 -3.68 0.46
N SER F 28 -1.41 -4.31 0.06
CA SER F 28 -2.35 -4.87 1.03
C SER F 28 -1.67 -5.97 1.85
N ILE F 29 -1.83 -5.90 3.16
CA ILE F 29 -1.27 -6.89 4.07
C ILE F 29 -2.35 -7.36 5.04
N SER F 30 -3.62 -7.18 4.64
CA SER F 30 -4.78 -7.63 5.42
C SER F 30 -4.76 -7.08 6.83
N SER F 31 -4.57 -7.97 7.82
CA SER F 31 -4.48 -7.58 9.22
C SER F 31 -3.16 -8.04 9.83
N TYR F 32 -2.13 -8.26 9.00
CA TYR F 32 -0.88 -8.85 9.44
C TYR F 32 0.12 -7.73 9.76
N LEU F 33 -0.19 -6.98 10.82
CA LEU F 33 0.68 -5.90 11.28
C LEU F 33 0.60 -5.81 12.79
N ASN F 34 1.69 -5.35 13.40
CA ASN F 34 1.79 -5.28 14.85
C ASN F 34 2.52 -4.00 15.25
N TRP F 35 2.40 -3.65 16.53
CA TRP F 35 2.94 -2.41 17.08
C TRP F 35 3.88 -2.71 18.24
N TYR F 36 4.91 -1.88 18.39
CA TYR F 36 5.91 -2.04 19.43
C TYR F 36 6.24 -0.70 20.07
N GLN F 37 6.44 -0.72 21.39
CA GLN F 37 6.82 0.46 22.16
C GLN F 37 8.26 0.29 22.65
N GLN F 38 9.06 1.35 22.50
CA GLN F 38 10.46 1.31 22.91
C GLN F 38 10.84 2.62 23.58
N LYS F 39 11.27 2.54 24.87
CA LYS F 39 11.80 3.68 25.60
C LYS F 39 13.30 3.81 25.36
N PRO F 40 13.86 5.03 25.48
CA PRO F 40 15.30 5.21 25.23
C PRO F 40 16.18 4.27 26.03
N GLY F 41 17.00 3.49 25.33
CA GLY F 41 17.90 2.55 25.95
C GLY F 41 17.32 1.18 26.21
N LYS F 42 16.03 1.10 26.51
CA LYS F 42 15.40 -0.16 26.84
C LYS F 42 15.01 -0.92 25.56
N ALA F 43 14.65 -2.20 25.74
CA ALA F 43 14.26 -3.06 24.63
C ALA F 43 12.81 -2.84 24.26
N PRO F 44 12.44 -3.13 23.02
CA PRO F 44 11.03 -3.00 22.60
C PRO F 44 10.12 -3.97 23.33
N LYS F 45 8.85 -3.60 23.39
CA LYS F 45 7.80 -4.42 23.99
C LYS F 45 6.63 -4.51 23.03
N LEU F 46 6.03 -5.70 22.94
CA LEU F 46 4.86 -5.88 22.08
C LEU F 46 3.63 -5.24 22.70
N LEU F 47 2.86 -4.53 21.86
CA LEU F 47 1.62 -3.89 22.28
C LEU F 47 0.43 -4.54 21.60
N ILE F 48 0.31 -4.39 20.28
CA ILE F 48 -0.81 -4.92 19.51
C ILE F 48 -0.25 -5.90 18.48
N TYR F 49 -0.92 -7.04 18.33
CA TYR F 49 -0.59 -8.03 17.33
C TYR F 49 -1.81 -8.31 16.46
N ASP F 50 -1.58 -8.55 15.17
CA ASP F 50 -2.65 -8.79 14.20
C ASP F 50 -3.68 -7.67 14.24
N ALA F 51 -3.20 -6.45 13.95
CA ALA F 51 -4.04 -5.28 13.76
C ALA F 51 -4.74 -4.81 15.03
N SER F 52 -5.63 -5.63 15.58
CA SER F 52 -6.54 -5.18 16.63
C SER F 52 -6.71 -6.24 17.72
N SER F 53 -5.59 -6.78 18.21
CA SER F 53 -5.61 -7.70 19.34
C SER F 53 -4.66 -7.18 20.41
N LEU F 54 -5.15 -7.07 21.64
CA LEU F 54 -4.37 -6.52 22.74
C LEU F 54 -3.56 -7.64 23.38
N GLN F 55 -2.24 -7.44 23.45
CA GLN F 55 -1.37 -8.38 24.14
C GLN F 55 -1.68 -8.38 25.63
N SER F 56 -1.51 -9.54 26.25
CA SER F 56 -1.73 -9.65 27.69
C SER F 56 -0.77 -8.73 28.45
N GLY F 57 -1.27 -8.12 29.52
CA GLY F 57 -0.51 -7.19 30.31
C GLY F 57 -0.54 -5.76 29.82
N VAL F 58 -0.72 -5.56 28.52
CA VAL F 58 -0.80 -4.21 27.97
C VAL F 58 -2.10 -3.55 28.44
N PRO F 59 -2.07 -2.33 28.95
CA PRO F 59 -3.30 -1.69 29.40
C PRO F 59 -4.29 -1.50 28.26
N SER F 60 -5.58 -1.43 28.64
CA SER F 60 -6.64 -1.34 27.65
C SER F 60 -6.72 0.02 26.99
N ARG F 61 -5.94 1.01 27.44
CA ARG F 61 -5.95 2.32 26.80
C ARG F 61 -5.36 2.27 25.39
N PHE F 62 -4.54 1.27 25.08
CA PHE F 62 -4.02 1.11 23.73
C PHE F 62 -5.02 0.35 22.87
N SER F 63 -5.14 0.75 21.61
CA SER F 63 -6.04 0.05 20.71
C SER F 63 -5.57 0.23 19.27
N GLY F 64 -5.38 -0.87 18.57
CA GLY F 64 -5.04 -0.85 17.17
C GLY F 64 -6.24 -1.18 16.32
N SER F 65 -6.25 -0.65 15.10
CA SER F 65 -7.36 -0.91 14.19
C SER F 65 -6.92 -0.61 12.76
N GLY F 66 -7.35 -1.43 11.82
CA GLY F 66 -7.02 -1.19 10.43
C GLY F 66 -7.32 -2.40 9.58
N SER F 67 -7.27 -2.18 8.27
CA SER F 67 -7.57 -3.22 7.30
C SER F 67 -7.01 -2.78 5.95
N GLY F 68 -6.25 -3.67 5.31
CA GLY F 68 -5.71 -3.38 4.00
C GLY F 68 -4.32 -2.80 4.02
N THR F 69 -4.20 -1.50 3.75
CA THR F 69 -2.91 -0.83 3.65
C THR F 69 -2.70 0.28 4.66
N ASP F 70 -3.74 0.67 5.41
CA ASP F 70 -3.65 1.78 6.35
C ASP F 70 -4.14 1.31 7.72
N PHE F 71 -3.25 1.34 8.71
CA PHE F 71 -3.58 0.93 10.06
C PHE F 71 -3.30 2.09 11.03
N THR F 72 -3.83 1.97 12.24
CA THR F 72 -3.80 3.09 13.17
C THR F 72 -3.77 2.58 14.60
N LEU F 73 -2.82 3.08 15.38
CA LEU F 73 -2.74 2.84 16.81
C LEU F 73 -3.19 4.09 17.56
N THR F 74 -4.08 3.91 18.54
CA THR F 74 -4.62 5.02 19.30
C THR F 74 -4.47 4.76 20.79
N ILE F 75 -4.07 5.81 21.51
CA ILE F 75 -4.02 5.82 22.96
C ILE F 75 -5.16 6.72 23.42
N SER F 76 -6.15 6.13 24.09
CA SER F 76 -7.33 6.90 24.49
C SER F 76 -6.97 7.96 25.52
N SER F 77 -6.12 7.62 26.48
CA SER F 77 -5.71 8.55 27.52
C SER F 77 -4.20 8.43 27.69
N LEU F 78 -3.46 9.42 27.19
CA LEU F 78 -2.02 9.39 27.29
C LEU F 78 -1.59 9.49 28.76
N GLN F 79 -0.50 8.81 29.09
CA GLN F 79 0.02 8.73 30.44
C GLN F 79 1.52 9.00 30.42
N PRO F 80 2.09 9.42 31.55
CA PRO F 80 3.53 9.71 31.58
C PRO F 80 4.40 8.51 31.25
N GLU F 81 3.91 7.29 31.47
CA GLU F 81 4.65 6.09 31.15
C GLU F 81 4.68 5.81 29.65
N ASP F 82 3.96 6.57 28.84
CA ASP F 82 3.84 6.32 27.42
C ASP F 82 4.80 7.16 26.57
N PHE F 83 5.69 7.92 27.21
CA PHE F 83 6.73 8.65 26.48
C PHE F 83 7.72 7.64 25.92
N ALA F 84 7.57 7.31 24.64
CA ALA F 84 8.41 6.32 23.99
C ALA F 84 8.20 6.41 22.49
N THR F 85 8.99 5.65 21.75
CA THR F 85 8.89 5.58 20.30
C THR F 85 8.04 4.36 19.94
N TYR F 86 7.20 4.51 18.92
CA TYR F 86 6.28 3.45 18.51
C TYR F 86 6.59 3.03 17.08
N TYR F 87 6.77 1.72 16.89
CA TYR F 87 7.10 1.14 15.59
C TYR F 87 5.97 0.25 15.13
N CYS F 88 5.65 0.31 13.85
CA CYS F 88 4.74 -0.63 13.21
C CYS F 88 5.55 -1.59 12.35
N GLN F 89 5.18 -2.86 12.37
CA GLN F 89 5.91 -3.88 11.62
C GLN F 89 4.93 -4.83 10.97
N GLN F 90 5.08 -5.04 9.67
CA GLN F 90 4.25 -5.98 8.94
C GLN F 90 4.88 -7.37 8.95
N SER F 91 4.02 -8.38 8.95
CA SER F 91 4.45 -9.77 8.98
C SER F 91 3.65 -10.60 7.99
N TYR F 92 3.20 -9.98 6.90
CA TYR F 92 2.49 -10.67 5.83
C TYR F 92 3.47 -11.28 4.84
N SER F 93 4.29 -10.45 4.19
CA SER F 93 5.31 -10.92 3.27
C SER F 93 6.63 -11.04 4.05
N THR F 94 6.92 -12.25 4.52
CA THR F 94 8.14 -12.53 5.27
C THR F 94 8.81 -13.79 4.71
N PRO F 95 10.15 -13.80 4.64
CA PRO F 95 11.05 -12.71 5.01
C PRO F 95 11.18 -11.67 3.90
N PRO F 96 11.67 -10.46 4.23
CA PRO F 96 12.07 -10.01 5.57
C PRO F 96 10.96 -9.36 6.38
N TRP F 97 11.07 -9.42 7.70
CA TRP F 97 10.18 -8.66 8.59
C TRP F 97 10.59 -7.20 8.57
N THR F 98 9.72 -6.33 8.07
CA THR F 98 10.05 -4.92 7.88
C THR F 98 9.43 -4.08 8.98
N PHE F 99 10.23 -3.18 9.55
CA PHE F 99 9.80 -2.27 10.59
C PHE F 99 9.48 -0.89 10.03
N GLY F 100 8.84 -0.07 10.85
CA GLY F 100 8.63 1.33 10.51
C GLY F 100 9.78 2.20 10.98
N GLN F 101 9.75 3.46 10.55
CA GLN F 101 10.82 4.39 10.90
C GLN F 101 10.72 4.88 12.34
N GLY F 102 9.56 4.77 12.96
CA GLY F 102 9.41 5.12 14.36
C GLY F 102 8.66 6.44 14.54
N THR F 103 7.79 6.47 15.55
CA THR F 103 7.02 7.66 15.89
C THR F 103 7.31 7.99 17.35
N LYS F 104 8.07 9.06 17.59
CA LYS F 104 8.44 9.44 18.94
C LYS F 104 7.33 10.27 19.55
N VAL F 105 6.72 9.75 20.61
CA VAL F 105 5.68 10.48 21.34
C VAL F 105 6.35 11.34 22.40
N GLU F 106 6.04 12.64 22.37
CA GLU F 106 6.67 13.62 23.24
C GLU F 106 5.61 14.24 24.14
N ILE F 107 5.93 14.37 25.43
CA ILE F 107 4.99 14.92 26.40
C ILE F 107 5.17 16.43 26.46
N LYS F 108 4.07 17.16 26.29
CA LYS F 108 4.09 18.61 26.16
C LYS F 108 4.00 19.28 27.52
N ARG F 109 4.58 20.47 27.62
CA ARG F 109 4.56 21.24 28.87
C ARG F 109 4.56 22.72 28.50
N THR F 110 4.92 23.56 29.47
CA THR F 110 4.91 25.01 29.32
C THR F 110 6.25 25.49 28.78
N VAL F 111 6.21 26.59 28.02
CA VAL F 111 7.42 27.18 27.49
C VAL F 111 8.32 27.60 28.64
N ALA F 112 9.60 27.19 28.58
CA ALA F 112 10.57 27.51 29.61
C ALA F 112 11.86 27.98 28.96
N ALA F 113 12.34 29.14 29.40
CA ALA F 113 13.60 29.66 28.88
C ALA F 113 14.77 28.85 29.45
N PRO F 114 15.80 28.59 28.64
CA PRO F 114 16.95 27.82 29.14
C PRO F 114 17.86 28.66 30.04
N SER F 115 18.40 28.02 31.06
CA SER F 115 19.45 28.63 31.87
C SER F 115 20.77 28.43 31.16
N VAL F 116 21.43 29.53 30.78
CA VAL F 116 22.61 29.47 29.93
C VAL F 116 23.86 29.67 30.78
N PHE F 117 24.80 28.72 30.68
CA PHE F 117 26.08 28.80 31.35
C PHE F 117 27.19 28.54 30.34
N ILE F 118 28.36 29.10 30.61
CA ILE F 118 29.53 28.92 29.75
C ILE F 118 30.70 28.45 30.60
N PHE F 119 31.47 27.51 30.06
CA PHE F 119 32.63 26.94 30.76
C PHE F 119 33.84 27.07 29.84
N PRO F 120 34.85 27.84 30.22
CA PRO F 120 36.09 27.91 29.44
C PRO F 120 36.87 26.62 29.55
N PRO F 121 37.83 26.37 28.66
CA PRO F 121 38.64 25.15 28.77
C PRO F 121 39.55 25.22 29.98
N SER F 122 39.57 24.14 30.75
CA SER F 122 40.43 24.07 31.93
C SER F 122 41.89 24.01 31.50
N ASP F 123 42.78 24.42 32.43
CA ASP F 123 44.20 24.36 32.14
C ASP F 123 44.69 22.94 31.90
N GLU F 124 44.01 21.95 32.50
CA GLU F 124 44.40 20.56 32.30
C GLU F 124 44.30 20.15 30.84
N GLN F 125 43.24 20.57 30.15
CA GLN F 125 43.08 20.26 28.74
C GLN F 125 43.85 21.24 27.86
N LEU F 126 43.99 22.49 28.30
CA LEU F 126 44.80 23.45 27.56
C LEU F 126 46.26 23.04 27.49
N LYS F 127 46.72 22.27 28.48
CA LYS F 127 48.09 21.75 28.43
C LYS F 127 48.24 20.64 27.40
N SER F 128 47.15 19.91 27.11
CA SER F 128 47.18 18.79 26.19
C SER F 128 47.09 19.21 24.73
N GLY F 129 47.01 20.51 24.45
CA GLY F 129 47.01 21.00 23.08
C GLY F 129 45.66 21.21 22.44
N THR F 130 44.57 21.05 23.19
CA THR F 130 43.23 21.22 22.65
C THR F 130 42.40 22.03 23.63
N ALA F 131 41.56 22.93 23.11
CA ALA F 131 40.68 23.75 23.92
C ALA F 131 39.23 23.43 23.57
N SER F 132 38.46 23.09 24.60
CA SER F 132 37.04 22.76 24.45
C SER F 132 36.23 23.72 25.31
N VAL F 133 35.47 24.60 24.65
CA VAL F 133 34.60 25.55 25.33
C VAL F 133 33.19 24.96 25.35
N VAL F 134 32.57 24.95 26.53
CA VAL F 134 31.27 24.30 26.70
C VAL F 134 30.22 25.36 26.95
N CYS F 135 29.05 25.19 26.34
CA CYS F 135 27.90 26.05 26.59
C CYS F 135 26.71 25.16 26.95
N LEU F 136 26.14 25.38 28.13
CA LEU F 136 25.09 24.54 28.67
C LEU F 136 23.77 25.30 28.72
N LEU F 137 22.73 24.69 28.16
CA LEU F 137 21.36 25.17 28.23
C LEU F 137 20.60 24.21 29.14
N ASN F 138 20.19 24.68 30.31
CA ASN F 138 19.57 23.83 31.32
C ASN F 138 18.07 24.06 31.36
N ASN F 139 17.32 22.95 31.27
CA ASN F 139 15.88 22.91 31.49
C ASN F 139 15.12 23.93 30.66
N PHE F 140 14.86 23.62 29.40
CA PHE F 140 14.09 24.48 28.53
C PHE F 140 13.06 23.66 27.76
N TYR F 141 12.07 24.38 27.22
CA TYR F 141 11.04 23.80 26.36
C TYR F 141 10.48 24.90 25.49
N PRO F 142 10.25 24.66 24.18
CA PRO F 142 10.42 23.38 23.49
C PRO F 142 11.87 23.04 23.16
N ARG F 143 12.05 21.97 22.37
CA ARG F 143 13.39 21.48 22.05
C ARG F 143 14.12 22.40 21.07
N GLU F 144 13.38 23.16 20.27
CA GLU F 144 14.00 24.03 19.27
C GLU F 144 14.76 25.15 19.95
N ALA F 145 16.06 25.27 19.65
CA ALA F 145 16.90 26.31 20.22
C ALA F 145 18.13 26.48 19.35
N LYS F 146 18.51 27.73 19.10
CA LYS F 146 19.65 28.05 18.25
C LYS F 146 20.82 28.49 19.11
N VAL F 147 21.94 27.77 19.01
CA VAL F 147 23.16 28.08 19.76
C VAL F 147 24.23 28.48 18.76
N GLN F 148 24.81 29.67 18.96
CA GLN F 148 25.81 30.19 18.05
C GLN F 148 27.06 30.60 18.82
N TRP F 149 28.22 30.25 18.28
CA TRP F 149 29.49 30.59 18.89
C TRP F 149 30.07 31.81 18.21
N LYS F 150 30.66 32.70 19.00
CA LYS F 150 31.28 33.92 18.48
C LYS F 150 32.66 34.07 19.12
N VAL F 151 33.69 34.11 18.29
CA VAL F 151 35.06 34.30 18.75
C VAL F 151 35.52 35.64 18.22
N ASP F 152 35.67 36.61 19.13
CA ASP F 152 35.93 38.01 18.77
C ASP F 152 34.86 38.52 17.81
N ASN F 153 33.60 38.25 18.16
CA ASN F 153 32.42 38.69 17.42
C ASN F 153 32.31 38.04 16.04
N ALA F 154 33.06 36.98 15.78
CA ALA F 154 33.03 36.29 14.50
C ALA F 154 32.25 34.99 14.66
N LEU F 155 31.19 34.85 13.86
CA LEU F 155 30.33 33.67 13.97
C LEU F 155 31.10 32.42 13.59
N GLN F 156 30.96 31.37 14.41
CA GLN F 156 31.62 30.10 14.18
C GLN F 156 30.70 29.11 13.48
N SER F 157 31.31 28.19 12.75
CA SER F 157 30.56 27.18 12.00
C SER F 157 31.47 25.99 11.74
N GLY F 158 30.94 24.79 11.94
CA GLY F 158 31.66 23.57 11.61
C GLY F 158 32.71 23.13 12.60
N ASN F 159 32.86 23.81 13.74
CA ASN F 159 33.80 23.43 14.77
C ASN F 159 33.11 23.22 16.11
N SER F 160 31.81 22.95 16.10
CA SER F 160 31.04 22.76 17.32
C SER F 160 30.15 21.54 17.19
N GLN F 161 29.89 20.89 18.32
CA GLN F 161 29.03 19.71 18.38
C GLN F 161 27.99 19.89 19.48
N GLU F 162 26.76 19.48 19.20
CA GLU F 162 25.66 19.62 20.14
C GLU F 162 25.20 18.25 20.61
N SER F 163 24.82 18.18 21.89
CA SER F 163 24.29 16.97 22.50
C SER F 163 23.05 17.35 23.29
N VAL F 164 21.94 16.65 23.04
CA VAL F 164 20.66 16.95 23.66
C VAL F 164 20.20 15.72 24.43
N THR F 165 19.72 15.94 25.65
CA THR F 165 19.16 14.85 26.43
C THR F 165 17.72 14.59 26.03
N GLU F 166 17.23 13.42 26.40
CA GLU F 166 15.82 13.12 26.22
C GLU F 166 15.00 13.98 27.20
N GLN F 167 13.68 13.96 27.00
CA GLN F 167 12.80 14.69 27.90
C GLN F 167 12.98 14.20 29.33
N ASP F 168 13.15 15.14 30.25
CA ASP F 168 13.39 14.78 31.64
C ASP F 168 12.19 14.05 32.24
N SER F 169 12.48 13.06 33.09
CA SER F 169 11.41 12.25 33.67
C SER F 169 10.52 13.07 34.60
N LYS F 170 11.06 14.12 35.23
CA LYS F 170 10.31 14.85 36.24
C LYS F 170 9.50 16.00 35.64
N ASP F 171 10.19 16.99 35.06
CA ASP F 171 9.54 18.21 34.58
C ASP F 171 9.41 18.29 33.06
N SER F 172 9.79 17.24 32.33
CA SER F 172 9.60 17.17 30.88
C SER F 172 10.36 18.27 30.14
N THR F 173 11.51 18.69 30.67
CA THR F 173 12.32 19.72 30.03
C THR F 173 13.54 19.12 29.35
N TYR F 174 14.14 19.90 28.45
CA TYR F 174 15.32 19.49 27.70
C TYR F 174 16.55 20.19 28.23
N SER F 175 17.71 19.60 27.94
CA SER F 175 19.00 20.18 28.25
C SER F 175 19.93 19.96 27.07
N LEU F 176 20.73 20.97 26.75
CA LEU F 176 21.59 20.94 25.58
C LEU F 176 23.01 21.36 25.97
N SER F 177 23.99 20.75 25.31
CA SER F 177 25.39 21.11 25.51
C SER F 177 26.05 21.29 24.15
N SER F 178 26.67 22.45 23.93
CA SER F 178 27.37 22.75 22.70
C SER F 178 28.85 22.93 23.02
N THR F 179 29.69 22.08 22.43
CA THR F 179 31.12 22.08 22.69
C THR F 179 31.85 22.55 21.44
N LEU F 180 32.62 23.61 21.59
CA LEU F 180 33.44 24.16 20.51
C LEU F 180 34.89 23.76 20.74
N THR F 181 35.49 23.12 19.73
CA THR F 181 36.83 22.55 19.85
C THR F 181 37.80 23.29 18.93
N LEU F 182 38.90 23.77 19.50
CA LEU F 182 39.98 24.41 18.75
C LEU F 182 41.30 23.85 19.22
N SER F 183 42.35 24.12 18.45
CA SER F 183 43.69 23.79 18.93
C SER F 183 44.12 24.77 20.01
N LYS F 184 45.15 24.39 20.75
CA LYS F 184 45.64 25.23 21.85
C LYS F 184 46.13 26.58 21.32
N ALA F 185 47.01 26.54 20.32
CA ALA F 185 47.52 27.77 19.74
C ALA F 185 46.40 28.66 19.21
N ASP F 186 45.48 28.08 18.43
CA ASP F 186 44.40 28.88 17.86
C ASP F 186 43.48 29.44 18.93
N TYR F 187 43.33 28.74 20.05
CA TYR F 187 42.60 29.30 21.19
C TYR F 187 43.34 30.50 21.75
N GLU F 188 44.67 30.42 21.88
CA GLU F 188 45.42 31.52 22.45
C GLU F 188 45.47 32.75 21.55
N LYS F 189 45.12 32.62 20.27
CA LYS F 189 45.16 33.75 19.35
C LYS F 189 43.94 34.67 19.47
N HIS F 190 43.03 34.42 20.40
CA HIS F 190 41.83 35.22 20.53
C HIS F 190 41.53 35.46 22.01
N LYS F 191 40.61 36.40 22.26
CA LYS F 191 40.29 36.83 23.62
C LYS F 191 38.85 36.53 24.01
N VAL F 192 37.87 37.11 23.31
CA VAL F 192 36.46 37.00 23.70
C VAL F 192 35.87 35.73 23.10
N TYR F 193 35.16 34.97 23.93
CA TYR F 193 34.43 33.79 23.49
C TYR F 193 33.01 33.89 24.03
N ALA F 194 32.03 33.82 23.14
CA ALA F 194 30.65 34.09 23.49
C ALA F 194 29.73 33.01 22.93
N CYS F 195 28.75 32.62 23.74
CA CYS F 195 27.70 31.70 23.35
C CYS F 195 26.39 32.46 23.32
N GLU F 196 25.74 32.48 22.15
CA GLU F 196 24.51 33.22 21.93
C GLU F 196 23.37 32.23 21.73
N VAL F 197 22.33 32.36 22.54
CA VAL F 197 21.20 31.44 22.55
C VAL F 197 19.96 32.19 22.11
N THR F 198 19.28 31.64 21.10
CA THR F 198 17.98 32.12 20.63
C THR F 198 16.96 31.04 20.93
N HIS F 199 15.94 31.40 21.71
CA HIS F 199 14.93 30.44 22.14
C HIS F 199 13.59 31.14 22.27
N GLN F 200 12.52 30.34 22.19
CA GLN F 200 11.17 30.89 22.24
C GLN F 200 10.88 31.53 23.60
N GLY F 201 11.44 30.99 24.68
CA GLY F 201 11.26 31.55 26.01
C GLY F 201 12.05 32.79 26.31
N LEU F 202 12.86 33.28 25.37
CA LEU F 202 13.67 34.47 25.56
C LEU F 202 13.15 35.59 24.66
N SER F 203 12.94 36.77 25.26
CA SER F 203 12.50 37.92 24.48
C SER F 203 13.55 38.34 23.47
N SER F 204 14.82 38.10 23.77
CA SER F 204 15.93 38.44 22.89
C SER F 204 17.03 37.43 23.12
N PRO F 205 17.88 37.18 22.12
CA PRO F 205 18.97 36.21 22.30
C PRO F 205 19.89 36.63 23.43
N VAL F 206 20.25 35.65 24.27
CA VAL F 206 21.08 35.92 25.45
C VAL F 206 22.50 35.46 25.16
N THR F 207 23.48 36.25 25.60
CA THR F 207 24.89 35.99 25.32
C THR F 207 25.64 35.77 26.62
N LYS F 208 26.42 34.69 26.68
CA LYS F 208 27.32 34.42 27.80
C LYS F 208 28.75 34.48 27.28
N SER F 209 29.54 35.39 27.82
CA SER F 209 30.87 35.70 27.31
C SER F 209 31.94 35.48 28.36
N PHE F 210 33.17 35.29 27.88
CA PHE F 210 34.32 35.29 28.77
C PHE F 210 35.59 35.63 27.96
N ASN F 211 36.54 36.25 28.65
CA ASN F 211 37.85 36.55 28.07
C ASN F 211 38.87 35.51 28.53
N ARG F 212 39.83 35.24 27.66
CA ARG F 212 40.86 34.23 27.93
C ARG F 212 41.74 34.60 29.12
N THR G 1 -20.47 -41.31 45.31
CA THR G 1 -19.13 -41.86 45.13
C THR G 1 -18.36 -41.10 44.06
N ASN G 2 -17.04 -41.04 44.22
CA ASN G 2 -16.10 -40.31 43.37
C ASN G 2 -16.66 -38.98 42.86
N LEU G 3 -17.39 -38.26 43.71
CA LEU G 3 -17.86 -36.93 43.36
C LEU G 3 -16.77 -35.91 43.63
N CYS G 4 -16.71 -34.89 42.78
CA CYS G 4 -15.64 -33.91 42.83
C CYS G 4 -15.73 -33.09 44.12
N PRO G 5 -14.58 -32.71 44.69
CA PRO G 5 -14.59 -31.99 45.98
C PRO G 5 -15.07 -30.56 45.87
N PHE G 6 -16.30 -30.36 45.37
CA PHE G 6 -16.85 -29.01 45.29
C PHE G 6 -17.23 -28.46 46.66
N GLY G 7 -17.48 -29.33 47.63
CA GLY G 7 -17.88 -28.85 48.94
C GLY G 7 -16.74 -28.21 49.71
N GLU G 8 -15.53 -28.76 49.57
CA GLU G 8 -14.38 -28.25 50.32
C GLU G 8 -13.80 -26.98 49.73
N VAL G 9 -14.29 -26.52 48.58
CA VAL G 9 -13.85 -25.28 47.97
C VAL G 9 -14.84 -24.14 48.23
N PHE G 10 -16.13 -24.41 48.05
CA PHE G 10 -17.14 -23.37 48.22
C PHE G 10 -17.41 -23.09 49.70
N ASN G 11 -17.70 -24.13 50.47
CA ASN G 11 -18.01 -23.99 51.89
C ASN G 11 -16.78 -24.04 52.80
N ALA G 12 -15.58 -23.94 52.23
CA ALA G 12 -14.36 -23.87 53.02
C ALA G 12 -14.47 -22.80 54.10
N THR G 13 -13.86 -23.08 55.26
CA THR G 13 -14.05 -22.22 56.43
C THR G 13 -13.52 -20.80 56.18
N ARG G 14 -12.30 -20.68 55.66
CA ARG G 14 -11.68 -19.37 55.46
C ARG G 14 -11.18 -19.25 54.02
N PHE G 15 -11.65 -18.23 53.31
CA PHE G 15 -11.26 -17.98 51.93
C PHE G 15 -9.94 -17.21 51.88
N ALA G 16 -9.37 -17.14 50.68
CA ALA G 16 -8.12 -16.45 50.42
C ALA G 16 -8.38 -15.04 49.90
N SER G 17 -7.36 -14.20 50.01
CA SER G 17 -7.46 -12.83 49.50
C SER G 17 -7.50 -12.84 47.97
N VAL G 18 -8.05 -11.77 47.41
CA VAL G 18 -8.20 -11.71 45.96
C VAL G 18 -6.84 -11.55 45.28
N TYR G 19 -5.89 -10.89 45.93
CA TYR G 19 -4.57 -10.76 45.34
C TYR G 19 -3.81 -12.08 45.37
N ALA G 20 -4.10 -12.94 46.36
CA ALA G 20 -3.51 -14.27 46.42
C ALA G 20 -4.59 -15.34 46.26
N TRP G 21 -5.31 -15.29 45.14
CA TRP G 21 -6.43 -16.20 44.92
C TRP G 21 -5.96 -17.65 44.93
N ASN G 22 -6.80 -18.53 45.46
CA ASN G 22 -6.42 -19.93 45.65
C ASN G 22 -6.96 -20.78 44.51
N ARG G 23 -6.07 -21.52 43.85
CA ARG G 23 -6.44 -22.37 42.72
C ARG G 23 -6.43 -23.83 43.16
N LYS G 24 -7.57 -24.51 43.01
CA LYS G 24 -7.69 -25.93 43.28
C LYS G 24 -8.03 -26.66 42.00
N ARG G 25 -7.26 -27.68 41.66
CA ARG G 25 -7.50 -28.43 40.44
C ARG G 25 -8.52 -29.54 40.71
N ILE G 26 -9.35 -29.80 39.70
CA ILE G 26 -10.39 -30.82 39.76
C ILE G 26 -10.20 -31.73 38.56
N SER G 27 -9.93 -33.01 38.84
CA SER G 27 -9.71 -34.01 37.81
C SER G 27 -9.99 -35.37 38.42
N ASN G 28 -10.36 -36.32 37.56
CA ASN G 28 -10.57 -37.72 37.95
C ASN G 28 -11.70 -37.85 38.97
N CYS G 29 -12.87 -37.35 38.58
CA CYS G 29 -14.08 -37.43 39.38
C CYS G 29 -15.25 -37.07 38.49
N VAL G 30 -16.46 -37.20 39.04
CA VAL G 30 -17.69 -36.80 38.35
C VAL G 30 -18.26 -35.58 39.07
N ALA G 31 -18.71 -34.61 38.28
CA ALA G 31 -19.14 -33.32 38.79
C ALA G 31 -20.66 -33.21 38.75
N ASP G 32 -21.23 -32.67 39.83
CA ASP G 32 -22.67 -32.45 39.96
C ASP G 32 -22.85 -31.01 40.44
N TYR G 33 -22.91 -30.08 39.50
CA TYR G 33 -23.04 -28.67 39.84
C TYR G 33 -24.41 -28.30 40.40
N SER G 34 -25.33 -29.23 40.63
CA SER G 34 -26.62 -28.90 41.23
C SER G 34 -26.53 -28.64 42.73
N VAL G 35 -25.35 -28.75 43.33
CA VAL G 35 -25.17 -28.48 44.75
C VAL G 35 -24.30 -27.24 44.89
N LEU G 36 -24.40 -26.34 43.91
CA LEU G 36 -23.57 -25.15 43.88
C LEU G 36 -24.42 -23.90 44.10
N TYR G 37 -25.08 -23.44 43.05
CA TYR G 37 -25.86 -22.20 43.11
C TYR G 37 -27.19 -22.51 43.79
N ASN G 38 -27.29 -22.18 45.07
CA ASN G 38 -28.53 -22.36 45.83
C ASN G 38 -29.44 -21.14 45.70
N SER G 39 -29.58 -20.64 44.47
CA SER G 39 -30.39 -19.47 44.15
C SER G 39 -30.12 -18.31 45.10
N ALA G 40 -31.00 -18.13 46.09
CA ALA G 40 -30.89 -17.08 47.09
C ALA G 40 -30.91 -15.69 46.45
N SER G 41 -30.63 -14.66 47.25
CA SER G 41 -30.60 -13.29 46.79
C SER G 41 -29.17 -12.78 46.76
N PHE G 42 -28.92 -11.79 45.91
CA PHE G 42 -27.63 -11.13 45.76
C PHE G 42 -26.55 -12.08 45.25
N SER G 43 -26.88 -13.36 45.12
CA SER G 43 -25.94 -14.34 44.59
C SER G 43 -25.95 -14.27 43.07
N THR G 44 -24.75 -14.17 42.50
CA THR G 44 -24.58 -14.05 41.06
C THR G 44 -23.99 -15.35 40.50
N PHE G 45 -24.48 -15.75 39.33
CA PHE G 45 -24.05 -16.97 38.67
C PHE G 45 -24.04 -16.69 37.18
N LYS G 46 -22.87 -16.41 36.61
CA LYS G 46 -22.75 -16.04 35.21
C LYS G 46 -21.78 -16.98 34.52
N CYS G 47 -22.26 -17.68 33.49
CA CYS G 47 -21.44 -18.61 32.73
C CYS G 47 -21.04 -17.99 31.40
N TYR G 48 -19.73 -17.89 31.17
CA TYR G 48 -19.16 -17.28 29.98
C TYR G 48 -18.59 -18.38 29.09
N GLY G 49 -19.22 -18.60 27.95
CA GLY G 49 -18.73 -19.61 27.02
C GLY G 49 -19.60 -20.85 26.99
N VAL G 50 -19.58 -21.62 28.08
CA VAL G 50 -20.40 -22.81 28.20
C VAL G 50 -21.70 -22.44 28.91
N SER G 51 -22.82 -22.92 28.37
CA SER G 51 -24.11 -22.63 28.97
C SER G 51 -24.30 -23.44 30.25
N PRO G 52 -25.03 -22.89 31.22
CA PRO G 52 -25.19 -23.62 32.49
C PRO G 52 -26.10 -24.82 32.38
N THR G 53 -27.16 -24.72 31.56
CA THR G 53 -28.16 -25.78 31.48
C THR G 53 -27.58 -27.10 30.97
N LYS G 54 -26.36 -27.11 30.44
CA LYS G 54 -25.74 -28.34 29.98
C LYS G 54 -24.50 -28.70 30.77
N LEU G 55 -24.17 -27.96 31.83
CA LEU G 55 -22.95 -28.26 32.60
C LEU G 55 -22.97 -29.67 33.16
N ASN G 56 -24.14 -30.17 33.55
CA ASN G 56 -24.24 -31.50 34.13
C ASN G 56 -24.17 -32.60 33.06
N ASP G 57 -24.15 -32.25 31.78
CA ASP G 57 -24.11 -33.23 30.71
C ASP G 57 -22.97 -32.92 29.74
N LEU G 58 -21.78 -32.60 30.27
CA LEU G 58 -20.61 -32.32 29.44
C LEU G 58 -19.38 -32.91 30.09
N CYS G 59 -18.38 -33.22 29.26
CA CYS G 59 -17.13 -33.82 29.69
C CYS G 59 -15.98 -32.88 29.37
N PHE G 60 -15.08 -32.69 30.35
CA PHE G 60 -13.95 -31.80 30.22
C PHE G 60 -12.68 -32.55 30.63
N THR G 61 -11.54 -32.01 30.21
CA THR G 61 -10.26 -32.61 30.60
C THR G 61 -9.88 -32.23 32.03
N ASN G 62 -9.98 -30.94 32.37
CA ASN G 62 -9.67 -30.47 33.71
C ASN G 62 -10.64 -29.36 34.09
N VAL G 63 -10.81 -29.15 35.39
CA VAL G 63 -11.63 -28.05 35.91
C VAL G 63 -10.85 -27.35 37.01
N TYR G 64 -10.34 -26.16 36.72
CA TYR G 64 -9.68 -25.38 37.77
C TYR G 64 -10.71 -24.52 38.50
N ALA G 65 -10.54 -24.38 39.81
CA ALA G 65 -11.46 -23.62 40.64
C ALA G 65 -10.66 -22.60 41.42
N ASP G 66 -10.79 -21.33 41.05
CA ASP G 66 -10.17 -20.24 41.77
C ASP G 66 -11.14 -19.70 42.82
N SER G 67 -10.60 -19.29 43.96
CA SER G 67 -11.41 -18.88 45.10
C SER G 67 -10.80 -17.64 45.73
N PHE G 68 -11.64 -16.65 46.01
CA PHE G 68 -11.18 -15.44 46.70
C PHE G 68 -12.39 -14.70 47.26
N VAL G 69 -12.13 -13.54 47.87
CA VAL G 69 -13.15 -12.71 48.49
C VAL G 69 -12.93 -11.27 48.05
N ILE G 70 -14.01 -10.62 47.61
CA ILE G 70 -13.96 -9.22 47.22
C ILE G 70 -15.14 -8.49 47.86
N ARG G 71 -15.56 -7.37 47.28
CA ARG G 71 -16.71 -6.64 47.78
C ARG G 71 -17.86 -6.76 46.78
N GLY G 72 -18.98 -6.13 47.11
CA GLY G 72 -20.18 -6.30 46.29
C GLY G 72 -20.04 -5.68 44.92
N ASP G 73 -19.63 -4.41 44.86
CA ASP G 73 -19.57 -3.71 43.59
C ASP G 73 -18.45 -4.24 42.69
N GLU G 74 -17.42 -4.87 43.26
CA GLU G 74 -16.33 -5.42 42.46
C GLU G 74 -16.62 -6.81 41.93
N VAL G 75 -17.84 -7.31 42.11
CA VAL G 75 -18.19 -8.63 41.59
C VAL G 75 -18.24 -8.61 40.07
N ARG G 76 -18.73 -7.52 39.50
CA ARG G 76 -18.84 -7.41 38.04
C ARG G 76 -17.49 -7.37 37.35
N GLN G 77 -16.42 -6.99 38.05
CA GLN G 77 -15.10 -6.97 37.44
C GLN G 77 -14.61 -8.38 37.12
N ILE G 78 -15.11 -9.38 37.87
CA ILE G 78 -14.74 -10.78 37.63
C ILE G 78 -15.51 -11.29 36.42
N ALA G 79 -15.05 -10.90 35.23
CA ALA G 79 -15.70 -11.27 33.98
C ALA G 79 -14.70 -11.02 32.86
N PRO G 80 -14.78 -11.75 31.75
CA PRO G 80 -13.79 -11.57 30.68
C PRO G 80 -13.92 -10.20 30.04
N GLY G 81 -12.79 -9.50 29.90
CA GLY G 81 -12.73 -8.24 29.22
C GLY G 81 -12.83 -7.02 30.13
N GLN G 82 -13.48 -7.17 31.28
CA GLN G 82 -13.70 -6.03 32.17
C GLN G 82 -12.37 -5.50 32.70
N THR G 83 -12.38 -4.23 33.09
CA THR G 83 -11.22 -3.56 33.65
C THR G 83 -11.60 -2.94 34.99
N GLY G 84 -10.59 -2.71 35.82
CA GLY G 84 -10.79 -2.23 37.16
C GLY G 84 -9.64 -2.62 38.04
N LYS G 85 -9.66 -2.11 39.28
CA LYS G 85 -8.57 -2.38 40.22
C LYS G 85 -8.34 -3.88 40.37
N ILE G 86 -9.40 -4.64 40.63
CA ILE G 86 -9.28 -6.08 40.80
C ILE G 86 -8.93 -6.74 39.47
N ALA G 87 -9.63 -6.36 38.40
CA ALA G 87 -9.40 -7.00 37.10
C ALA G 87 -8.05 -6.66 36.50
N ASP G 88 -7.42 -5.56 36.91
CA ASP G 88 -6.14 -5.16 36.36
C ASP G 88 -4.96 -5.56 37.22
N TYR G 89 -5.06 -5.44 38.55
CA TYR G 89 -3.92 -5.68 39.43
C TYR G 89 -4.13 -6.84 40.39
N ASN G 90 -5.20 -7.63 40.23
CA ASN G 90 -5.45 -8.70 41.20
C ASN G 90 -5.77 -10.02 40.51
N TYR G 91 -6.89 -10.07 39.80
CA TYR G 91 -7.36 -11.30 39.18
C TYR G 91 -7.91 -10.98 37.80
N LYS G 92 -7.27 -11.49 36.76
CA LYS G 92 -7.64 -11.22 35.38
C LYS G 92 -8.09 -12.51 34.71
N LEU G 93 -9.21 -12.44 34.00
CA LEU G 93 -9.77 -13.51 33.18
C LEU G 93 -9.49 -13.26 31.71
N PRO G 94 -9.13 -14.30 30.97
CA PRO G 94 -8.79 -14.12 29.56
C PRO G 94 -10.02 -13.76 28.73
N ASP G 95 -9.77 -13.24 27.53
CA ASP G 95 -10.86 -12.88 26.65
C ASP G 95 -11.55 -14.10 26.05
N ASP G 96 -10.79 -15.17 25.80
CA ASP G 96 -11.33 -16.45 25.35
C ASP G 96 -11.77 -17.33 26.51
N PHE G 97 -12.29 -16.73 27.58
CA PHE G 97 -12.70 -17.49 28.76
C PHE G 97 -13.82 -18.46 28.42
N THR G 98 -13.72 -19.68 28.98
CA THR G 98 -14.73 -20.72 28.81
C THR G 98 -14.97 -21.36 30.18
N GLY G 99 -15.83 -20.74 30.97
CA GLY G 99 -16.14 -21.23 32.30
C GLY G 99 -17.35 -20.56 32.92
N CYS G 100 -17.37 -20.48 34.25
CA CYS G 100 -18.45 -19.83 34.98
C CYS G 100 -17.89 -19.12 36.20
N VAL G 101 -18.70 -18.20 36.73
CA VAL G 101 -18.34 -17.41 37.90
C VAL G 101 -19.52 -17.42 38.85
N ILE G 102 -19.27 -17.83 40.10
CA ILE G 102 -20.28 -17.85 41.15
C ILE G 102 -19.82 -16.90 42.25
N ALA G 103 -20.76 -16.14 42.80
CA ALA G 103 -20.45 -15.22 43.88
C ALA G 103 -21.64 -15.14 44.80
N TRP G 104 -21.36 -15.03 46.10
CA TRP G 104 -22.46 -14.91 47.06
C TRP G 104 -22.03 -14.06 48.24
N ASN G 105 -23.00 -13.34 48.80
CA ASN G 105 -22.73 -12.47 49.94
C ASN G 105 -22.39 -13.31 51.16
N SER G 106 -21.27 -13.00 51.79
CA SER G 106 -20.82 -13.70 53.00
C SER G 106 -20.59 -12.70 54.13
N ASN G 107 -21.58 -11.83 54.34
CA ASN G 107 -21.45 -10.83 55.40
C ASN G 107 -21.48 -11.48 56.78
N ASN G 108 -22.21 -12.57 56.94
CA ASN G 108 -22.27 -13.26 58.23
C ASN G 108 -21.02 -14.05 58.54
N LEU G 109 -20.15 -14.29 57.55
CA LEU G 109 -18.95 -15.09 57.73
C LEU G 109 -17.68 -14.26 57.76
N ASP G 110 -17.51 -13.34 56.81
CA ASP G 110 -16.26 -12.60 56.66
C ASP G 110 -16.31 -11.22 57.29
N SER G 111 -17.37 -10.91 58.05
CA SER G 111 -17.49 -9.64 58.74
C SER G 111 -17.63 -9.88 60.24
N LYS G 112 -17.11 -8.96 61.03
CA LYS G 112 -17.18 -9.06 62.48
C LYS G 112 -17.13 -7.66 63.07
N VAL G 113 -17.69 -7.53 64.28
CA VAL G 113 -17.73 -6.25 64.96
C VAL G 113 -16.31 -5.74 65.17
N GLY G 114 -16.09 -4.47 64.84
CA GLY G 114 -14.76 -3.91 64.82
C GLY G 114 -14.04 -4.02 63.48
N GLY G 115 -14.43 -4.98 62.64
CA GLY G 115 -13.87 -5.10 61.31
C GLY G 115 -12.94 -6.27 61.12
N ASN G 116 -13.17 -7.04 60.06
CA ASN G 116 -12.28 -8.13 59.65
C ASN G 116 -11.37 -7.58 58.55
N TYR G 117 -10.09 -7.38 58.88
CA TYR G 117 -9.14 -6.79 57.96
C TYR G 117 -8.13 -7.82 57.44
N ASN G 118 -8.46 -9.10 57.54
CA ASN G 118 -7.54 -10.15 57.09
C ASN G 118 -7.53 -10.30 55.57
N TYR G 119 -8.51 -9.74 54.88
CA TYR G 119 -8.58 -9.84 53.43
C TYR G 119 -7.93 -8.61 52.80
N LEU G 120 -7.01 -8.85 51.88
CA LEU G 120 -6.25 -7.77 51.25
C LEU G 120 -6.52 -7.75 49.75
N TYR G 121 -6.15 -6.65 49.11
CA TYR G 121 -6.23 -6.52 47.66
C TYR G 121 -5.13 -5.59 47.17
N ARG G 122 -4.60 -5.90 46.00
CA ARG G 122 -3.56 -5.09 45.39
C ARG G 122 -4.15 -3.82 44.80
N LEU G 123 -3.55 -2.69 45.11
CA LEU G 123 -4.01 -1.39 44.64
C LEU G 123 -3.18 -0.85 43.49
N PHE G 124 -1.85 -0.99 43.55
CA PHE G 124 -0.96 -0.47 42.54
C PHE G 124 -0.12 -1.60 41.93
N ARG G 125 0.23 -1.41 40.66
CA ARG G 125 1.14 -2.30 39.96
C ARG G 125 1.70 -1.57 38.75
N LYS G 126 2.91 -1.95 38.35
CA LYS G 126 3.55 -1.30 37.20
C LYS G 126 2.79 -1.59 35.91
N SER G 127 2.12 -2.74 35.82
CA SER G 127 1.39 -3.10 34.62
C SER G 127 0.23 -4.01 35.01
N ASN G 128 -0.72 -4.16 34.08
CA ASN G 128 -1.87 -5.00 34.32
C ASN G 128 -1.47 -6.47 34.33
N LEU G 129 -2.20 -7.25 35.12
CA LEU G 129 -1.95 -8.68 35.21
C LEU G 129 -2.45 -9.41 33.96
N LYS G 130 -1.62 -10.31 33.45
CA LYS G 130 -2.03 -11.18 32.37
C LYS G 130 -3.07 -12.17 32.89
N PRO G 131 -3.85 -12.78 31.99
CA PRO G 131 -4.88 -13.73 32.44
C PRO G 131 -4.29 -14.83 33.31
N PHE G 132 -4.93 -15.04 34.46
CA PHE G 132 -4.56 -16.10 35.40
C PHE G 132 -3.14 -15.92 35.93
N GLU G 133 -2.71 -14.68 36.10
CA GLU G 133 -1.42 -14.36 36.69
C GLU G 133 -1.62 -14.00 38.16
N ARG G 134 -0.74 -14.51 39.00
CA ARG G 134 -0.83 -14.27 40.44
C ARG G 134 0.42 -13.52 40.90
N ASP G 135 0.19 -12.36 41.52
CA ASP G 135 1.27 -11.51 42.01
C ASP G 135 1.15 -11.39 43.52
N ILE G 136 2.15 -11.91 44.23
CA ILE G 136 2.19 -11.86 45.69
C ILE G 136 3.37 -11.03 46.19
N SER G 137 3.93 -10.17 45.35
CA SER G 137 5.08 -9.35 45.72
C SER G 137 4.63 -8.18 46.58
N THR G 138 5.31 -7.99 47.71
CA THR G 138 5.03 -6.88 48.63
C THR G 138 6.07 -5.79 48.51
N GLU G 139 6.50 -5.48 47.30
CA GLU G 139 7.51 -4.45 47.05
C GLU G 139 6.84 -3.07 46.96
N ILE G 140 7.54 -2.06 47.47
CA ILE G 140 6.98 -0.72 47.51
C ILE G 140 6.78 -0.20 46.10
N TYR G 141 5.56 0.21 45.79
CA TYR G 141 5.26 0.79 44.48
C TYR G 141 5.89 2.16 44.35
N GLN G 142 6.53 2.41 43.19
CA GLN G 142 7.26 3.64 42.93
C GLN G 142 6.51 4.45 41.89
N ALA G 143 5.80 5.48 42.34
CA ALA G 143 5.07 6.38 41.47
C ALA G 143 5.86 7.64 41.12
N GLY G 144 7.04 7.81 41.69
CA GLY G 144 7.83 9.00 41.41
C GLY G 144 9.21 8.70 40.86
N SER G 145 10.05 9.73 40.76
CA SER G 145 11.38 9.54 40.21
C SER G 145 12.35 8.95 41.22
N THR G 146 12.09 9.16 42.51
CA THR G 146 13.10 8.65 43.43
C THR G 146 12.85 7.18 43.75
N PRO G 147 13.91 6.37 43.79
CA PRO G 147 13.75 4.98 44.22
C PRO G 147 13.25 4.91 45.65
N CYS G 148 12.20 4.12 45.86
CA CYS G 148 11.58 4.06 47.17
C CYS G 148 12.50 3.45 48.22
N ASN G 149 13.38 2.54 47.80
CA ASN G 149 14.39 1.94 48.68
C ASN G 149 13.74 1.19 49.83
N GLY G 150 12.89 0.24 49.47
CA GLY G 150 12.21 -0.61 50.44
C GLY G 150 11.24 0.08 51.37
N VAL G 151 11.26 1.42 51.44
CA VAL G 151 10.34 2.19 52.28
C VAL G 151 9.47 3.03 51.38
N GLU G 152 8.35 3.49 51.92
CA GLU G 152 7.45 4.34 51.16
C GLU G 152 7.36 5.72 51.79
N GLY G 153 6.86 6.67 51.02
CA GLY G 153 6.73 8.04 51.47
C GLY G 153 6.22 8.98 50.41
N PHE G 154 7.08 9.87 49.93
CA PHE G 154 6.69 10.79 48.86
C PHE G 154 6.68 10.05 47.53
N ASN G 155 5.51 9.98 46.90
CA ASN G 155 5.29 9.27 45.64
C ASN G 155 5.66 7.79 45.74
N CYS G 156 5.67 7.25 46.96
CA CYS G 156 5.93 5.85 47.20
C CYS G 156 4.86 5.32 48.15
N TYR G 157 4.18 4.25 47.75
CA TYR G 157 3.06 3.70 48.49
C TYR G 157 3.19 2.18 48.58
N PHE G 158 2.44 1.60 49.51
CA PHE G 158 2.38 0.15 49.62
C PHE G 158 1.35 -0.41 48.63
N PRO G 159 1.68 -1.50 47.94
CA PRO G 159 0.76 -2.02 46.91
C PRO G 159 -0.47 -2.74 47.45
N LEU G 160 -0.46 -3.17 48.72
CA LEU G 160 -1.57 -3.91 49.29
C LEU G 160 -2.42 -3.01 50.18
N GLN G 161 -3.72 -3.28 50.20
CA GLN G 161 -4.66 -2.49 50.98
C GLN G 161 -5.70 -3.41 51.60
N SER G 162 -6.09 -3.11 52.84
CA SER G 162 -7.08 -3.92 53.54
C SER G 162 -8.49 -3.48 53.13
N TYR G 163 -9.40 -4.46 53.07
CA TYR G 163 -10.78 -4.15 52.67
C TYR G 163 -11.54 -3.43 53.77
N GLY G 164 -11.64 -4.03 54.95
CA GLY G 164 -12.42 -3.44 56.01
C GLY G 164 -13.87 -3.88 55.95
N PHE G 165 -14.14 -5.11 56.38
CA PHE G 165 -15.46 -5.72 56.31
C PHE G 165 -16.11 -5.62 57.68
N GLN G 166 -17.08 -4.72 57.82
CA GLN G 166 -17.91 -4.49 58.98
C GLN G 166 -19.32 -4.98 58.71
N PRO G 167 -20.00 -5.61 59.68
CA PRO G 167 -21.36 -6.08 59.44
C PRO G 167 -22.35 -4.97 59.11
N THR G 168 -22.05 -3.72 59.48
CA THR G 168 -22.93 -2.58 59.21
C THR G 168 -22.62 -1.89 57.89
N ASN G 169 -21.81 -2.50 57.02
CA ASN G 169 -21.47 -1.87 55.76
C ASN G 169 -22.64 -1.92 54.79
N GLY G 170 -22.47 -1.26 53.65
CA GLY G 170 -23.45 -1.35 52.59
C GLY G 170 -23.25 -2.61 51.76
N VAL G 171 -24.31 -2.98 51.04
CA VAL G 171 -24.27 -4.20 50.22
C VAL G 171 -23.13 -4.13 49.22
N GLY G 172 -22.85 -2.94 48.69
CA GLY G 172 -21.77 -2.79 47.74
C GLY G 172 -20.39 -3.06 48.32
N TYR G 173 -20.23 -2.91 49.64
CA TYR G 173 -18.94 -3.11 50.28
C TYR G 173 -18.92 -4.30 51.23
N GLN G 174 -20.03 -5.03 51.35
CA GLN G 174 -20.02 -6.24 52.16
C GLN G 174 -19.16 -7.31 51.48
N PRO G 175 -18.53 -8.19 52.25
CA PRO G 175 -17.66 -9.20 51.64
C PRO G 175 -18.44 -10.23 50.86
N TYR G 176 -17.97 -10.51 49.64
CA TYR G 176 -18.55 -11.51 48.77
C TYR G 176 -17.52 -12.58 48.49
N ARG G 177 -17.94 -13.85 48.60
CA ARG G 177 -17.09 -14.97 48.27
C ARG G 177 -17.31 -15.34 46.80
N VAL G 178 -16.22 -15.46 46.06
CA VAL G 178 -16.25 -15.66 44.62
C VAL G 178 -15.45 -16.90 44.28
N VAL G 179 -16.05 -17.77 43.46
CA VAL G 179 -15.40 -18.98 42.95
C VAL G 179 -15.56 -18.99 41.43
N VAL G 180 -14.44 -19.06 40.73
CA VAL G 180 -14.40 -19.06 39.27
C VAL G 180 -14.01 -20.46 38.80
N LEU G 181 -14.90 -21.10 38.07
CA LEU G 181 -14.62 -22.41 37.48
C LEU G 181 -14.18 -22.20 36.03
N SER G 182 -12.98 -22.66 35.72
CA SER G 182 -12.45 -22.61 34.36
C SER G 182 -12.36 -24.04 33.82
N PHE G 183 -13.00 -24.28 32.69
CA PHE G 183 -13.08 -25.60 32.09
C PHE G 183 -12.05 -25.73 30.97
N GLU G 184 -11.21 -26.76 31.07
CA GLU G 184 -10.15 -26.98 30.10
C GLU G 184 -10.39 -28.29 29.36
N LEU G 185 -10.42 -28.21 28.03
CA LEU G 185 -10.67 -29.34 27.15
C LEU G 185 -9.46 -29.54 26.27
N LEU G 186 -8.44 -30.21 26.81
CA LEU G 186 -7.22 -30.47 26.05
C LEU G 186 -7.41 -31.63 25.09
N HIS G 187 -6.41 -32.52 25.01
CA HIS G 187 -6.40 -33.64 24.07
C HIS G 187 -5.93 -34.87 24.84
N ALA G 188 -6.81 -35.37 25.69
CA ALA G 188 -6.51 -36.48 26.59
C ALA G 188 -7.83 -37.11 27.02
N PRO G 189 -7.81 -38.30 27.61
CA PRO G 189 -9.05 -38.85 28.17
C PRO G 189 -9.68 -37.90 29.17
N ALA G 190 -10.86 -37.38 28.82
CA ALA G 190 -11.55 -36.40 29.66
C ALA G 190 -11.97 -37.05 30.97
N THR G 191 -11.45 -36.52 32.08
CA THR G 191 -11.69 -37.12 33.39
C THR G 191 -12.96 -36.62 34.04
N VAL G 192 -13.11 -35.31 34.18
CA VAL G 192 -14.26 -34.73 34.86
C VAL G 192 -15.46 -34.73 33.93
N CYS G 193 -16.56 -35.34 34.36
CA CYS G 193 -17.79 -35.40 33.59
C CYS G 193 -18.98 -35.19 34.52
N GLY G 194 -20.18 -35.32 33.97
CA GLY G 194 -21.39 -35.18 34.74
C GLY G 194 -22.43 -36.23 34.37
N PRO G 195 -23.50 -36.32 35.18
CA PRO G 195 -24.62 -37.23 34.95
C PRO G 195 -25.28 -37.03 33.57
N GLU H 1 -44.67 -32.49 15.02
CA GLU H 1 -44.12 -33.41 16.00
C GLU H 1 -43.96 -32.74 17.35
N VAL H 2 -42.91 -31.92 17.48
CA VAL H 2 -42.65 -31.20 18.71
C VAL H 2 -43.72 -30.13 18.90
N GLN H 3 -44.44 -30.19 20.01
CA GLN H 3 -45.51 -29.26 20.31
C GLN H 3 -45.40 -28.78 21.75
N LEU H 4 -45.56 -27.48 21.94
CA LEU H 4 -45.61 -26.87 23.27
C LEU H 4 -46.88 -26.04 23.35
N VAL H 5 -47.76 -26.38 24.29
CA VAL H 5 -49.06 -25.72 24.43
C VAL H 5 -49.09 -25.04 25.79
N GLU H 6 -49.23 -23.73 25.80
CA GLU H 6 -49.30 -22.96 27.03
C GLU H 6 -50.75 -22.85 27.51
N SER H 7 -50.89 -22.54 28.80
CA SER H 7 -52.20 -22.38 29.41
C SER H 7 -52.05 -21.63 30.73
N GLY H 8 -53.10 -20.89 31.09
CA GLY H 8 -53.16 -20.21 32.36
C GLY H 8 -53.22 -18.70 32.29
N GLY H 9 -52.96 -18.11 31.12
CA GLY H 9 -52.97 -16.67 31.02
C GLY H 9 -54.36 -16.07 31.20
N GLY H 10 -54.38 -14.79 31.54
CA GLY H 10 -55.64 -14.11 31.76
C GLY H 10 -55.42 -12.80 32.49
N VAL H 11 -56.46 -12.39 33.22
CA VAL H 11 -56.47 -11.10 33.90
C VAL H 11 -55.99 -11.29 35.33
N VAL H 12 -55.04 -10.45 35.75
CA VAL H 12 -54.58 -10.42 37.12
C VAL H 12 -54.51 -8.95 37.55
N GLN H 13 -54.96 -8.67 38.77
CA GLN H 13 -54.77 -7.33 39.29
C GLN H 13 -53.43 -7.24 40.02
N PRO H 14 -52.85 -6.05 40.12
CA PRO H 14 -51.52 -5.93 40.72
C PRO H 14 -51.48 -6.48 42.15
N GLY H 15 -50.38 -7.18 42.47
CA GLY H 15 -50.16 -7.75 43.76
C GLY H 15 -50.53 -9.22 43.88
N ARG H 16 -51.49 -9.68 43.08
CA ARG H 16 -51.94 -11.07 43.17
C ARG H 16 -50.93 -12.02 42.56
N SER H 17 -51.36 -13.25 42.30
CA SER H 17 -50.49 -14.28 41.76
C SER H 17 -51.21 -15.04 40.66
N LEU H 18 -50.45 -15.77 39.86
CA LEU H 18 -51.02 -16.56 38.77
C LEU H 18 -50.03 -17.63 38.34
N ARG H 19 -50.55 -18.80 38.04
CA ARG H 19 -49.74 -19.94 37.61
C ARG H 19 -49.96 -20.19 36.13
N LEU H 20 -48.87 -20.42 35.40
CA LEU H 20 -48.90 -20.78 33.99
C LEU H 20 -48.31 -22.16 33.81
N SER H 21 -48.86 -22.92 32.88
CA SER H 21 -48.39 -24.26 32.58
C SER H 21 -48.10 -24.37 31.09
N CYS H 22 -47.22 -25.30 30.75
CA CYS H 22 -46.81 -25.54 29.36
C CYS H 22 -46.69 -27.06 29.20
N ALA H 23 -47.60 -27.64 28.41
CA ALA H 23 -47.59 -29.06 28.15
C ALA H 23 -46.78 -29.34 26.89
N ALA H 24 -45.81 -30.24 27.00
CA ALA H 24 -44.93 -30.60 25.90
C ALA H 24 -45.35 -31.95 25.31
N SER H 25 -44.97 -32.13 24.04
CA SER H 25 -45.27 -33.38 23.36
C SER H 25 -44.28 -33.57 22.22
N GLY H 26 -43.75 -34.79 22.09
CA GLY H 26 -42.92 -35.14 20.96
C GLY H 26 -41.43 -35.27 21.24
N PHE H 27 -41.01 -35.36 22.49
CA PHE H 27 -39.59 -35.53 22.81
C PHE H 27 -39.46 -35.98 24.25
N THR H 28 -38.25 -36.42 24.60
CA THR H 28 -37.94 -36.82 25.96
C THR H 28 -37.82 -35.56 26.83
N PHE H 29 -38.84 -35.31 27.65
CA PHE H 29 -38.88 -34.07 28.42
C PHE H 29 -37.75 -34.01 29.44
N SER H 30 -37.36 -35.15 30.02
CA SER H 30 -36.37 -35.18 31.09
C SER H 30 -34.95 -34.93 30.61
N SER H 31 -34.72 -34.73 29.31
CA SER H 31 -33.38 -34.56 28.78
C SER H 31 -33.11 -33.15 28.27
N TYR H 32 -34.09 -32.25 28.34
CA TYR H 32 -33.93 -30.89 27.83
C TYR H 32 -34.27 -29.88 28.93
N GLY H 33 -33.49 -28.81 28.98
CA GLY H 33 -33.86 -27.69 29.82
C GLY H 33 -34.96 -26.85 29.18
N MET H 34 -35.70 -26.15 30.02
CA MET H 34 -36.85 -25.39 29.56
C MET H 34 -36.68 -23.91 29.88
N HIS H 35 -37.31 -23.06 29.05
CA HIS H 35 -37.20 -21.62 29.17
C HIS H 35 -38.58 -20.99 29.16
N TRP H 36 -38.72 -19.90 29.91
CA TRP H 36 -39.88 -19.03 29.86
C TRP H 36 -39.42 -17.67 29.35
N VAL H 37 -40.06 -17.19 28.28
CA VAL H 37 -39.69 -15.95 27.61
C VAL H 37 -40.96 -15.15 27.33
N ARG H 38 -40.98 -13.89 27.75
CA ARG H 38 -42.15 -13.04 27.58
C ARG H 38 -41.89 -11.96 26.55
N GLN H 39 -42.99 -11.44 25.99
CA GLN H 39 -42.94 -10.36 25.01
C GLN H 39 -44.06 -9.38 25.32
N ALA H 40 -43.70 -8.16 25.69
CA ALA H 40 -44.71 -7.14 25.96
C ALA H 40 -45.19 -6.54 24.64
N PRO H 41 -46.50 -6.43 24.42
CA PRO H 41 -46.99 -5.87 23.15
C PRO H 41 -46.49 -4.46 22.96
N GLY H 42 -45.74 -4.24 21.88
CA GLY H 42 -45.10 -2.97 21.64
C GLY H 42 -43.58 -3.08 21.77
N LYS H 43 -43.13 -3.88 22.73
CA LYS H 43 -41.71 -4.11 22.92
C LYS H 43 -41.28 -5.36 22.14
N GLY H 44 -40.04 -5.77 22.33
CA GLY H 44 -39.50 -6.95 21.69
C GLY H 44 -39.52 -8.17 22.59
N LEU H 45 -38.51 -9.02 22.42
CA LEU H 45 -38.43 -10.27 23.17
C LEU H 45 -37.56 -10.10 24.41
N GLU H 46 -38.02 -10.70 25.51
CA GLU H 46 -37.33 -10.63 26.80
C GLU H 46 -37.35 -12.00 27.44
N TRP H 47 -36.17 -12.52 27.78
CA TRP H 47 -36.08 -13.79 28.50
C TRP H 47 -36.45 -13.61 29.96
N VAL H 48 -37.14 -14.60 30.51
CA VAL H 48 -37.60 -14.57 31.90
C VAL H 48 -36.84 -15.56 32.76
N ALA H 49 -36.97 -16.86 32.48
CA ALA H 49 -36.41 -17.85 33.38
C ALA H 49 -36.02 -19.11 32.62
N VAL H 50 -35.28 -19.98 33.30
CA VAL H 50 -34.86 -21.26 32.75
C VAL H 50 -34.76 -22.27 33.89
N ILE H 51 -35.10 -23.52 33.59
CA ILE H 51 -34.94 -24.65 34.50
C ILE H 51 -34.13 -25.72 33.79
N TRP H 52 -33.20 -26.34 34.53
CA TRP H 52 -32.38 -27.40 33.98
C TRP H 52 -33.23 -28.62 33.67
N TYR H 53 -32.58 -29.65 33.17
CA TYR H 53 -33.21 -30.96 33.12
C TYR H 53 -33.50 -31.39 34.55
N ASP H 54 -34.49 -32.26 34.71
CA ASP H 54 -34.97 -32.85 35.97
C ASP H 54 -35.36 -31.80 37.02
N GLY H 55 -34.76 -30.61 36.98
CA GLY H 55 -35.02 -29.62 38.00
C GLY H 55 -33.86 -29.46 38.98
N SER H 56 -33.13 -28.36 38.84
CA SER H 56 -31.96 -28.05 39.67
C SER H 56 -31.57 -26.62 39.41
N ASN H 57 -30.78 -26.06 40.33
CA ASN H 57 -30.34 -24.66 40.38
C ASN H 57 -30.93 -23.80 39.27
N LYS H 58 -32.23 -23.56 39.34
CA LYS H 58 -32.93 -22.77 38.34
C LYS H 58 -32.38 -21.35 38.28
N HIS H 59 -32.21 -20.83 37.07
CA HIS H 59 -31.63 -19.52 36.83
C HIS H 59 -32.72 -18.55 36.41
N TYR H 60 -32.83 -17.42 37.10
CA TYR H 60 -33.86 -16.44 36.85
C TYR H 60 -33.25 -15.20 36.19
N ALA H 61 -34.04 -14.13 36.13
CA ALA H 61 -33.60 -12.84 35.63
C ALA H 61 -33.90 -11.79 36.68
N ASP H 62 -33.17 -10.67 36.59
CA ASP H 62 -33.41 -9.56 37.51
C ASP H 62 -34.82 -9.00 37.29
N SER H 63 -35.31 -8.28 38.31
CA SER H 63 -36.68 -7.79 38.37
C SER H 63 -37.69 -8.93 38.37
N VAL H 64 -37.23 -10.14 38.68
CA VAL H 64 -38.06 -11.34 38.65
C VAL H 64 -37.54 -12.28 39.73
N LYS H 65 -36.23 -12.21 40.01
CA LYS H 65 -35.55 -13.16 40.88
C LYS H 65 -36.32 -13.51 42.14
N GLY H 66 -36.81 -12.49 42.85
CA GLY H 66 -37.55 -12.75 44.07
C GLY H 66 -39.06 -12.87 43.91
N ARG H 67 -39.59 -12.67 42.70
CA ARG H 67 -41.02 -12.64 42.47
C ARG H 67 -41.57 -13.93 41.86
N PHE H 68 -41.01 -14.37 40.74
CA PHE H 68 -41.52 -15.54 40.05
C PHE H 68 -40.87 -16.82 40.59
N THR H 69 -41.36 -17.96 40.12
CA THR H 69 -40.82 -19.26 40.52
C THR H 69 -41.10 -20.27 39.43
N ILE H 70 -40.05 -20.82 38.83
CA ILE H 70 -40.19 -21.79 37.74
C ILE H 70 -39.97 -23.19 38.28
N SER H 71 -40.80 -24.13 37.83
CA SER H 71 -40.69 -25.53 38.22
C SER H 71 -41.07 -26.39 37.02
N ARG H 72 -40.96 -27.70 37.18
CA ARG H 72 -41.30 -28.60 36.10
C ARG H 72 -41.78 -29.93 36.67
N ASP H 73 -42.22 -30.81 35.77
CA ASP H 73 -42.73 -32.12 36.14
C ASP H 73 -42.51 -33.03 34.94
N ASN H 74 -41.52 -33.93 35.05
CA ASN H 74 -41.23 -34.83 33.94
C ASN H 74 -42.32 -35.87 33.74
N SER H 75 -43.06 -36.19 34.81
CA SER H 75 -44.13 -37.18 34.68
C SER H 75 -45.22 -36.68 33.75
N LYS H 76 -45.79 -35.51 34.06
CA LYS H 76 -46.81 -34.91 33.21
C LYS H 76 -46.24 -34.21 32.00
N ASN H 77 -44.91 -34.19 31.84
CA ASN H 77 -44.27 -33.51 30.72
C ASN H 77 -44.62 -32.01 30.69
N THR H 78 -44.67 -31.39 31.87
CA THR H 78 -45.21 -30.06 32.01
C THR H 78 -44.20 -29.11 32.65
N LEU H 79 -44.25 -27.84 32.25
CA LEU H 79 -43.42 -26.79 32.79
C LEU H 79 -44.30 -25.73 33.43
N TYR H 80 -43.98 -25.34 34.66
CA TYR H 80 -44.82 -24.42 35.43
C TYR H 80 -44.06 -23.14 35.75
N LEU H 81 -44.79 -22.02 35.74
CA LEU H 81 -44.22 -20.72 36.13
C LEU H 81 -45.24 -20.04 37.04
N GLN H 82 -44.87 -19.85 38.29
CA GLN H 82 -45.74 -19.25 39.30
C GLN H 82 -45.31 -17.80 39.51
N MET H 83 -46.09 -16.86 39.00
CA MET H 83 -45.80 -15.45 39.14
C MET H 83 -46.48 -14.91 40.40
N ASN H 84 -45.71 -14.21 41.23
CA ASN H 84 -46.19 -13.63 42.47
C ASN H 84 -45.93 -12.12 42.46
N SER H 85 -46.86 -11.36 43.04
CA SER H 85 -46.77 -9.91 43.11
C SER H 85 -46.56 -9.31 41.72
N LEU H 86 -47.50 -9.64 40.84
CA LEU H 86 -47.41 -9.20 39.46
C LEU H 86 -47.57 -7.69 39.37
N ARG H 87 -46.68 -7.05 38.63
CA ARG H 87 -46.72 -5.61 38.42
C ARG H 87 -47.27 -5.29 37.03
N ALA H 88 -47.49 -3.99 36.79
CA ALA H 88 -48.11 -3.58 35.54
C ALA H 88 -47.24 -3.94 34.34
N GLU H 89 -45.91 -3.82 34.48
CA GLU H 89 -45.00 -4.06 33.37
C GLU H 89 -44.79 -5.54 33.08
N ASP H 90 -45.43 -6.44 33.82
CA ASP H 90 -45.35 -7.87 33.54
C ASP H 90 -46.39 -8.32 32.53
N THR H 91 -47.27 -7.42 32.09
CA THR H 91 -48.27 -7.76 31.09
C THR H 91 -47.59 -8.11 29.78
N ALA H 92 -47.77 -9.36 29.33
CA ALA H 92 -47.04 -9.81 28.15
C ALA H 92 -47.63 -11.13 27.66
N VAL H 93 -47.19 -11.52 26.47
CA VAL H 93 -47.44 -12.85 25.94
C VAL H 93 -46.26 -13.73 26.33
N TYR H 94 -46.54 -14.84 27.01
CA TYR H 94 -45.51 -15.72 27.52
C TYR H 94 -45.39 -16.96 26.65
N TYR H 95 -44.15 -17.37 26.40
CA TYR H 95 -43.82 -18.54 25.60
C TYR H 95 -42.92 -19.46 26.41
N CYS H 96 -43.07 -20.76 26.19
CA CYS H 96 -42.14 -21.76 26.70
C CYS H 96 -41.30 -22.28 25.55
N ALA H 97 -40.01 -22.46 25.79
CA ALA H 97 -39.06 -22.86 24.76
C ALA H 97 -38.16 -23.97 25.27
N ARG H 98 -37.56 -24.68 24.34
CA ARG H 98 -36.67 -25.79 24.63
C ARG H 98 -35.21 -25.34 24.53
N ASP H 99 -34.32 -26.12 25.12
CA ASP H 99 -32.88 -25.92 25.01
C ASP H 99 -32.29 -26.94 24.05
N GLU H 100 -31.11 -26.61 23.51
CA GLU H 100 -30.40 -27.51 22.61
C GLU H 100 -28.97 -27.02 22.45
N GLY H 101 -28.08 -27.96 22.13
CA GLY H 101 -26.68 -27.63 21.87
C GLY H 101 -25.72 -28.50 22.66
N THR H 102 -24.54 -28.72 22.07
CA THR H 102 -23.43 -29.34 22.78
C THR H 102 -23.09 -28.50 24.00
N MET H 103 -22.41 -27.39 23.78
CA MET H 103 -22.42 -26.29 24.73
C MET H 103 -23.56 -25.36 24.29
N THR H 104 -23.59 -24.12 24.80
CA THR H 104 -24.51 -23.11 24.30
C THR H 104 -25.97 -23.50 24.55
N THR H 105 -26.90 -22.58 24.30
CA THR H 105 -28.33 -22.84 24.43
C THR H 105 -29.07 -21.95 23.46
N TYR H 106 -29.82 -22.56 22.55
CA TYR H 106 -30.72 -21.83 21.66
C TYR H 106 -32.10 -22.43 21.75
N PHE H 107 -33.10 -21.61 21.46
CA PHE H 107 -34.50 -22.02 21.55
C PHE H 107 -34.92 -22.58 20.19
N ASP H 108 -34.90 -23.91 20.06
CA ASP H 108 -35.19 -24.53 18.77
C ASP H 108 -36.68 -24.68 18.53
N TYR H 109 -37.48 -24.81 19.59
CA TYR H 109 -38.91 -24.98 19.46
C TYR H 109 -39.63 -24.09 20.45
N TRP H 110 -40.67 -23.42 19.98
CA TRP H 110 -41.46 -22.51 20.80
C TRP H 110 -42.91 -22.97 20.87
N GLY H 111 -43.65 -22.34 21.78
CA GLY H 111 -45.08 -22.55 21.89
C GLY H 111 -45.83 -21.34 21.37
N GLN H 112 -47.15 -21.52 21.21
CA GLN H 112 -47.99 -20.45 20.67
C GLN H 112 -48.06 -19.25 21.59
N GLY H 113 -47.90 -19.46 22.89
CA GLY H 113 -47.90 -18.39 23.86
C GLY H 113 -49.24 -18.28 24.59
N THR H 114 -49.25 -17.40 25.58
CA THR H 114 -50.47 -17.13 26.34
C THR H 114 -50.41 -15.71 26.89
N LEU H 115 -51.54 -15.00 26.84
CA LEU H 115 -51.57 -13.60 27.20
C LEU H 115 -51.83 -13.45 28.70
N VAL H 116 -51.04 -12.59 29.35
CA VAL H 116 -51.21 -12.28 30.76
C VAL H 116 -51.32 -10.76 30.84
N THR H 117 -52.49 -10.28 31.25
CA THR H 117 -52.77 -8.85 31.37
C THR H 117 -52.89 -8.50 32.84
N VAL H 118 -52.02 -7.61 33.31
CA VAL H 118 -51.98 -7.17 34.69
C VAL H 118 -52.42 -5.72 34.75
N SER H 119 -53.60 -5.49 35.31
CA SER H 119 -54.13 -4.14 35.45
C SER H 119 -55.19 -4.13 36.54
N SER H 120 -55.35 -2.98 37.18
CA SER H 120 -56.35 -2.79 38.22
C SER H 120 -57.75 -2.60 37.66
N ALA H 121 -57.90 -2.51 36.34
CA ALA H 121 -59.20 -2.29 35.74
C ALA H 121 -60.11 -3.50 35.96
N SER H 122 -61.38 -3.32 35.63
CA SER H 122 -62.41 -4.33 35.79
C SER H 122 -62.86 -4.82 34.42
N THR H 123 -63.04 -6.14 34.29
CA THR H 123 -63.54 -6.70 33.05
C THR H 123 -64.91 -6.11 32.71
N LYS H 124 -65.01 -5.51 31.52
CA LYS H 124 -66.21 -4.79 31.12
C LYS H 124 -66.46 -5.05 29.63
N GLY H 125 -67.72 -5.30 29.29
CA GLY H 125 -68.11 -5.50 27.92
C GLY H 125 -68.10 -4.20 27.13
N PRO H 126 -67.97 -4.31 25.81
CA PRO H 126 -67.84 -3.12 24.97
C PRO H 126 -69.16 -2.55 24.49
N SER H 127 -69.14 -1.25 24.21
CA SER H 127 -70.24 -0.57 23.56
C SER H 127 -69.94 -0.49 22.06
N VAL H 128 -70.89 -0.95 21.25
CA VAL H 128 -70.73 -0.99 19.80
C VAL H 128 -71.60 0.10 19.19
N PHE H 129 -70.97 1.00 18.42
CA PHE H 129 -71.67 2.09 17.77
C PHE H 129 -71.48 2.01 16.26
N PRO H 130 -72.49 2.39 15.48
CA PRO H 130 -72.36 2.29 14.02
C PRO H 130 -71.67 3.50 13.42
N LEU H 131 -70.84 3.24 12.41
CA LEU H 131 -70.28 4.27 11.54
C LEU H 131 -70.93 4.07 10.19
N ALA H 132 -72.03 4.80 9.96
CA ALA H 132 -72.88 4.59 8.80
C ALA H 132 -72.24 5.18 7.53
N PRO H 133 -72.43 4.54 6.38
CA PRO H 133 -71.90 5.10 5.14
C PRO H 133 -72.59 6.39 4.75
N SER H 134 -71.81 7.31 4.18
CA SER H 134 -72.34 8.58 3.74
C SER H 134 -73.27 8.38 2.55
N SER H 135 -74.39 9.09 2.55
CA SER H 135 -75.33 9.00 1.45
C SER H 135 -74.82 9.74 0.21
N LYS H 136 -73.80 10.58 0.36
CA LYS H 136 -73.21 11.28 -0.77
C LYS H 136 -72.17 10.44 -1.50
N SER H 137 -71.68 9.36 -0.88
CA SER H 137 -70.58 8.55 -1.40
C SER H 137 -70.79 8.09 -2.82
N THR H 138 -70.26 8.86 -3.79
CA THR H 138 -70.31 8.65 -5.24
C THR H 138 -71.19 7.49 -5.69
N SER H 139 -72.30 7.81 -6.37
CA SER H 139 -73.29 6.81 -6.77
C SER H 139 -72.66 5.57 -7.40
N GLY H 140 -71.64 5.77 -8.23
CA GLY H 140 -70.88 4.65 -8.77
C GLY H 140 -69.49 4.60 -8.20
N GLY H 141 -69.36 4.32 -6.91
CA GLY H 141 -68.06 4.25 -6.28
C GLY H 141 -68.13 3.64 -4.90
N THR H 142 -66.98 3.14 -4.46
CA THR H 142 -66.86 2.43 -3.19
C THR H 142 -67.15 3.35 -2.01
N ALA H 143 -68.13 2.99 -1.20
CA ALA H 143 -68.45 3.66 0.04
C ALA H 143 -67.89 2.86 1.22
N ALA H 144 -67.75 3.53 2.37
CA ALA H 144 -67.15 2.92 3.55
C ALA H 144 -68.10 2.99 4.73
N LEU H 145 -68.13 1.92 5.52
CA LEU H 145 -68.92 1.87 6.75
C LEU H 145 -68.15 1.06 7.78
N GLY H 146 -68.70 0.95 8.98
CA GLY H 146 -68.04 0.12 9.98
C GLY H 146 -68.67 0.21 11.35
N CYS H 147 -67.92 -0.28 12.34
CA CYS H 147 -68.36 -0.37 13.73
C CYS H 147 -67.25 0.10 14.64
N LEU H 148 -67.60 0.97 15.59
CA LEU H 148 -66.71 1.44 16.63
C LEU H 148 -66.99 0.65 17.90
N VAL H 149 -66.00 -0.13 18.34
CA VAL H 149 -66.11 -0.96 19.54
C VAL H 149 -65.32 -0.26 20.63
N LYS H 150 -66.01 0.37 21.57
CA LYS H 150 -65.41 1.28 22.53
C LYS H 150 -65.59 0.77 23.96
N ASP H 151 -64.60 1.08 24.81
CA ASP H 151 -64.71 0.93 26.25
C ASP H 151 -64.94 -0.54 26.65
N TYR H 152 -63.87 -1.32 26.51
CA TYR H 152 -63.88 -2.70 26.96
C TYR H 152 -62.53 -3.03 27.59
N PHE H 153 -62.52 -4.15 28.35
CA PHE H 153 -61.30 -4.61 29.00
C PHE H 153 -61.52 -6.05 29.44
N PRO H 154 -60.56 -6.95 29.22
CA PRO H 154 -59.33 -6.69 28.48
C PRO H 154 -59.39 -7.22 27.05
N GLU H 155 -58.23 -7.25 26.40
CA GLU H 155 -58.14 -7.82 25.07
C GLU H 155 -58.38 -9.33 25.13
N PRO H 156 -58.80 -9.94 24.01
CA PRO H 156 -59.13 -9.31 22.73
C PRO H 156 -60.62 -9.32 22.38
N VAL H 157 -60.98 -8.58 21.33
CA VAL H 157 -62.31 -8.61 20.75
C VAL H 157 -62.19 -9.17 19.34
N THR H 158 -63.14 -10.03 18.97
CA THR H 158 -63.18 -10.62 17.64
C THR H 158 -64.33 -10.01 16.85
N VAL H 159 -64.03 -9.40 15.72
CA VAL H 159 -65.02 -8.70 14.91
C VAL H 159 -65.12 -9.38 13.55
N SER H 160 -66.33 -9.78 13.18
CA SER H 160 -66.61 -10.36 11.87
C SER H 160 -67.76 -9.60 11.22
N TRP H 161 -68.01 -9.89 9.95
CA TRP H 161 -69.09 -9.24 9.20
C TRP H 161 -69.96 -10.30 8.56
N ASN H 162 -71.27 -10.21 8.80
CA ASN H 162 -72.26 -11.16 8.28
C ASN H 162 -71.92 -12.59 8.69
N SER H 163 -71.58 -12.76 9.97
CA SER H 163 -71.24 -14.08 10.53
C SER H 163 -70.09 -14.72 9.76
N GLY H 164 -69.15 -13.91 9.30
CA GLY H 164 -68.01 -14.42 8.57
C GLY H 164 -68.24 -14.66 7.09
N ALA H 165 -69.19 -13.95 6.49
CA ALA H 165 -69.48 -14.10 5.07
C ALA H 165 -68.97 -12.92 4.24
N LEU H 166 -68.40 -11.90 4.87
CA LEU H 166 -67.85 -10.74 4.18
C LEU H 166 -66.42 -10.54 4.67
N THR H 167 -65.46 -10.88 3.82
CA THR H 167 -64.04 -10.76 4.15
C THR H 167 -63.30 -9.75 3.29
N SER H 168 -63.66 -9.64 2.01
CA SER H 168 -62.93 -8.75 1.11
C SER H 168 -63.13 -7.29 1.49
N GLY H 169 -62.04 -6.56 1.64
CA GLY H 169 -62.09 -5.15 1.95
C GLY H 169 -62.37 -4.82 3.39
N VAL H 170 -62.26 -5.78 4.30
CA VAL H 170 -62.52 -5.57 5.72
C VAL H 170 -61.20 -5.28 6.41
N HIS H 171 -61.16 -4.23 7.22
CA HIS H 171 -59.98 -3.84 7.97
C HIS H 171 -60.37 -3.65 9.43
N THR H 172 -59.89 -4.52 10.31
CA THR H 172 -60.11 -4.41 11.74
C THR H 172 -58.84 -3.84 12.36
N PHE H 173 -58.90 -2.57 12.75
CA PHE H 173 -57.71 -1.88 13.25
C PHE H 173 -57.28 -2.45 14.60
N PRO H 174 -55.97 -2.45 14.87
CA PRO H 174 -55.51 -2.89 16.19
C PRO H 174 -56.10 -2.02 17.29
N ALA H 175 -56.40 -2.66 18.42
CA ALA H 175 -56.99 -1.96 19.54
C ALA H 175 -56.02 -0.93 20.11
N VAL H 176 -56.57 0.19 20.56
CA VAL H 176 -55.80 1.25 21.21
C VAL H 176 -56.23 1.34 22.67
N LEU H 177 -55.29 1.71 23.52
CA LEU H 177 -55.57 1.88 24.95
C LEU H 177 -55.88 3.35 25.22
N GLN H 178 -57.06 3.61 25.77
CA GLN H 178 -57.47 4.97 26.05
C GLN H 178 -56.93 5.40 27.42
N SER H 179 -57.01 6.72 27.68
CA SER H 179 -56.53 7.25 28.95
C SER H 179 -57.33 6.71 30.12
N SER H 180 -58.58 6.34 29.90
CA SER H 180 -59.43 5.80 30.96
C SER H 180 -59.04 4.38 31.36
N GLY H 181 -58.13 3.74 30.65
CA GLY H 181 -57.74 2.38 30.93
C GLY H 181 -58.50 1.31 30.17
N LEU H 182 -59.47 1.70 29.35
CA LEU H 182 -60.22 0.76 28.52
C LEU H 182 -59.75 0.83 27.08
N TYR H 183 -60.09 -0.20 26.32
CA TYR H 183 -59.65 -0.35 24.94
C TYR H 183 -60.72 0.14 23.96
N SER H 184 -60.25 0.60 22.80
CA SER H 184 -61.11 1.03 21.71
C SER H 184 -60.59 0.44 20.41
N LEU H 185 -61.50 0.21 19.47
CA LEU H 185 -61.14 -0.42 18.20
C LEU H 185 -62.17 -0.01 17.17
N SER H 186 -61.77 -0.08 15.90
CA SER H 186 -62.65 0.24 14.79
C SER H 186 -62.52 -0.83 13.72
N SER H 187 -63.65 -1.30 13.19
CA SER H 187 -63.65 -2.27 12.10
C SER H 187 -64.43 -1.68 10.93
N VAL H 188 -63.75 -1.47 9.82
CA VAL H 188 -64.34 -0.81 8.66
C VAL H 188 -64.39 -1.78 7.49
N VAL H 189 -65.23 -1.44 6.51
CA VAL H 189 -65.41 -2.23 5.31
C VAL H 189 -65.87 -1.32 4.19
N THR H 190 -65.26 -1.50 3.02
CA THR H 190 -65.61 -0.75 1.81
C THR H 190 -66.44 -1.64 0.90
N VAL H 191 -67.59 -1.13 0.48
CA VAL H 191 -68.52 -1.89 -0.35
C VAL H 191 -68.98 -1.02 -1.51
N PRO H 192 -69.41 -1.64 -2.61
CA PRO H 192 -70.01 -0.84 -3.69
C PRO H 192 -71.26 -0.13 -3.21
N SER H 193 -71.45 1.10 -3.71
CA SER H 193 -72.65 1.87 -3.36
C SER H 193 -73.92 1.11 -3.74
N SER H 194 -73.91 0.46 -4.90
CA SER H 194 -74.99 -0.38 -5.39
C SER H 194 -75.54 -1.33 -4.32
N SER H 195 -74.66 -1.86 -3.47
CA SER H 195 -75.08 -2.85 -2.47
C SER H 195 -75.86 -2.23 -1.32
N LEU H 196 -75.74 -0.91 -1.11
CA LEU H 196 -76.29 -0.27 0.08
C LEU H 196 -77.79 -0.52 0.21
N GLY H 197 -78.51 -0.48 -0.90
CA GLY H 197 -79.95 -0.73 -0.85
C GLY H 197 -80.31 -2.18 -0.67
N THR H 198 -79.45 -3.09 -1.10
CA THR H 198 -79.77 -4.52 -1.13
C THR H 198 -79.21 -5.30 0.04
N GLN H 199 -78.00 -5.00 0.49
CA GLN H 199 -77.29 -5.85 1.45
C GLN H 199 -77.49 -5.33 2.87
N THR H 200 -77.95 -6.20 3.76
CA THR H 200 -77.96 -5.92 5.19
C THR H 200 -76.56 -6.13 5.74
N TYR H 201 -76.01 -5.09 6.38
CA TYR H 201 -74.64 -5.12 6.88
C TYR H 201 -74.66 -5.15 8.40
N ILE H 202 -74.15 -6.24 8.98
CA ILE H 202 -74.14 -6.44 10.42
C ILE H 202 -72.74 -6.87 10.85
N CYS H 203 -72.18 -6.17 11.85
CA CYS H 203 -70.91 -6.55 12.44
C CYS H 203 -71.16 -7.34 13.71
N ASN H 204 -70.44 -8.45 13.87
CA ASN H 204 -70.53 -9.32 15.03
C ASN H 204 -69.27 -9.14 15.87
N VAL H 205 -69.44 -8.58 17.07
CA VAL H 205 -68.34 -8.33 17.99
C VAL H 205 -68.47 -9.31 19.16
N ASN H 206 -67.40 -10.04 19.43
CA ASN H 206 -67.38 -11.04 20.48
C ASN H 206 -66.26 -10.74 21.47
N HIS H 207 -66.63 -10.64 22.75
CA HIS H 207 -65.68 -10.41 23.84
C HIS H 207 -65.90 -11.52 24.87
N LYS H 208 -65.01 -12.51 24.85
CA LYS H 208 -65.14 -13.70 25.68
C LYS H 208 -64.95 -13.43 27.17
N PRO H 209 -63.92 -12.66 27.58
CA PRO H 209 -63.75 -12.42 29.03
C PRO H 209 -64.96 -11.84 29.72
N SER H 210 -65.74 -10.99 29.04
CA SER H 210 -66.98 -10.47 29.60
C SER H 210 -68.21 -11.18 29.05
N ASN H 211 -68.01 -12.12 28.11
CA ASN H 211 -69.10 -12.90 27.52
C ASN H 211 -70.15 -11.98 26.89
N THR H 212 -69.69 -11.02 26.10
CA THR H 212 -70.55 -10.05 25.43
C THR H 212 -70.48 -10.29 23.93
N LYS H 213 -71.58 -10.76 23.35
CA LYS H 213 -71.70 -11.01 21.92
C LYS H 213 -72.75 -10.04 21.37
N VAL H 214 -72.34 -9.13 20.51
CA VAL H 214 -73.21 -8.07 20.01
C VAL H 214 -73.23 -8.12 18.48
N ASP H 215 -74.42 -8.18 17.91
CA ASP H 215 -74.62 -8.14 16.47
C ASP H 215 -75.28 -6.81 16.14
N LYS H 216 -74.48 -5.85 15.66
CA LYS H 216 -74.95 -4.50 15.41
C LYS H 216 -75.09 -4.26 13.91
N LYS H 217 -76.27 -3.79 13.50
CA LYS H 217 -76.58 -3.54 12.11
C LYS H 217 -76.24 -2.09 11.75
N VAL H 218 -75.42 -1.92 10.72
CA VAL H 218 -75.09 -0.60 10.19
C VAL H 218 -75.92 -0.33 8.95
N GLU H 219 -76.78 0.69 9.02
CA GLU H 219 -77.64 1.08 7.93
C GLU H 219 -77.30 2.51 7.50
N PRO H 220 -77.61 2.89 6.26
CA PRO H 220 -77.38 4.28 5.84
C PRO H 220 -78.24 5.26 6.64
N LYS H 221 -77.84 6.53 6.57
CA LYS H 221 -78.54 7.60 7.27
C LYS H 221 -79.71 8.12 6.43
N SER H 222 -80.84 8.35 7.09
CA SER H 222 -81.99 8.91 6.39
C SER H 222 -81.73 10.36 6.00
N CYS H 223 -81.32 11.18 6.97
CA CYS H 223 -81.02 12.59 6.70
C CYS H 223 -79.97 13.14 7.64
N GLU I 1 -24.05 -8.79 31.86
CA GLU I 1 -24.99 -8.84 30.74
C GLU I 1 -24.32 -8.39 29.45
N ILE I 2 -25.03 -8.53 28.34
CA ILE I 2 -24.53 -8.16 27.02
C ILE I 2 -25.66 -7.49 26.25
N VAL I 3 -25.38 -6.32 25.67
CA VAL I 3 -26.38 -5.55 24.96
C VAL I 3 -26.17 -5.77 23.46
N LEU I 4 -27.23 -6.20 22.79
CA LEU I 4 -27.23 -6.41 21.35
C LEU I 4 -27.96 -5.27 20.66
N THR I 5 -27.42 -4.84 19.52
CA THR I 5 -28.00 -3.75 18.74
C THR I 5 -28.16 -4.18 17.30
N GLN I 6 -29.38 -4.16 16.79
CA GLN I 6 -29.66 -4.52 15.40
C GLN I 6 -29.64 -3.28 14.52
N SER I 7 -29.40 -3.51 13.22
CA SER I 7 -29.36 -2.42 12.26
C SER I 7 -29.69 -2.93 10.86
N PRO I 8 -30.63 -2.29 10.15
CA PRO I 8 -31.43 -1.19 10.68
C PRO I 8 -32.59 -1.67 11.53
N SER I 9 -33.30 -0.75 12.20
CA SER I 9 -34.47 -1.13 12.96
C SER I 9 -35.68 -1.44 12.08
N SER I 10 -35.68 -0.93 10.85
CA SER I 10 -36.72 -1.25 9.89
C SER I 10 -36.16 -1.05 8.49
N LEU I 11 -36.80 -1.70 7.52
CA LEU I 11 -36.33 -1.63 6.14
C LEU I 11 -37.49 -1.96 5.20
N SER I 12 -37.31 -1.63 3.93
CA SER I 12 -38.31 -1.87 2.90
C SER I 12 -37.63 -2.45 1.68
N ALA I 13 -37.96 -3.68 1.33
CA ALA I 13 -37.35 -4.37 0.21
C ALA I 13 -38.42 -5.03 -0.66
N SER I 14 -38.03 -5.32 -1.89
CA SER I 14 -38.91 -5.94 -2.88
C SER I 14 -38.68 -7.44 -2.94
N VAL I 15 -39.56 -8.12 -3.68
CA VAL I 15 -39.44 -9.56 -3.83
C VAL I 15 -38.19 -9.88 -4.62
N GLY I 16 -37.46 -10.91 -4.20
CA GLY I 16 -36.22 -11.28 -4.85
C GLY I 16 -35.02 -10.46 -4.44
N ASP I 17 -35.23 -9.34 -3.75
CA ASP I 17 -34.14 -8.48 -3.34
C ASP I 17 -33.33 -9.13 -2.24
N ARG I 18 -32.01 -8.92 -2.26
CA ARG I 18 -31.14 -9.41 -1.20
C ARG I 18 -31.22 -8.47 0.00
N VAL I 19 -31.52 -9.02 1.17
CA VAL I 19 -31.67 -8.25 2.40
C VAL I 19 -30.51 -8.57 3.33
N THR I 20 -30.04 -7.55 4.05
CA THR I 20 -28.92 -7.71 4.96
C THR I 20 -29.24 -6.99 6.26
N ILE I 21 -29.17 -7.72 7.37
CA ILE I 21 -29.40 -7.17 8.71
C ILE I 21 -28.17 -7.47 9.56
N THR I 22 -27.69 -6.49 10.29
CA THR I 22 -26.52 -6.67 11.12
C THR I 22 -26.90 -6.63 12.60
N CYS I 23 -26.12 -7.34 13.41
CA CYS I 23 -26.32 -7.40 14.85
C CYS I 23 -24.96 -7.23 15.50
N ARG I 24 -24.86 -6.25 16.41
CA ARG I 24 -23.61 -5.89 17.07
C ARG I 24 -23.71 -6.19 18.55
N ALA I 25 -22.64 -6.76 19.11
CA ALA I 25 -22.57 -7.12 20.51
C ALA I 25 -21.60 -6.18 21.23
N SER I 26 -21.87 -5.96 22.52
CA SER I 26 -21.04 -5.08 23.33
C SER I 26 -19.66 -5.67 23.61
N GLN I 27 -19.48 -6.97 23.40
CA GLN I 27 -18.20 -7.62 23.60
C GLN I 27 -18.16 -8.88 22.75
N SER I 28 -16.96 -9.45 22.60
CA SER I 28 -16.78 -10.60 21.74
C SER I 28 -17.57 -11.79 22.27
N ILE I 29 -18.31 -12.45 21.38
CA ILE I 29 -19.10 -13.61 21.75
C ILE I 29 -18.84 -14.73 20.76
N SER I 30 -17.68 -14.67 20.08
CA SER I 30 -17.28 -15.69 19.12
C SER I 30 -18.33 -15.90 18.05
N SER I 31 -18.96 -17.07 18.03
CA SER I 31 -20.03 -17.38 17.10
C SER I 31 -21.31 -17.79 17.83
N TYR I 32 -21.46 -17.38 19.08
CA TYR I 32 -22.56 -17.85 19.92
C TYR I 32 -23.74 -16.86 19.83
N LEU I 33 -24.32 -16.81 18.64
CA LEU I 33 -25.48 -15.97 18.38
C LEU I 33 -26.40 -16.71 17.41
N ASN I 34 -27.69 -16.42 17.52
CA ASN I 34 -28.71 -17.08 16.72
C ASN I 34 -29.77 -16.08 16.30
N TRP I 35 -30.57 -16.47 15.32
CA TRP I 35 -31.57 -15.61 14.70
C TRP I 35 -32.96 -16.23 14.80
N TYR I 36 -33.97 -15.36 14.93
CA TYR I 36 -35.36 -15.80 15.06
C TYR I 36 -36.26 -14.93 14.20
N GLN I 37 -37.25 -15.58 13.57
CA GLN I 37 -38.26 -14.93 12.76
C GLN I 37 -39.60 -14.99 13.48
N GLN I 38 -40.31 -13.86 13.50
CA GLN I 38 -41.62 -13.81 14.17
C GLN I 38 -42.57 -12.99 13.32
N LYS I 39 -43.66 -13.63 12.89
CA LYS I 39 -44.71 -12.92 12.17
C LYS I 39 -45.69 -12.31 13.16
N PRO I 40 -46.39 -11.24 12.76
CA PRO I 40 -47.33 -10.58 13.68
C PRO I 40 -48.34 -11.53 14.30
N GLY I 41 -48.37 -11.59 15.63
CA GLY I 41 -49.28 -12.45 16.35
C GLY I 41 -48.75 -13.86 16.59
N LYS I 42 -47.98 -14.38 15.66
CA LYS I 42 -47.49 -15.76 15.76
C LYS I 42 -46.25 -15.83 16.64
N ALA I 43 -45.88 -17.06 16.99
CA ALA I 43 -44.73 -17.32 17.85
C ALA I 43 -43.44 -17.27 17.04
N PRO I 44 -42.31 -16.99 17.69
CA PRO I 44 -41.03 -16.97 16.99
C PRO I 44 -40.63 -18.36 16.49
N LYS I 45 -39.80 -18.36 15.45
CA LYS I 45 -39.25 -19.58 14.87
C LYS I 45 -37.75 -19.44 14.74
N LEU I 46 -37.03 -20.51 15.05
CA LEU I 46 -35.57 -20.48 14.91
C LEU I 46 -35.18 -20.55 13.44
N LEU I 47 -34.21 -19.73 13.05
CA LEU I 47 -33.70 -19.72 11.68
C LEU I 47 -32.23 -20.21 11.66
N ILE I 48 -31.31 -19.43 12.24
CA ILE I 48 -29.90 -19.77 12.25
C ILE I 48 -29.46 -19.94 13.70
N TYR I 49 -28.67 -20.98 13.97
CA TYR I 49 -28.09 -21.20 15.27
C TYR I 49 -26.58 -21.29 15.14
N ASP I 50 -25.86 -20.77 16.14
CA ASP I 50 -24.40 -20.73 16.14
C ASP I 50 -23.85 -20.09 14.87
N ALA I 51 -24.23 -18.82 14.68
CA ALA I 51 -23.71 -17.95 13.63
C ALA I 51 -24.10 -18.37 12.21
N SER I 52 -23.67 -19.54 11.76
CA SER I 52 -23.77 -19.91 10.35
C SER I 52 -24.16 -21.37 10.18
N SER I 53 -25.20 -21.79 10.89
CA SER I 53 -25.78 -23.12 10.73
C SER I 53 -27.25 -23.00 10.42
N LEU I 54 -27.69 -23.65 9.35
CA LEU I 54 -29.08 -23.56 8.89
C LEU I 54 -29.90 -24.63 9.59
N GLN I 55 -30.98 -24.20 10.27
CA GLN I 55 -31.90 -25.14 10.89
C GLN I 55 -32.65 -25.94 9.83
N SER I 56 -32.99 -27.18 10.16
CA SER I 56 -33.73 -28.03 9.24
C SER I 56 -35.08 -27.41 8.92
N GLY I 57 -35.50 -27.54 7.66
CA GLY I 57 -36.74 -26.97 7.19
C GLY I 57 -36.64 -25.53 6.70
N VAL I 58 -35.70 -24.76 7.24
CA VAL I 58 -35.51 -23.37 6.81
C VAL I 58 -34.96 -23.37 5.40
N PRO I 59 -35.51 -22.56 4.48
CA PRO I 59 -35.00 -22.55 3.10
C PRO I 59 -33.55 -22.07 3.06
N SER I 60 -32.86 -22.49 2.00
CA SER I 60 -31.45 -22.16 1.84
C SER I 60 -31.22 -20.70 1.47
N ARG I 61 -32.29 -19.95 1.21
CA ARG I 61 -32.14 -18.52 0.90
C ARG I 61 -31.63 -17.72 2.09
N PHE I 62 -31.82 -18.21 3.31
CA PHE I 62 -31.29 -17.57 4.50
C PHE I 62 -29.84 -17.99 4.74
N SER I 63 -29.02 -17.04 5.17
CA SER I 63 -27.63 -17.35 5.47
C SER I 63 -27.09 -16.38 6.50
N GLY I 64 -26.57 -16.91 7.60
CA GLY I 64 -25.93 -16.11 8.62
C GLY I 64 -24.42 -16.22 8.54
N SER I 65 -23.74 -15.17 8.97
CA SER I 65 -22.27 -15.18 8.94
C SER I 65 -21.75 -14.10 9.88
N GLY I 66 -20.67 -14.41 10.57
CA GLY I 66 -20.06 -13.44 11.45
C GLY I 66 -19.04 -14.09 12.35
N SER I 67 -18.24 -13.23 12.99
CA SER I 67 -17.19 -13.67 13.89
C SER I 67 -16.78 -12.49 14.75
N GLY I 68 -16.72 -12.69 16.07
CA GLY I 68 -16.31 -11.66 16.98
C GLY I 68 -17.47 -10.89 17.58
N THR I 69 -17.67 -9.64 17.12
CA THR I 69 -18.70 -8.78 17.68
C THR I 69 -19.76 -8.34 16.69
N ASP I 70 -19.57 -8.61 15.39
CA ASP I 70 -20.49 -8.13 14.36
C ASP I 70 -20.93 -9.33 13.52
N PHE I 71 -22.23 -9.60 13.52
CA PHE I 71 -22.79 -10.69 12.74
C PHE I 71 -23.83 -10.16 11.77
N THR I 72 -24.18 -10.98 10.78
CA THR I 72 -25.01 -10.50 9.68
C THR I 72 -25.84 -11.64 9.14
N LEU I 73 -27.14 -11.40 9.04
CA LEU I 73 -28.08 -12.32 8.40
C LEU I 73 -28.46 -11.75 7.03
N THR I 74 -28.38 -12.59 6.00
CA THR I 74 -28.68 -12.19 4.64
C THR I 74 -29.69 -13.14 4.01
N ILE I 75 -30.64 -12.54 3.31
CA ILE I 75 -31.61 -13.27 2.50
C ILE I 75 -31.24 -13.01 1.05
N SER I 76 -30.84 -14.07 0.33
CA SER I 76 -30.40 -13.90 -1.05
C SER I 76 -31.55 -13.48 -1.95
N SER I 77 -32.73 -14.07 -1.77
CA SER I 77 -33.90 -13.78 -2.58
C SER I 77 -35.11 -13.64 -1.66
N LEU I 78 -35.56 -12.40 -1.43
CA LEU I 78 -36.70 -12.16 -0.57
C LEU I 78 -37.96 -12.76 -1.17
N GLN I 79 -38.85 -13.23 -0.30
CA GLN I 79 -40.10 -13.87 -0.67
C GLN I 79 -41.23 -13.25 0.14
N PRO I 80 -42.47 -13.35 -0.35
CA PRO I 80 -43.59 -12.75 0.41
C PRO I 80 -43.81 -13.39 1.77
N GLU I 81 -43.36 -14.62 1.98
CA GLU I 81 -43.50 -15.30 3.27
C GLU I 81 -42.55 -14.77 4.32
N ASP I 82 -41.63 -13.87 3.95
CA ASP I 82 -40.60 -13.37 4.85
C ASP I 82 -40.97 -12.03 5.49
N PHE I 83 -42.19 -11.54 5.27
CA PHE I 83 -42.65 -10.33 5.95
C PHE I 83 -42.82 -10.66 7.43
N ALA I 84 -41.83 -10.31 8.24
CA ALA I 84 -41.83 -10.61 9.66
C ALA I 84 -40.72 -9.82 10.32
N THR I 85 -40.67 -9.90 11.65
CA THR I 85 -39.64 -9.25 12.45
C THR I 85 -38.54 -10.25 12.74
N TYR I 86 -37.29 -9.78 12.71
CA TYR I 86 -36.12 -10.64 12.90
C TYR I 86 -35.36 -10.20 14.13
N TYR I 87 -35.09 -11.14 15.03
CA TYR I 87 -34.39 -10.89 16.28
C TYR I 87 -33.08 -11.65 16.31
N CYS I 88 -32.03 -11.00 16.80
CA CYS I 88 -30.76 -11.67 17.07
C CYS I 88 -30.59 -11.85 18.57
N GLN I 89 -30.07 -13.00 18.97
CA GLN I 89 -29.92 -13.32 20.39
C GLN I 89 -28.58 -14.01 20.63
N GLN I 90 -27.81 -13.49 21.58
CA GLN I 90 -26.55 -14.10 21.96
C GLN I 90 -26.76 -15.10 23.08
N SER I 91 -25.92 -16.14 23.08
CA SER I 91 -25.99 -17.19 24.08
C SER I 91 -24.59 -17.56 24.60
N TYR I 92 -23.69 -16.58 24.60
CA TYR I 92 -22.34 -16.75 25.14
C TYR I 92 -22.31 -16.49 26.64
N SER I 93 -22.67 -15.29 27.07
CA SER I 93 -22.75 -14.95 28.49
C SER I 93 -24.17 -15.18 28.95
N THR I 94 -24.43 -16.35 29.53
CA THR I 94 -25.74 -16.72 30.03
C THR I 94 -25.62 -17.29 31.43
N PRO I 95 -26.57 -16.96 32.33
CA PRO I 95 -27.71 -16.06 32.11
C PRO I 95 -27.31 -14.59 32.27
N PRO I 96 -28.12 -13.66 31.76
CA PRO I 96 -29.36 -13.87 30.99
C PRO I 96 -29.15 -13.95 29.48
N TRP I 97 -30.06 -14.65 28.79
CA TRP I 97 -30.08 -14.66 27.34
C TRP I 97 -30.69 -13.35 26.84
N THR I 98 -29.91 -12.55 26.12
CA THR I 98 -30.32 -11.22 25.70
C THR I 98 -30.72 -11.23 24.22
N PHE I 99 -31.87 -10.63 23.93
CA PHE I 99 -32.40 -10.52 22.58
C PHE I 99 -32.10 -9.14 21.99
N GLY I 100 -32.31 -9.04 20.67
CA GLY I 100 -32.23 -7.77 19.99
C GLY I 100 -33.56 -7.03 19.99
N GLN I 101 -33.51 -5.77 19.55
CA GLN I 101 -34.72 -4.94 19.55
C GLN I 101 -35.67 -5.29 18.40
N GLY I 102 -35.18 -5.92 17.36
CA GLY I 102 -36.04 -6.37 16.27
C GLY I 102 -35.87 -5.53 15.01
N THR I 103 -35.87 -6.20 13.86
CA THR I 103 -35.78 -5.57 12.55
C THR I 103 -36.98 -6.01 11.73
N LYS I 104 -37.92 -5.09 11.52
CA LYS I 104 -39.14 -5.40 10.78
C LYS I 104 -38.89 -5.24 9.29
N VAL I 105 -39.02 -6.33 8.55
CA VAL I 105 -38.87 -6.31 7.10
C VAL I 105 -40.22 -6.02 6.47
N GLU I 106 -40.26 -4.99 5.62
CA GLU I 106 -41.49 -4.51 5.00
C GLU I 106 -41.41 -4.71 3.50
N ILE I 107 -42.48 -5.22 2.90
CA ILE I 107 -42.53 -5.47 1.47
C ILE I 107 -43.07 -4.22 0.77
N LYS I 108 -42.32 -3.72 -0.20
CA LYS I 108 -42.63 -2.46 -0.87
C LYS I 108 -43.58 -2.69 -2.04
N ARG I 109 -44.36 -1.65 -2.36
CA ARG I 109 -45.31 -1.71 -3.46
C ARG I 109 -45.38 -0.33 -4.10
N THR I 110 -46.45 -0.09 -4.87
CA THR I 110 -46.60 1.16 -5.60
C THR I 110 -47.32 2.20 -4.74
N VAL I 111 -46.98 3.47 -4.98
CA VAL I 111 -47.64 4.56 -4.26
C VAL I 111 -49.13 4.54 -4.57
N ALA I 112 -49.94 4.59 -3.52
CA ALA I 112 -51.39 4.58 -3.64
C ALA I 112 -51.98 5.66 -2.74
N ALA I 113 -52.82 6.51 -3.30
CA ALA I 113 -53.46 7.55 -2.51
C ALA I 113 -54.53 6.92 -1.62
N PRO I 114 -54.68 7.40 -0.39
CA PRO I 114 -55.69 6.81 0.51
C PRO I 114 -57.09 7.25 0.15
N SER I 115 -58.04 6.32 0.29
CA SER I 115 -59.44 6.67 0.20
C SER I 115 -59.88 7.23 1.55
N VAL I 116 -60.29 8.49 1.58
CA VAL I 116 -60.57 9.20 2.82
C VAL I 116 -62.08 9.26 3.04
N PHE I 117 -62.52 8.79 4.20
CA PHE I 117 -63.92 8.87 4.59
C PHE I 117 -64.01 9.43 6.01
N ILE I 118 -65.14 10.08 6.30
CA ILE I 118 -65.37 10.66 7.62
C ILE I 118 -66.70 10.13 8.16
N PHE I 119 -66.72 9.81 9.44
CA PHE I 119 -67.91 9.27 10.10
C PHE I 119 -68.22 10.11 11.33
N PRO I 120 -69.37 10.79 11.36
CA PRO I 120 -69.78 11.52 12.57
C PRO I 120 -70.18 10.56 13.67
N PRO I 121 -70.25 11.03 14.92
CA PRO I 121 -70.68 10.15 16.01
C PRO I 121 -72.17 9.82 15.89
N SER I 122 -72.49 8.54 16.07
CA SER I 122 -73.88 8.10 16.01
C SER I 122 -74.66 8.64 17.20
N ASP I 123 -75.99 8.71 17.03
CA ASP I 123 -76.85 9.17 18.11
C ASP I 123 -76.78 8.26 19.32
N GLU I 124 -76.49 6.97 19.10
CA GLU I 124 -76.41 6.04 20.22
C GLU I 124 -75.31 6.45 21.19
N GLN I 125 -74.16 6.88 20.67
CA GLN I 125 -73.08 7.33 21.53
C GLN I 125 -73.25 8.79 21.94
N LEU I 126 -73.88 9.61 21.08
CA LEU I 126 -74.15 11.00 21.46
C LEU I 126 -75.11 11.07 22.64
N LYS I 127 -75.95 10.06 22.81
CA LYS I 127 -76.82 10.03 23.99
C LYS I 127 -76.02 9.66 25.25
N SER I 128 -74.92 8.94 25.08
CA SER I 128 -74.11 8.47 26.20
C SER I 128 -73.16 9.53 26.74
N GLY I 129 -73.16 10.73 26.17
CA GLY I 129 -72.35 11.82 26.68
C GLY I 129 -70.97 11.95 26.07
N THR I 130 -70.65 11.17 25.03
CA THR I 130 -69.35 11.22 24.39
C THR I 130 -69.53 11.21 22.88
N ALA I 131 -68.72 12.00 22.18
CA ALA I 131 -68.74 12.06 20.73
C ALA I 131 -67.40 11.60 20.20
N SER I 132 -67.42 10.61 19.31
CA SER I 132 -66.22 10.08 18.68
C SER I 132 -66.37 10.22 17.17
N VAL I 133 -65.55 11.08 16.57
CA VAL I 133 -65.54 11.29 15.13
C VAL I 133 -64.42 10.47 14.52
N VAL I 134 -64.72 9.71 13.48
CA VAL I 134 -63.77 8.77 12.89
C VAL I 134 -63.35 9.27 11.51
N CYS I 135 -62.05 9.12 11.21
CA CYS I 135 -61.52 9.42 9.89
C CYS I 135 -60.76 8.20 9.40
N LEU I 136 -61.16 7.67 8.26
CA LEU I 136 -60.63 6.43 7.72
C LEU I 136 -59.83 6.69 6.45
N LEU I 137 -58.59 6.21 6.42
CA LEU I 137 -57.74 6.23 5.23
C LEU I 137 -57.57 4.78 4.78
N ASN I 138 -58.14 4.45 3.63
CA ASN I 138 -58.20 3.08 3.15
C ASN I 138 -57.18 2.85 2.03
N ASN I 139 -56.39 1.79 2.18
CA ASN I 139 -55.50 1.27 1.15
C ASN I 139 -54.59 2.35 0.58
N PHE I 140 -53.50 2.65 1.29
CA PHE I 140 -52.52 3.62 0.84
C PHE I 140 -51.12 3.08 1.03
N TYR I 141 -50.17 3.71 0.32
CA TYR I 141 -48.76 3.42 0.45
C TYR I 141 -47.99 4.66 0.00
N PRO I 142 -46.91 5.05 0.68
CA PRO I 142 -46.32 4.39 1.86
C PRO I 142 -47.09 4.65 3.15
N ARG I 143 -46.50 4.21 4.26
CA ARG I 143 -47.16 4.33 5.56
C ARG I 143 -47.19 5.77 6.06
N GLU I 144 -46.27 6.62 5.60
CA GLU I 144 -46.22 7.99 6.08
C GLU I 144 -47.44 8.77 5.59
N ALA I 145 -48.20 9.32 6.54
CA ALA I 145 -49.38 10.11 6.22
C ALA I 145 -49.74 10.97 7.41
N LYS I 146 -50.08 12.23 7.15
CA LYS I 146 -50.42 13.18 8.21
C LYS I 146 -51.93 13.41 8.22
N VAL I 147 -52.56 13.13 9.36
CA VAL I 147 -53.99 13.33 9.53
C VAL I 147 -54.18 14.42 10.56
N GLN I 148 -54.94 15.46 10.19
CA GLN I 148 -55.16 16.60 11.06
C GLN I 148 -56.65 16.87 11.20
N TRP I 149 -57.08 17.13 12.42
CA TRP I 149 -58.48 17.41 12.70
C TRP I 149 -58.70 18.91 12.83
N LYS I 150 -59.81 19.40 12.27
CA LYS I 150 -60.16 20.80 12.33
C LYS I 150 -61.61 20.95 12.74
N VAL I 151 -61.85 21.64 13.85
CA VAL I 151 -63.18 21.93 14.35
C VAL I 151 -63.39 23.42 14.22
N ASP I 152 -64.27 23.82 13.28
CA ASP I 152 -64.44 25.23 12.91
C ASP I 152 -63.11 25.84 12.47
N ASN I 153 -62.39 25.09 11.62
CA ASN I 153 -61.12 25.50 11.03
C ASN I 153 -60.00 25.65 12.05
N ALA I 154 -60.15 25.09 13.24
CA ALA I 154 -59.14 25.18 14.29
C ALA I 154 -58.39 23.86 14.39
N LEU I 155 -57.07 23.93 14.26
CA LEU I 155 -56.26 22.70 14.27
C LEU I 155 -56.36 22.02 15.62
N GLN I 156 -56.58 20.70 15.59
CA GLN I 156 -56.69 19.91 16.81
C GLN I 156 -55.39 19.20 17.14
N SER I 157 -55.20 18.95 18.43
CA SER I 157 -54.01 18.27 18.93
C SER I 157 -54.30 17.67 20.30
N GLY I 158 -53.84 16.44 20.50
CA GLY I 158 -53.91 15.78 21.79
C GLY I 158 -55.26 15.21 22.18
N ASN I 159 -56.26 15.28 21.30
CA ASN I 159 -57.56 14.68 21.58
C ASN I 159 -57.94 13.67 20.51
N SER I 160 -56.94 13.10 19.84
CA SER I 160 -57.16 12.12 18.78
C SER I 160 -56.19 10.96 18.97
N GLN I 161 -56.63 9.77 18.54
CA GLN I 161 -55.82 8.56 18.59
C GLN I 161 -55.82 7.89 17.23
N GLU I 162 -54.66 7.38 16.82
CA GLU I 162 -54.49 6.77 15.51
C GLU I 162 -54.21 5.27 15.66
N SER I 163 -54.75 4.49 14.72
CA SER I 163 -54.53 3.06 14.65
C SER I 163 -54.21 2.68 13.20
N VAL I 164 -53.12 1.95 13.00
CA VAL I 164 -52.66 1.56 11.68
C VAL I 164 -52.60 0.04 11.61
N THR I 165 -53.12 -0.52 10.52
CA THR I 165 -53.06 -1.96 10.32
C THR I 165 -51.72 -2.35 9.72
N GLU I 166 -51.41 -3.64 9.80
CA GLU I 166 -50.23 -4.17 9.14
C GLU I 166 -50.44 -4.16 7.62
N GLN I 167 -49.35 -4.42 6.90
CA GLN I 167 -49.42 -4.48 5.44
C GLN I 167 -50.42 -5.54 5.00
N ASP I 168 -51.31 -5.16 4.09
CA ASP I 168 -52.35 -6.07 3.65
C ASP I 168 -51.76 -7.28 2.93
N SER I 169 -52.36 -8.45 3.17
CA SER I 169 -51.84 -9.67 2.57
C SER I 169 -51.97 -9.68 1.06
N LYS I 170 -52.97 -8.99 0.52
CA LYS I 170 -53.25 -9.04 -0.91
C LYS I 170 -52.50 -7.98 -1.69
N ASP I 171 -52.78 -6.71 -1.41
CA ASP I 171 -52.21 -5.60 -2.17
C ASP I 171 -51.11 -4.84 -1.42
N SER I 172 -50.75 -5.30 -0.21
CA SER I 172 -49.64 -4.75 0.54
C SER I 172 -49.84 -3.26 0.88
N THR I 173 -51.08 -2.85 1.07
CA THR I 173 -51.38 -1.46 1.42
C THR I 173 -51.70 -1.33 2.90
N TYR I 174 -51.64 -0.09 3.39
CA TYR I 174 -51.94 0.23 4.77
C TYR I 174 -53.30 0.91 4.88
N SER I 175 -53.86 0.87 6.09
CA SER I 175 -55.10 1.55 6.41
C SER I 175 -54.95 2.19 7.79
N LEU I 176 -55.49 3.40 7.93
CA LEU I 176 -55.34 4.17 9.16
C LEU I 176 -56.69 4.67 9.62
N SER I 177 -56.87 4.75 10.93
CA SER I 177 -58.09 5.27 11.54
C SER I 177 -57.72 6.27 12.62
N SER I 178 -58.27 7.47 12.51
CA SER I 178 -58.03 8.53 13.49
C SER I 178 -59.34 8.86 14.18
N THR I 179 -59.39 8.66 15.49
CA THR I 179 -60.59 8.87 16.29
C THR I 179 -60.39 10.09 17.17
N LEU I 180 -61.25 11.09 17.02
CA LEU I 180 -61.23 12.30 17.83
C LEU I 180 -62.38 12.23 18.83
N THR I 181 -62.06 12.34 20.11
CA THR I 181 -63.03 12.16 21.19
C THR I 181 -63.25 13.47 21.94
N LEU I 182 -64.50 13.90 22.04
CA LEU I 182 -64.90 15.06 22.81
C LEU I 182 -66.11 14.71 23.66
N SER I 183 -66.43 15.59 24.61
CA SER I 183 -67.66 15.43 25.36
C SER I 183 -68.86 15.81 24.51
N LYS I 184 -70.03 15.38 24.95
CA LYS I 184 -71.26 15.66 24.21
C LYS I 184 -71.52 17.15 24.12
N ALA I 185 -71.51 17.83 25.27
CA ALA I 185 -71.74 19.27 25.30
C ALA I 185 -70.72 20.01 24.43
N ASP I 186 -69.43 19.69 24.63
CA ASP I 186 -68.39 20.38 23.87
C ASP I 186 -68.50 20.09 22.39
N TYR I 187 -68.98 18.90 22.02
CA TYR I 187 -69.28 18.61 20.62
C TYR I 187 -70.39 19.50 20.08
N GLU I 188 -71.45 19.71 20.88
CA GLU I 188 -72.58 20.50 20.41
C GLU I 188 -72.25 21.98 20.26
N LYS I 189 -71.15 22.46 20.82
CA LYS I 189 -70.80 23.87 20.75
C LYS I 189 -70.13 24.25 19.43
N HIS I 190 -70.03 23.33 18.48
CA HIS I 190 -69.38 23.62 17.20
C HIS I 190 -70.17 22.98 16.06
N LYS I 191 -69.84 23.39 14.83
CA LYS I 191 -70.58 22.96 13.65
C LYS I 191 -69.73 22.16 12.68
N VAL I 192 -68.67 22.73 12.14
CA VAL I 192 -67.92 22.08 11.07
C VAL I 192 -66.88 21.16 11.68
N TYR I 193 -66.79 19.94 11.16
CA TYR I 193 -65.77 18.97 11.58
C TYR I 193 -65.11 18.42 10.33
N ALA I 194 -63.78 18.56 10.24
CA ALA I 194 -63.05 18.25 9.02
C ALA I 194 -61.80 17.43 9.34
N CYS I 195 -61.53 16.46 8.48
CA CYS I 195 -60.33 15.65 8.52
C CYS I 195 -59.49 15.96 7.29
N GLU I 196 -58.25 16.40 7.50
CA GLU I 196 -57.34 16.81 6.43
C GLU I 196 -56.21 15.79 6.34
N VAL I 197 -56.01 15.24 5.15
CA VAL I 197 -55.04 14.18 4.91
C VAL I 197 -53.96 14.73 3.99
N THR I 198 -52.70 14.60 4.44
CA THR I 198 -51.52 14.90 3.64
C THR I 198 -50.79 13.60 3.38
N HIS I 199 -50.63 13.26 2.10
CA HIS I 199 -50.00 12.00 1.74
C HIS I 199 -49.23 12.19 0.43
N GLN I 200 -48.24 11.32 0.22
CA GLN I 200 -47.41 11.42 -0.96
C GLN I 200 -48.21 11.16 -2.25
N GLY I 201 -49.20 10.29 -2.18
CA GLY I 201 -50.05 9.99 -3.32
C GLY I 201 -51.09 11.03 -3.65
N LEU I 202 -51.17 12.11 -2.87
CA LEU I 202 -52.11 13.19 -3.09
C LEU I 202 -51.36 14.44 -3.51
N SER I 203 -51.78 15.05 -4.61
CA SER I 203 -51.12 16.27 -5.08
C SER I 203 -51.29 17.42 -4.10
N SER I 204 -52.38 17.41 -3.34
CA SER I 204 -52.66 18.45 -2.35
C SER I 204 -53.44 17.81 -1.21
N PRO I 205 -53.37 18.37 -0.02
CA PRO I 205 -54.11 17.78 1.11
C PRO I 205 -55.60 17.73 0.82
N VAL I 206 -56.21 16.58 1.14
CA VAL I 206 -57.63 16.36 0.87
C VAL I 206 -58.41 16.50 2.16
N THR I 207 -59.56 17.16 2.09
CA THR I 207 -60.37 17.46 3.26
C THR I 207 -61.74 16.80 3.15
N LYS I 208 -62.14 16.09 4.20
CA LYS I 208 -63.49 15.55 4.32
C LYS I 208 -64.20 16.23 5.48
N SER I 209 -65.31 16.89 5.20
CA SER I 209 -66.00 17.74 6.15
C SER I 209 -67.43 17.27 6.39
N PHE I 210 -67.98 17.68 7.53
CA PHE I 210 -69.41 17.50 7.77
C PHE I 210 -69.87 18.49 8.83
N ASN I 211 -71.14 18.90 8.72
CA ASN I 211 -71.77 19.78 9.69
C ASN I 211 -72.64 18.96 10.64
N ARG I 212 -72.71 19.41 11.88
CA ARG I 212 -73.46 18.71 12.93
C ARG I 212 -74.95 18.66 12.64
C1 NAG J . 19.64 -4.07 -5.18
C2 NAG J . 18.64 -2.94 -5.44
C3 NAG J . 17.71 -3.30 -6.60
C4 NAG J . 18.51 -3.71 -7.83
C5 NAG J . 19.49 -4.83 -7.46
C6 NAG J . 20.39 -5.22 -8.61
C7 NAG J . 17.06 -3.43 -3.60
C8 NAG J . 16.39 -2.89 -2.38
N2 NAG J . 17.88 -2.60 -4.24
O3 NAG J . 16.87 -2.19 -6.90
O4 NAG J . 17.63 -4.16 -8.86
O5 NAG J . 20.35 -4.40 -6.40
O6 NAG J . 19.63 -5.58 -9.77
O7 NAG J . 16.87 -4.59 -3.97
C1 NAG K . 16.25 -31.10 -4.79
C2 NAG K . 15.70 -31.63 -3.45
C3 NAG K . 16.57 -31.17 -2.29
C4 NAG K . 18.03 -31.53 -2.53
C5 NAG K . 18.48 -30.96 -3.87
C6 NAG K . 19.89 -31.37 -4.22
C7 NAG K . 13.42 -31.98 -2.60
C8 NAG K . 12.04 -31.39 -2.49
N2 NAG K . 14.32 -31.23 -3.25
O3 NAG K . 16.12 -31.79 -1.09
O4 NAG K . 18.83 -30.98 -1.49
O5 NAG K . 17.64 -31.47 -4.91
O6 NAG K . 20.08 -32.78 -4.13
O7 NAG K . 13.70 -33.07 -2.14
C1 NAG L . -22.85 -24.97 52.09
C2 NAG L . -23.40 -25.71 50.86
C3 NAG L . -24.90 -25.47 50.69
C4 NAG L . -25.65 -25.78 51.99
C5 NAG L . -25.03 -25.00 53.14
C6 NAG L . -25.65 -25.33 54.48
C7 NAG L . -22.76 -24.14 49.06
C8 NAG L . -21.94 -23.98 47.81
N2 NAG L . -22.68 -25.34 49.64
O3 NAG L . -25.41 -26.28 49.64
O4 NAG L . -27.01 -25.41 51.85
O5 NAG L . -23.63 -25.32 53.25
O6 NAG L . -25.36 -24.35 55.45
O7 NAG L . -23.41 -23.22 49.53
#